data_5V0H
# 
_entry.id   5V0H 
# 
_audit_conform.dict_name       mmcif_pdbx.dic 
_audit_conform.dict_version    5.379 
_audit_conform.dict_location   http://mmcif.pdb.org/dictionaries/ascii/mmcif_pdbx.dic 
# 
loop_
_database_2.database_id 
_database_2.database_code 
_database_2.pdbx_database_accession 
_database_2.pdbx_DOI 
PDB   5V0H         pdb_00005v0h 10.2210/pdb5v0h/pdb 
WWPDB D_1000226708 ?            ?                   
# 
loop_
_pdbx_database_related.content_type 
_pdbx_database_related.db_id 
_pdbx_database_related.db_name 
_pdbx_database_related.details 
unspecified 5V0O PDB . 
unspecified 5UX3 PDB . 
unspecified 5UZ6 PDB . 
unspecified 5V0J PDB . 
unspecified 5V0K PDB . 
# 
_pdbx_database_status.status_code                     REL 
_pdbx_database_status.status_code_sf                  REL 
_pdbx_database_status.status_code_mr                  ? 
_pdbx_database_status.entry_id                        5V0H 
_pdbx_database_status.recvd_initial_deposition_date   2017-02-28 
_pdbx_database_status.SG_entry                        N 
_pdbx_database_status.deposit_site                    RCSB 
_pdbx_database_status.process_site                    RCSB 
_pdbx_database_status.status_code_cs                  ? 
_pdbx_database_status.methods_development_category    ? 
_pdbx_database_status.pdb_format_compatible           Y 
_pdbx_database_status.status_code_nmr_data            ? 
# 
loop_
_audit_author.name 
_audit_author.pdbx_ordinal 
_audit_author.identifier_ORCID 
'Zhang, W.'     1 ? 
'Tam, C.P.'     2 ? 
'Szostak, J.W.' 3 ? 
# 
_citation.abstract                  ? 
_citation.abstract_id_CAS           ? 
_citation.book_id_ISBN              ? 
_citation.book_publisher            ? 
_citation.book_publisher_city       ? 
_citation.book_title                ? 
_citation.coordinate_linkage        ? 
_citation.country                   US 
_citation.database_id_Medline       ? 
_citation.details                   ? 
_citation.id                        primary 
_citation.journal_abbrev            'J. Am. Chem. Soc.' 
_citation.journal_id_ASTM           JACSAT 
_citation.journal_id_CSD            ? 
_citation.journal_id_ISSN           1520-5126 
_citation.journal_full              ? 
_citation.journal_issue             ? 
_citation.journal_volume            140 
_citation.language                  ? 
_citation.page_first                2829 
_citation.page_last                 2840 
_citation.title                     
'Structural Rationale for the Enhanced Catalysis of Nonenzymatic RNA Primer Extension by a Downstream Oligonucleotide.' 
_citation.year                      2018 
_citation.database_id_CSD           ? 
_citation.pdbx_database_id_DOI      10.1021/jacs.7b11750 
_citation.pdbx_database_id_PubMed   29411978 
_citation.unpublished_flag          ? 
# 
loop_
_citation_author.citation_id 
_citation_author.name 
_citation_author.ordinal 
_citation_author.identifier_ORCID 
primary 'Zhang, W.'     1 ? 
primary 'Tam, C.P.'     2 ? 
primary 'Zhou, L.'      3 ? 
primary 'Oh, S.S.'      4 ? 
primary 'Wang, J.'      5 ? 
primary 'Szostak, J.W.' 6 ? 
# 
_cell.angle_alpha                  90.00 
_cell.angle_alpha_esd              ? 
_cell.angle_beta                   90.00 
_cell.angle_beta_esd               ? 
_cell.angle_gamma                  120.00 
_cell.angle_gamma_esd              ? 
_cell.entry_id                     5V0H 
_cell.details                      ? 
_cell.formula_units_Z              ? 
_cell.length_a                     42.852 
_cell.length_a_esd                 ? 
_cell.length_b                     42.852 
_cell.length_b_esd                 ? 
_cell.length_c                     83.841 
_cell.length_c_esd                 ? 
_cell.volume                       ? 
_cell.volume_esd                   ? 
_cell.Z_PDB                        12 
_cell.reciprocal_angle_alpha       ? 
_cell.reciprocal_angle_beta        ? 
_cell.reciprocal_angle_gamma       ? 
_cell.reciprocal_angle_alpha_esd   ? 
_cell.reciprocal_angle_beta_esd    ? 
_cell.reciprocal_angle_gamma_esd   ? 
_cell.reciprocal_length_a          ? 
_cell.reciprocal_length_b          ? 
_cell.reciprocal_length_c          ? 
_cell.reciprocal_length_a_esd      ? 
_cell.reciprocal_length_b_esd      ? 
_cell.reciprocal_length_c_esd      ? 
_cell.pdbx_unique_axis             ? 
# 
_symmetry.entry_id                         5V0H 
_symmetry.cell_setting                     ? 
_symmetry.Int_Tables_number                150 
_symmetry.space_group_name_Hall            ? 
_symmetry.space_group_name_H-M             'P 3 2 1' 
_symmetry.pdbx_full_space_group_name_H-M   ? 
# 
loop_
_entity.id 
_entity.type 
_entity.src_method 
_entity.pdbx_description 
_entity.formula_weight 
_entity.pdbx_number_of_molecules 
_entity.pdbx_ec 
_entity.pdbx_mutation 
_entity.pdbx_fragment 
_entity.details 
1 polymer     syn 
;RNA (5'-R(*(LCC)P*(LCC)P*(LCC)P*(LCG)P*AP*CP*UP*UP*AP*AP*GP*UP*CP*GP*G)-3')
;
4858.010 2 ? ? ? ? 
2 non-polymer syn "5'-O-[(S)-hydroxy(4-methyl-1H-imidazol-5-yl)phosphoryl]guanosine"            427.309  2 ? ? ? ? 
3 non-polymer syn 'MAGNESIUM ION'                                                               24.305   2 ? ? ? ? 
4 water       nat water                                                                         18.015   3 ? ? ? ? 
# 
_entity_poly.entity_id                      1 
_entity_poly.type                           polyribonucleotide 
_entity_poly.nstd_linkage                   no 
_entity_poly.nstd_monomer                   yes 
_entity_poly.pdbx_seq_one_letter_code       '(LCC)(LCC)(LCC)(LCG)ACUUAAGUCGG' 
_entity_poly.pdbx_seq_one_letter_code_can   NNNGACUUAAGUCGG 
_entity_poly.pdbx_strand_id                 A,B 
_entity_poly.pdbx_target_identifier         ? 
# 
loop_
_entity_poly_seq.entity_id 
_entity_poly_seq.num 
_entity_poly_seq.mon_id 
_entity_poly_seq.hetero 
1 1  LCC n 
1 2  LCC n 
1 3  LCC n 
1 4  LCG n 
1 5  A   n 
1 6  C   n 
1 7  U   n 
1 8  U   n 
1 9  A   n 
1 10 A   n 
1 11 G   n 
1 12 U   n 
1 13 C   n 
1 14 G   n 
1 15 G   n 
# 
_pdbx_entity_src_syn.entity_id              1 
_pdbx_entity_src_syn.pdbx_src_id            1 
_pdbx_entity_src_syn.pdbx_alt_source_flag   sample 
_pdbx_entity_src_syn.pdbx_beg_seq_num       1 
_pdbx_entity_src_syn.pdbx_end_seq_num       15 
_pdbx_entity_src_syn.organism_scientific    'synthetic construct' 
_pdbx_entity_src_syn.organism_common_name   ? 
_pdbx_entity_src_syn.ncbi_taxonomy_id       32630 
_pdbx_entity_src_syn.details                ? 
# 
_struct_ref.id                         1 
_struct_ref.db_name                    PDB 
_struct_ref.db_code                    5V0H 
_struct_ref.pdbx_db_accession          5V0H 
_struct_ref.pdbx_db_isoform            ? 
_struct_ref.entity_id                  1 
_struct_ref.pdbx_seq_one_letter_code   ? 
_struct_ref.pdbx_align_begin           1 
# 
loop_
_struct_ref_seq.align_id 
_struct_ref_seq.ref_id 
_struct_ref_seq.pdbx_PDB_id_code 
_struct_ref_seq.pdbx_strand_id 
_struct_ref_seq.seq_align_beg 
_struct_ref_seq.pdbx_seq_align_beg_ins_code 
_struct_ref_seq.seq_align_end 
_struct_ref_seq.pdbx_seq_align_end_ins_code 
_struct_ref_seq.pdbx_db_accession 
_struct_ref_seq.db_align_beg 
_struct_ref_seq.pdbx_db_align_beg_ins_code 
_struct_ref_seq.db_align_end 
_struct_ref_seq.pdbx_db_align_end_ins_code 
_struct_ref_seq.pdbx_auth_seq_align_beg 
_struct_ref_seq.pdbx_auth_seq_align_end 
1 1 5V0H A 1 ? 15 ? 5V0H 1 ? 15 ? 1 15 
2 1 5V0H B 1 ? 15 ? 5V0H 1 ? 15 ? 1 15 
# 
loop_
_chem_comp.id 
_chem_comp.type 
_chem_comp.mon_nstd_flag 
_chem_comp.name 
_chem_comp.pdbx_synonyms 
_chem_comp.formula 
_chem_comp.formula_weight 
8OS 'RNA linking' n "5'-O-[(S)-hydroxy(4-methyl-1H-imidazol-5-yl)phosphoryl]guanosine" ? 'C14 H18 N7 O7 P' 427.309 
A   'RNA linking' y "ADENOSINE-5'-MONOPHOSPHATE" ? 'C10 H14 N5 O7 P' 347.221 
C   'RNA linking' y "CYTIDINE-5'-MONOPHOSPHATE" ? 'C9 H14 N3 O8 P'  323.197 
G   'RNA linking' y "GUANOSINE-5'-MONOPHOSPHATE" ? 'C10 H14 N5 O8 P' 363.221 
HOH non-polymer   . WATER ? 'H2 O'            18.015  
LCC 'RNA linking' . 
'[(1R,3R,4R,7S)-7-HYDROXY-3-(5-METHYLCYTOSIN-1-YL)-2,5-DIOXABICYCLO[2.2.1]HEPT-1-YL]METHYL DIHYDROGEN PHOSPHATE' ? 
'C11 H16 N3 O8 P' 349.234 
LCG 'RNA linking' n '[(1R,3R,4R,7S)-7-HYDROXY-3-(GUANIN-9-YL)-2,5-DIOXABICYCLO[2.2.1]HEPT-1-YL]METHYL DIHYDROGEN PHOSPHATE' ? 
'C11 H14 N5 O8 P' 375.231 
MG  non-polymer   . 'MAGNESIUM ION' ? 'Mg 2'            24.305  
U   'RNA linking' y "URIDINE-5'-MONOPHOSPHATE" ? 'C9 H13 N2 O9 P'  324.181 
# 
_exptl.absorpt_coefficient_mu     ? 
_exptl.absorpt_correction_T_max   ? 
_exptl.absorpt_correction_T_min   ? 
_exptl.absorpt_correction_type    ? 
_exptl.absorpt_process_details    ? 
_exptl.entry_id                   5V0H 
_exptl.crystals_number            1 
_exptl.details                    ? 
_exptl.method                     'X-RAY DIFFRACTION' 
_exptl.method_details             ? 
# 
_exptl_crystal.colour                      ? 
_exptl_crystal.density_diffrn              ? 
_exptl_crystal.density_Matthews            2.2 
_exptl_crystal.density_method              ? 
_exptl_crystal.density_percent_sol         44.6 
_exptl_crystal.description                 ? 
_exptl_crystal.F_000                       ? 
_exptl_crystal.id                          1 
_exptl_crystal.preparation                 ? 
_exptl_crystal.size_max                    ? 
_exptl_crystal.size_mid                    ? 
_exptl_crystal.size_min                    ? 
_exptl_crystal.size_rad                    ? 
_exptl_crystal.colour_lustre               ? 
_exptl_crystal.colour_modifier             ? 
_exptl_crystal.colour_primary              ? 
_exptl_crystal.density_meas                ? 
_exptl_crystal.density_meas_esd            ? 
_exptl_crystal.density_meas_gt             ? 
_exptl_crystal.density_meas_lt             ? 
_exptl_crystal.density_meas_temp           ? 
_exptl_crystal.density_meas_temp_esd       ? 
_exptl_crystal.density_meas_temp_gt        ? 
_exptl_crystal.density_meas_temp_lt        ? 
_exptl_crystal.pdbx_crystal_image_url      ? 
_exptl_crystal.pdbx_crystal_image_format   ? 
_exptl_crystal.pdbx_mosaicity              ? 
_exptl_crystal.pdbx_mosaicity_esd          ? 
# 
_exptl_crystal_grow.apparatus       ? 
_exptl_crystal_grow.atmosphere      ? 
_exptl_crystal_grow.crystal_id      1 
_exptl_crystal_grow.details         ? 
_exptl_crystal_grow.method          'VAPOR DIFFUSION, SITTING DROP' 
_exptl_crystal_grow.method_ref      ? 
_exptl_crystal_grow.pH              7.0 
_exptl_crystal_grow.pressure        ? 
_exptl_crystal_grow.pressure_esd    ? 
_exptl_crystal_grow.seeding         ? 
_exptl_crystal_grow.seeding_ref     ? 
_exptl_crystal_grow.temp            291 
_exptl_crystal_grow.temp_details    ? 
_exptl_crystal_grow.temp_esd        ? 
_exptl_crystal_grow.time            ? 
_exptl_crystal_grow.pdbx_details    
;1.8305 M Malonic acid, 0.25 M Ammonium citrate tribasic, 0.12 M Succinic acid, 0.3 M DL-Malic acid, 0.4 M Sodium acetate trihydrate, 0.5 M Sodium formate, and 0.16 M Ammonium tartrate dibasic, pH 7.0
;
_exptl_crystal_grow.pdbx_pH_range   ? 
# 
_diffrn.ambient_environment    ? 
_diffrn.ambient_temp           99 
_diffrn.ambient_temp_details   ? 
_diffrn.ambient_temp_esd       ? 
_diffrn.crystal_id             1 
_diffrn.crystal_support        ? 
_diffrn.crystal_treatment      ? 
_diffrn.details                ? 
_diffrn.id                     1 
_diffrn.ambient_pressure       ? 
_diffrn.ambient_pressure_esd   ? 
_diffrn.ambient_pressure_gt    ? 
_diffrn.ambient_pressure_lt    ? 
_diffrn.ambient_temp_gt        ? 
_diffrn.ambient_temp_lt        ? 
# 
_diffrn_detector.details                      ? 
_diffrn_detector.detector                     CCD 
_diffrn_detector.diffrn_id                    1 
_diffrn_detector.type                         'ADSC QUANTUM 315' 
_diffrn_detector.area_resol_mean              ? 
_diffrn_detector.dtime                        ? 
_diffrn_detector.pdbx_frames_total            ? 
_diffrn_detector.pdbx_collection_time_total   ? 
_diffrn_detector.pdbx_collection_date         2016-01-26 
# 
_diffrn_radiation.collimation                      ? 
_diffrn_radiation.diffrn_id                        1 
_diffrn_radiation.filter_edge                      ? 
_diffrn_radiation.inhomogeneity                    ? 
_diffrn_radiation.monochromator                    ? 
_diffrn_radiation.polarisn_norm                    ? 
_diffrn_radiation.polarisn_ratio                   ? 
_diffrn_radiation.probe                            ? 
_diffrn_radiation.type                             ? 
_diffrn_radiation.xray_symbol                      ? 
_diffrn_radiation.wavelength_id                    1 
_diffrn_radiation.pdbx_monochromatic_or_laue_m_l   M 
_diffrn_radiation.pdbx_wavelength_list             ? 
_diffrn_radiation.pdbx_wavelength                  ? 
_diffrn_radiation.pdbx_diffrn_protocol             'SINGLE WAVELENGTH' 
_diffrn_radiation.pdbx_analyzer                    ? 
_diffrn_radiation.pdbx_scattering_type             x-ray 
# 
_diffrn_radiation_wavelength.id           1 
_diffrn_radiation_wavelength.wavelength   1 
_diffrn_radiation_wavelength.wt           1.0 
# 
_diffrn_source.current                     ? 
_diffrn_source.details                     ? 
_diffrn_source.diffrn_id                   1 
_diffrn_source.power                       ? 
_diffrn_source.size                        ? 
_diffrn_source.source                      SYNCHROTRON 
_diffrn_source.target                      ? 
_diffrn_source.type                        'ALS BEAMLINE 8.2.1' 
_diffrn_source.voltage                     ? 
_diffrn_source.take-off_angle              ? 
_diffrn_source.pdbx_wavelength_list        1 
_diffrn_source.pdbx_wavelength             ? 
_diffrn_source.pdbx_synchrotron_beamline   8.2.1 
_diffrn_source.pdbx_synchrotron_site       ALS 
# 
_reflns.B_iso_Wilson_estimate            ? 
_reflns.entry_id                         5V0H 
_reflns.data_reduction_details           ? 
_reflns.data_reduction_method            ? 
_reflns.d_resolution_high                1.90 
_reflns.d_resolution_low                 50 
_reflns.details                          ? 
_reflns.limit_h_max                      ? 
_reflns.limit_h_min                      ? 
_reflns.limit_k_max                      ? 
_reflns.limit_k_min                      ? 
_reflns.limit_l_max                      ? 
_reflns.limit_l_min                      ? 
_reflns.number_all                       ? 
_reflns.number_obs                       7273 
_reflns.observed_criterion               ? 
_reflns.observed_criterion_F_max         ? 
_reflns.observed_criterion_F_min         ? 
_reflns.observed_criterion_I_max         ? 
_reflns.observed_criterion_I_min         ? 
_reflns.observed_criterion_sigma_F       ? 
_reflns.observed_criterion_sigma_I       ? 
_reflns.percent_possible_obs             97.4 
_reflns.R_free_details                   ? 
_reflns.Rmerge_F_all                     ? 
_reflns.Rmerge_F_obs                     ? 
_reflns.Friedel_coverage                 ? 
_reflns.number_gt                        ? 
_reflns.threshold_expression             ? 
_reflns.pdbx_redundancy                  7.3 
_reflns.pdbx_Rmerge_I_obs                0.137 
_reflns.pdbx_Rmerge_I_all                ? 
_reflns.pdbx_Rsym_value                  0.115 
_reflns.pdbx_netI_over_av_sigmaI         ? 
_reflns.pdbx_netI_over_sigmaI            10.04 
_reflns.pdbx_res_netI_over_av_sigmaI_2   ? 
_reflns.pdbx_res_netI_over_sigmaI_2      ? 
_reflns.pdbx_chi_squared                 1.245 
_reflns.pdbx_scaling_rejects             ? 
_reflns.pdbx_d_res_high_opt              ? 
_reflns.pdbx_d_res_low_opt               ? 
_reflns.pdbx_d_res_opt_method            ? 
_reflns.phase_calculation_details        ? 
_reflns.pdbx_Rrim_I_all                  ? 
_reflns.pdbx_Rpim_I_all                  ? 
_reflns.pdbx_d_opt                       ? 
_reflns.pdbx_number_measured_all         ? 
_reflns.pdbx_diffrn_id                   1 
_reflns.pdbx_ordinal                     1 
_reflns.pdbx_CC_half                     0.957 
_reflns.pdbx_R_split                     ? 
# 
_reflns_shell.d_res_high                  1.90 
_reflns_shell.d_res_low                   1.97 
_reflns_shell.meanI_over_sigI_all         ? 
_reflns_shell.meanI_over_sigI_obs         2.94 
_reflns_shell.number_measured_all         ? 
_reflns_shell.number_measured_obs         ? 
_reflns_shell.number_possible             ? 
_reflns_shell.number_unique_all           ? 
_reflns_shell.number_unique_obs           702 
_reflns_shell.percent_possible_all        95.4 
_reflns_shell.percent_possible_obs        ? 
_reflns_shell.Rmerge_F_all                ? 
_reflns_shell.Rmerge_F_obs                ? 
_reflns_shell.Rmerge_I_all                ? 
_reflns_shell.Rmerge_I_obs                0.468 
_reflns_shell.meanI_over_sigI_gt          ? 
_reflns_shell.meanI_over_uI_all           ? 
_reflns_shell.meanI_over_uI_gt            ? 
_reflns_shell.number_measured_gt          ? 
_reflns_shell.number_unique_gt            ? 
_reflns_shell.percent_possible_gt         ? 
_reflns_shell.Rmerge_F_gt                 ? 
_reflns_shell.Rmerge_I_gt                 ? 
_reflns_shell.pdbx_redundancy             4.2 
_reflns_shell.pdbx_Rsym_value             0.434 
_reflns_shell.pdbx_chi_squared            0.992 
_reflns_shell.pdbx_netI_over_sigmaI_all   ? 
_reflns_shell.pdbx_netI_over_sigmaI_obs   ? 
_reflns_shell.pdbx_Rrim_I_all             ? 
_reflns_shell.pdbx_Rpim_I_all             ? 
_reflns_shell.pdbx_rejects                ? 
_reflns_shell.pdbx_ordinal                1 
_reflns_shell.pdbx_diffrn_id              1 
_reflns_shell.pdbx_CC_half                0.900 
_reflns_shell.pdbx_R_split                ? 
# 
_refine.aniso_B[1][1]                            0.00 
_refine.aniso_B[1][2]                            0.00 
_refine.aniso_B[1][3]                            0.00 
_refine.aniso_B[2][2]                            0.00 
_refine.aniso_B[2][3]                            0.00 
_refine.aniso_B[3][3]                            -0.01 
_refine.B_iso_max                                ? 
_refine.B_iso_mean                               43.859 
_refine.B_iso_min                                ? 
_refine.correlation_coeff_Fo_to_Fc               0.950 
_refine.correlation_coeff_Fo_to_Fc_free          0.940 
_refine.details                                  'HYDROGENS HAVE BEEN ADDED IN THE RIDING POSITIONS' 
_refine.diff_density_max                         ? 
_refine.diff_density_max_esd                     ? 
_refine.diff_density_min                         ? 
_refine.diff_density_min_esd                     ? 
_refine.diff_density_rms                         ? 
_refine.diff_density_rms_esd                     ? 
_refine.entry_id                                 5V0H 
_refine.pdbx_refine_id                           'X-RAY DIFFRACTION' 
_refine.ls_abs_structure_details                 ? 
_refine.ls_abs_structure_Flack                   ? 
_refine.ls_abs_structure_Flack_esd               ? 
_refine.ls_abs_structure_Rogers                  ? 
_refine.ls_abs_structure_Rogers_esd              ? 
_refine.ls_d_res_high                            1.90 
_refine.ls_d_res_low                             37.11 
_refine.ls_extinction_coef                       ? 
_refine.ls_extinction_coef_esd                   ? 
_refine.ls_extinction_expression                 ? 
_refine.ls_extinction_method                     ? 
_refine.ls_goodness_of_fit_all                   ? 
_refine.ls_goodness_of_fit_all_esd               ? 
_refine.ls_goodness_of_fit_obs                   ? 
_refine.ls_goodness_of_fit_obs_esd               ? 
_refine.ls_hydrogen_treatment                    ? 
_refine.ls_matrix_type                           ? 
_refine.ls_number_constraints                    ? 
_refine.ls_number_parameters                     ? 
_refine.ls_number_reflns_all                     ? 
_refine.ls_number_reflns_obs                     6924 
_refine.ls_number_reflns_R_free                  348 
_refine.ls_number_reflns_R_work                  ? 
_refine.ls_number_restraints                     ? 
_refine.ls_percent_reflns_obs                    97.00 
_refine.ls_percent_reflns_R_free                 4.8 
_refine.ls_R_factor_all                          ? 
_refine.ls_R_factor_obs                          0.22942 
_refine.ls_R_factor_R_free                       0.27244 
_refine.ls_R_factor_R_free_error                 ? 
_refine.ls_R_factor_R_free_error_details         ? 
_refine.ls_R_factor_R_work                       0.22737 
_refine.ls_R_Fsqd_factor_obs                     ? 
_refine.ls_R_I_factor_obs                        ? 
_refine.ls_redundancy_reflns_all                 ? 
_refine.ls_redundancy_reflns_obs                 ? 
_refine.ls_restrained_S_all                      ? 
_refine.ls_restrained_S_obs                      ? 
_refine.ls_shift_over_esd_max                    ? 
_refine.ls_shift_over_esd_mean                   ? 
_refine.ls_structure_factor_coef                 ? 
_refine.ls_weighting_details                     ? 
_refine.ls_weighting_scheme                      ? 
_refine.ls_wR_factor_all                         ? 
_refine.ls_wR_factor_obs                         ? 
_refine.ls_wR_factor_R_free                      ? 
_refine.ls_wR_factor_R_work                      ? 
_refine.occupancy_max                            ? 
_refine.occupancy_min                            ? 
_refine.solvent_model_details                    ? 
_refine.solvent_model_param_bsol                 ? 
_refine.solvent_model_param_ksol                 ? 
_refine.ls_R_factor_gt                           ? 
_refine.ls_goodness_of_fit_gt                    ? 
_refine.ls_goodness_of_fit_ref                   ? 
_refine.ls_shift_over_su_max                     ? 
_refine.ls_shift_over_su_max_lt                  ? 
_refine.ls_shift_over_su_mean                    ? 
_refine.ls_shift_over_su_mean_lt                 ? 
_refine.pdbx_ls_sigma_I                          ? 
_refine.pdbx_ls_sigma_F                          ? 
_refine.pdbx_ls_sigma_Fsqd                       ? 
_refine.pdbx_data_cutoff_high_absF               ? 
_refine.pdbx_data_cutoff_high_rms_absF           ? 
_refine.pdbx_data_cutoff_low_absF                ? 
_refine.pdbx_isotropic_thermal_model             ? 
_refine.pdbx_ls_cross_valid_method               THROUGHOUT 
_refine.pdbx_method_to_determine_struct          'MOLECULAR REPLACEMENT' 
_refine.pdbx_starting_model                      5HBX 
_refine.pdbx_stereochemistry_target_values       ? 
_refine.pdbx_R_Free_selection_details            RANDOM 
_refine.pdbx_stereochem_target_val_spec_case     ? 
_refine.pdbx_overall_ESU_R                       0.184 
_refine.pdbx_overall_ESU_R_Free                  0.170 
_refine.pdbx_solvent_vdw_probe_radii             1.20 
_refine.pdbx_solvent_ion_probe_radii             0.80 
_refine.pdbx_solvent_shrinkage_radii             0.80 
_refine.pdbx_real_space_R                        ? 
_refine.pdbx_density_correlation                 ? 
_refine.pdbx_pd_number_of_powder_patterns        ? 
_refine.pdbx_pd_number_of_points                 ? 
_refine.pdbx_pd_meas_number_of_points            ? 
_refine.pdbx_pd_proc_ls_prof_R_factor            ? 
_refine.pdbx_pd_proc_ls_prof_wR_factor           ? 
_refine.pdbx_pd_Marquardt_correlation_coeff      ? 
_refine.pdbx_pd_Fsqrd_R_factor                   ? 
_refine.pdbx_pd_ls_matrix_band_width             ? 
_refine.pdbx_overall_phase_error                 ? 
_refine.pdbx_overall_SU_R_free_Cruickshank_DPI   ? 
_refine.pdbx_overall_SU_R_free_Blow_DPI          ? 
_refine.pdbx_overall_SU_R_Blow_DPI               ? 
_refine.pdbx_TLS_residual_ADP_flag               ? 
_refine.pdbx_diffrn_id                           1 
_refine.overall_SU_B                             3.765 
_refine.overall_SU_ML                            0.106 
_refine.overall_SU_R_Cruickshank_DPI             ? 
_refine.overall_SU_R_free                        ? 
_refine.overall_FOM_free_R_set                   ? 
_refine.overall_FOM_work_R_set                   ? 
_refine.pdbx_average_fsc_overall                 ? 
_refine.pdbx_average_fsc_work                    ? 
_refine.pdbx_average_fsc_free                    ? 
# 
_refine_hist.pdbx_refine_id                   'X-RAY DIFFRACTION' 
_refine_hist.cycle_id                         1 
_refine_hist.pdbx_number_atoms_protein        0 
_refine_hist.pdbx_number_atoms_nucleic_acid   644 
_refine_hist.pdbx_number_atoms_ligand         60 
_refine_hist.number_atoms_solvent             3 
_refine_hist.number_atoms_total               707 
_refine_hist.d_res_high                       1.90 
_refine_hist.d_res_low                        37.11 
# 
loop_
_refine_ls_restr.pdbx_refine_id 
_refine_ls_restr.criterion 
_refine_ls_restr.dev_ideal 
_refine_ls_restr.dev_ideal_target 
_refine_ls_restr.number 
_refine_ls_restr.rejects 
_refine_ls_restr.type 
_refine_ls_restr.weight 
_refine_ls_restr.pdbx_restraint_function 
'X-RAY DIFFRACTION' ? 0.026 0.016  780  ? r_bond_refined_d             ? ? 
'X-RAY DIFFRACTION' ? 0.073 0.024  350  ? r_bond_other_d               ? ? 
'X-RAY DIFFRACTION' ? 2.686 1.858  1208 ? r_angle_refined_deg          ? ? 
'X-RAY DIFFRACTION' ? 3.945 3.229  840  ? r_angle_other_deg            ? ? 
'X-RAY DIFFRACTION' ? ?     ?      ?    ? r_dihedral_angle_1_deg       ? ? 
'X-RAY DIFFRACTION' ? ?     ?      ?    ? r_dihedral_angle_2_deg       ? ? 
'X-RAY DIFFRACTION' ? ?     ?      ?    ? r_dihedral_angle_3_deg       ? ? 
'X-RAY DIFFRACTION' ? ?     ?      ?    ? r_dihedral_angle_4_deg       ? ? 
'X-RAY DIFFRACTION' ? 0.133 0.200  136  ? r_chiral_restr               ? ? 
'X-RAY DIFFRACTION' ? 0.018 0.020  402  ? r_gen_planes_refined         ? ? 
'X-RAY DIFFRACTION' ? 0.002 0.021  152  ? r_gen_planes_other           ? ? 
'X-RAY DIFFRACTION' ? ?     ?      ?    ? r_nbd_refined                ? ? 
'X-RAY DIFFRACTION' ? ?     ?      ?    ? r_nbd_other                  ? ? 
'X-RAY DIFFRACTION' ? ?     ?      ?    ? r_nbtor_refined              ? ? 
'X-RAY DIFFRACTION' ? ?     ?      ?    ? r_nbtor_other                ? ? 
'X-RAY DIFFRACTION' ? ?     ?      ?    ? r_xyhbond_nbd_refined        ? ? 
'X-RAY DIFFRACTION' ? ?     ?      ?    ? r_xyhbond_nbd_other          ? ? 
'X-RAY DIFFRACTION' ? ?     ?      ?    ? r_metal_ion_refined          ? ? 
'X-RAY DIFFRACTION' ? ?     ?      ?    ? r_metal_ion_other            ? ? 
'X-RAY DIFFRACTION' ? ?     ?      ?    ? r_symmetry_vdw_refined       ? ? 
'X-RAY DIFFRACTION' ? ?     ?      ?    ? r_symmetry_vdw_other         ? ? 
'X-RAY DIFFRACTION' ? ?     ?      ?    ? r_symmetry_hbond_refined     ? ? 
'X-RAY DIFFRACTION' ? ?     ?      ?    ? r_symmetry_hbond_other       ? ? 
'X-RAY DIFFRACTION' ? ?     ?      ?    ? r_symmetry_metal_ion_refined ? ? 
'X-RAY DIFFRACTION' ? ?     ?      ?    ? r_symmetry_metal_ion_other   ? ? 
'X-RAY DIFFRACTION' ? ?     ?      ?    ? r_mcbond_it                  ? ? 
'X-RAY DIFFRACTION' ? ?     ?      ?    ? r_mcbond_other               ? ? 
'X-RAY DIFFRACTION' ? ?     ?      ?    ? r_mcangle_it                 ? ? 
'X-RAY DIFFRACTION' ? ?     ?      ?    ? r_mcangle_other              ? ? 
'X-RAY DIFFRACTION' ? 4.651 4.609  779  ? r_scbond_it                  ? ? 
'X-RAY DIFFRACTION' ? 4.652 4.616  780  ? r_scbond_other               ? ? 
'X-RAY DIFFRACTION' ? ?     ?      ?    ? r_scangle_it                 ? ? 
'X-RAY DIFFRACTION' ? 6.548 6.891  1209 ? r_scangle_other              ? ? 
'X-RAY DIFFRACTION' ? 9.152 45.905 1124 ? r_long_range_B_refined       ? ? 
'X-RAY DIFFRACTION' ? 9.162 45.957 1125 ? r_long_range_B_other         ? ? 
'X-RAY DIFFRACTION' ? ?     ?      ?    ? r_rigid_bond_restr           ? ? 
'X-RAY DIFFRACTION' ? ?     ?      ?    ? r_sphericity_free            ? ? 
'X-RAY DIFFRACTION' ? ?     ?      ?    ? r_sphericity_bonded          ? ? 
# 
_refine_ls_shell.pdbx_refine_id                   'X-RAY DIFFRACTION' 
_refine_ls_shell.d_res_high                       1.900 
_refine_ls_shell.d_res_low                        1.949 
_refine_ls_shell.number_reflns_all                ? 
_refine_ls_shell.number_reflns_obs                ? 
_refine_ls_shell.number_reflns_R_free             24 
_refine_ls_shell.number_reflns_R_work             499 
_refine_ls_shell.percent_reflns_obs               93.90 
_refine_ls_shell.percent_reflns_R_free            ? 
_refine_ls_shell.R_factor_all                     ? 
_refine_ls_shell.R_factor_obs                     ? 
_refine_ls_shell.R_factor_R_free                  0.400 
_refine_ls_shell.R_factor_R_free_error            ? 
_refine_ls_shell.R_factor_R_work                  0.283 
_refine_ls_shell.redundancy_reflns_all            ? 
_refine_ls_shell.redundancy_reflns_obs            ? 
_refine_ls_shell.wR_factor_all                    ? 
_refine_ls_shell.wR_factor_obs                    ? 
_refine_ls_shell.wR_factor_R_free                 ? 
_refine_ls_shell.wR_factor_R_work                 ? 
_refine_ls_shell.pdbx_total_number_of_bins_used   20 
_refine_ls_shell.pdbx_phase_error                 ? 
_refine_ls_shell.pdbx_fsc_work                    ? 
_refine_ls_shell.pdbx_fsc_free                    ? 
# 
_struct.entry_id                     5V0H 
_struct.title                        'RNA duplex with 2-MeImpG analogue bound-one binding site' 
_struct.pdbx_model_details           ? 
_struct.pdbx_formula_weight          ? 
_struct.pdbx_formula_weight_method   ? 
_struct.pdbx_model_type_details      ? 
_struct.pdbx_CASP_flag               N 
# 
_struct_keywords.entry_id        5V0H 
_struct_keywords.text            'RNA, analogue' 
_struct_keywords.pdbx_keywords   RNA 
# 
loop_
_struct_asym.id 
_struct_asym.pdbx_blank_PDB_chainid_flag 
_struct_asym.pdbx_modified 
_struct_asym.entity_id 
_struct_asym.details 
A N N 1 ? 
B N N 1 ? 
C N N 2 ? 
D N N 2 ? 
E N N 3 ? 
F N N 3 ? 
G N N 4 ? 
# 
loop_
_struct_conn.id 
_struct_conn.conn_type_id 
_struct_conn.pdbx_leaving_atom_flag 
_struct_conn.pdbx_PDB_id 
_struct_conn.ptnr1_label_asym_id 
_struct_conn.ptnr1_label_comp_id 
_struct_conn.ptnr1_label_seq_id 
_struct_conn.ptnr1_label_atom_id 
_struct_conn.pdbx_ptnr1_label_alt_id 
_struct_conn.pdbx_ptnr1_PDB_ins_code 
_struct_conn.pdbx_ptnr1_standard_comp_id 
_struct_conn.ptnr1_symmetry 
_struct_conn.ptnr2_label_asym_id 
_struct_conn.ptnr2_label_comp_id 
_struct_conn.ptnr2_label_seq_id 
_struct_conn.ptnr2_label_atom_id 
_struct_conn.pdbx_ptnr2_label_alt_id 
_struct_conn.pdbx_ptnr2_PDB_ins_code 
_struct_conn.ptnr1_auth_asym_id 
_struct_conn.ptnr1_auth_comp_id 
_struct_conn.ptnr1_auth_seq_id 
_struct_conn.ptnr2_auth_asym_id 
_struct_conn.ptnr2_auth_comp_id 
_struct_conn.ptnr2_auth_seq_id 
_struct_conn.ptnr2_symmetry 
_struct_conn.pdbx_ptnr3_label_atom_id 
_struct_conn.pdbx_ptnr3_label_seq_id 
_struct_conn.pdbx_ptnr3_label_comp_id 
_struct_conn.pdbx_ptnr3_label_asym_id 
_struct_conn.pdbx_ptnr3_label_alt_id 
_struct_conn.pdbx_ptnr3_PDB_ins_code 
_struct_conn.details 
_struct_conn.pdbx_dist_value 
_struct_conn.pdbx_value_order 
_struct_conn.pdbx_role 
covale1  covale both ? A LCC 1  "O3'" ? ? ? 1_555 A LCC 2  P  ? ? A LCC 1  A LCC 2   1_555 ? ? ? ? ? ? ?            1.666 ? ? 
covale2  covale both ? A LCC 2  "O3'" ? ? ? 1_555 A LCC 3  P  ? ? A LCC 2  A LCC 3   1_555 ? ? ? ? ? ? ?            1.662 ? ? 
covale3  covale both ? A LCC 3  "O3'" ? ? ? 1_555 A LCG 4  P  ? ? A LCC 3  A LCG 4   1_555 ? ? ? ? ? ? ?            1.697 ? ? 
covale4  covale both ? A LCG 4  "O3'" ? ? ? 1_555 A A   5  P  ? ? A LCG 4  A A   5   1_555 ? ? ? ? ? ? ?            1.536 ? ? 
covale5  covale both ? B LCC 1  "O3'" ? ? ? 1_555 B LCC 2  P  ? ? B LCC 1  B LCC 2   1_555 ? ? ? ? ? ? ?            1.683 ? ? 
covale6  covale both ? B LCC 2  "O3'" ? ? ? 1_555 B LCC 3  P  ? ? B LCC 2  B LCC 3   1_555 ? ? ? ? ? ? ?            1.641 ? ? 
covale7  covale both ? B LCC 3  "O3'" ? ? ? 1_555 B LCG 4  P  ? ? B LCC 3  B LCG 4   1_555 ? ? ? ? ? ? ?            1.656 ? ? 
covale8  covale both ? B LCG 4  "O3'" ? ? ? 1_555 B A   5  P  ? ? B LCG 4  B A   5   1_555 ? ? ? ? ? ? ?            1.666 ? ? 
metalc1  metalc ?    ? A G   15 "O3'" ? ? ? 1_555 E MG  .  MG ? ? A G   15 A MG  103 1_555 ? ? ? ? ? ? ?            2.365 ? ? 
metalc2  metalc ?    ? A G   15 "O2'" ? ? ? 1_555 E MG  .  MG ? ? A G   15 A MG  103 1_555 ? ? ? ? ? ? ?            2.272 ? ? 
metalc3  metalc ?    ? A G   15 "O3'" ? ? ? 1_555 E MG  .  MG ? ? A G   15 A MG  103 3_575 ? ? ? ? ? ? ?            2.373 ? ? 
metalc4  metalc ?    ? A G   15 "O2'" ? ? ? 1_555 E MG  .  MG ? ? A G   15 A MG  103 3_575 ? ? ? ? ? ? ?            2.274 ? ? 
metalc5  metalc ?    ? B G   15 "O3'" ? ? ? 1_555 F MG  .  MG ? ? B G   15 B MG  101 1_555 ? ? ? ? ? ? ?            2.339 ? ? 
metalc6  metalc ?    ? B G   15 "O2'" ? ? ? 1_555 F MG  .  MG ? ? B G   15 B MG  101 1_555 ? ? ? ? ? ? ?            2.378 ? ? 
metalc7  metalc ?    ? B G   15 "O3'" ? ? ? 1_555 F MG  .  MG ? ? B G   15 B MG  101 3_575 ? ? ? ? ? ? ?            2.333 ? ? 
metalc8  metalc ?    ? B G   15 "O2'" ? ? ? 1_555 F MG  .  MG ? ? B G   15 B MG  101 3_575 ? ? ? ? ? ? ?            2.379 ? ? 
hydrog1  hydrog ?    ? A LCG 4  N1    ? ? ? 1_555 B C   13 N3 ? ? A LCG 4  B C   13  1_555 ? ? ? ? ? ? WATSON-CRICK ?     ? ? 
hydrog2  hydrog ?    ? A LCG 4  N2    ? ? ? 1_555 B C   13 O2 ? ? A LCG 4  B C   13  1_555 ? ? ? ? ? ? WATSON-CRICK ?     ? ? 
hydrog3  hydrog ?    ? A LCG 4  O6    ? ? ? 1_555 B C   13 N4 ? ? A LCG 4  B C   13  1_555 ? ? ? ? ? ? WATSON-CRICK ?     ? ? 
hydrog4  hydrog ?    ? A A   5  N1    ? ? ? 1_555 B U   12 N3 ? ? A A   5  B U   12  1_555 ? ? ? ? ? ? WATSON-CRICK ?     ? ? 
hydrog5  hydrog ?    ? A A   5  N6    ? ? ? 1_555 B U   12 O4 ? ? A A   5  B U   12  1_555 ? ? ? ? ? ? WATSON-CRICK ?     ? ? 
hydrog6  hydrog ?    ? A C   6  N3    ? ? ? 1_555 B G   11 N1 ? ? A C   6  B G   11  1_555 ? ? ? ? ? ? WATSON-CRICK ?     ? ? 
hydrog7  hydrog ?    ? A C   6  N4    ? ? ? 1_555 B G   11 O6 ? ? A C   6  B G   11  1_555 ? ? ? ? ? ? WATSON-CRICK ?     ? ? 
hydrog8  hydrog ?    ? A C   6  O2    ? ? ? 1_555 B G   11 N2 ? ? A C   6  B G   11  1_555 ? ? ? ? ? ? WATSON-CRICK ?     ? ? 
hydrog9  hydrog ?    ? A U   7  N3    ? ? ? 1_555 B A   10 N1 ? ? A U   7  B A   10  1_555 ? ? ? ? ? ? WATSON-CRICK ?     ? ? 
hydrog10 hydrog ?    ? A U   7  O4    ? ? ? 1_555 B A   10 N6 ? ? A U   7  B A   10  1_555 ? ? ? ? ? ? WATSON-CRICK ?     ? ? 
hydrog11 hydrog ?    ? A U   8  N3    ? ? ? 1_555 B A   9  N1 ? ? A U   8  B A   9   1_555 ? ? ? ? ? ? WATSON-CRICK ?     ? ? 
hydrog12 hydrog ?    ? A U   8  O4    ? ? ? 1_555 B A   9  N6 ? ? A U   8  B A   9   1_555 ? ? ? ? ? ? WATSON-CRICK ?     ? ? 
hydrog13 hydrog ?    ? A A   9  N1    ? ? ? 1_555 B U   8  N3 ? ? A A   9  B U   8   1_555 ? ? ? ? ? ? WATSON-CRICK ?     ? ? 
hydrog14 hydrog ?    ? A A   9  N6    ? ? ? 1_555 B U   8  O4 ? ? A A   9  B U   8   1_555 ? ? ? ? ? ? WATSON-CRICK ?     ? ? 
hydrog15 hydrog ?    ? A A   10 N1    ? ? ? 1_555 B U   7  N3 ? ? A A   10 B U   7   1_555 ? ? ? ? ? ? WATSON-CRICK ?     ? ? 
hydrog16 hydrog ?    ? A A   10 N6    ? ? ? 1_555 B U   7  O4 ? ? A A   10 B U   7   1_555 ? ? ? ? ? ? WATSON-CRICK ?     ? ? 
hydrog17 hydrog ?    ? A G   11 N1    ? ? ? 1_555 B C   6  N3 ? ? A G   11 B C   6   1_555 ? ? ? ? ? ? WATSON-CRICK ?     ? ? 
hydrog18 hydrog ?    ? A G   11 N2    ? ? ? 1_555 B C   6  O2 ? ? A G   11 B C   6   1_555 ? ? ? ? ? ? WATSON-CRICK ?     ? ? 
hydrog19 hydrog ?    ? A G   11 O6    ? ? ? 1_555 B C   6  N4 ? ? A G   11 B C   6   1_555 ? ? ? ? ? ? WATSON-CRICK ?     ? ? 
hydrog20 hydrog ?    ? A U   12 N3    ? ? ? 1_555 B A   5  N1 ? ? A U   12 B A   5   1_555 ? ? ? ? ? ? WATSON-CRICK ?     ? ? 
hydrog21 hydrog ?    ? A U   12 O4    ? ? ? 1_555 B A   5  N6 ? ? A U   12 B A   5   1_555 ? ? ? ? ? ? WATSON-CRICK ?     ? ? 
hydrog22 hydrog ?    ? A C   13 N3    ? ? ? 1_555 B LCG 4  N1 ? ? A C   13 B LCG 4   1_555 ? ? ? ? ? ? WATSON-CRICK ?     ? ? 
hydrog23 hydrog ?    ? A C   13 N4    ? ? ? 1_555 B LCG 4  O6 ? ? A C   13 B LCG 4   1_555 ? ? ? ? ? ? WATSON-CRICK ?     ? ? 
hydrog24 hydrog ?    ? A C   13 O2    ? ? ? 1_555 B LCG 4  N2 ? ? A C   13 B LCG 4   1_555 ? ? ? ? ? ? WATSON-CRICK ?     ? ? 
# 
loop_
_struct_conn_type.id 
_struct_conn_type.criteria 
_struct_conn_type.reference 
covale ? ? 
metalc ? ? 
hydrog ? ? 
# 
loop_
_struct_site.id 
_struct_site.pdbx_evidence_code 
_struct_site.pdbx_auth_asym_id 
_struct_site.pdbx_auth_comp_id 
_struct_site.pdbx_auth_seq_id 
_struct_site.pdbx_auth_ins_code 
_struct_site.pdbx_num_residues 
_struct_site.details 
AC1 Software A 8OS 101 ? 6 'binding site for residue 8OS A 101' 
AC2 Software A 8OS 102 ? 5 'binding site for residue 8OS A 102' 
AC3 Software A MG  103 ? 3 'binding site for residue MG A 103'  
AC4 Software B MG  101 ? 3 'binding site for residue MG B 101'  
# 
loop_
_struct_site_gen.id 
_struct_site_gen.site_id 
_struct_site_gen.pdbx_num_res 
_struct_site_gen.label_comp_id 
_struct_site_gen.label_asym_id 
_struct_site_gen.label_seq_id 
_struct_site_gen.pdbx_auth_ins_code 
_struct_site_gen.auth_comp_id 
_struct_site_gen.auth_asym_id 
_struct_site_gen.auth_seq_id 
_struct_site_gen.label_atom_id 
_struct_site_gen.label_alt_id 
_struct_site_gen.symmetry 
_struct_site_gen.details 
1  AC1 6 C   A 13 ? C   A 13 . ? 5_676 ? 
2  AC1 6 G   A 15 ? G   A 15 . ? 1_555 ? 
3  AC1 6 G   A 15 ? G   A 15 . ? 3_575 ? 
4  AC1 6 LCC B 1  ? LCC B 1  . ? 1_555 ? 
5  AC1 6 LCC B 1  ? LCC B 1  . ? 4_466 ? 
6  AC1 6 LCC B 2  ? LCC B 2  . ? 1_555 ? 
7  AC2 5 LCC A 1  ? LCC A 1  . ? 5_675 ? 
8  AC2 5 LCC A 1  ? LCC A 1  . ? 1_555 ? 
9  AC2 5 LCC A 2  ? LCC A 2  . ? 1_555 ? 
10 AC2 5 G   B 15 ? G   B 15 . ? 2_775 ? 
11 AC2 5 G   B 15 ? G   B 15 . ? 1_555 ? 
12 AC3 3 G   A 15 ? G   A 15 . ? 1_555 ? 
13 AC3 3 G   A 15 ? G   A 15 . ? 3_575 ? 
14 AC3 3 G   A 15 ? G   A 15 . ? 2_775 ? 
15 AC4 3 G   B 15 ? G   B 15 . ? 1_555 ? 
16 AC4 3 G   B 15 ? G   B 15 . ? 3_575 ? 
17 AC4 3 G   B 15 ? G   B 15 . ? 2_775 ? 
# 
_atom_sites.entry_id                    5V0H 
_atom_sites.fract_transf_matrix[1][1]   -0.00610515 
_atom_sites.fract_transf_matrix[1][2]   0.02610842 
_atom_sites.fract_transf_matrix[1][3]   0.00267739 
_atom_sites.fract_transf_matrix[2][1]   -0.00833507 
_atom_sites.fract_transf_matrix[2][2]   0.01414715 
_atom_sites.fract_transf_matrix[2][3]   -0.02136520 
_atom_sites.fract_transf_matrix[3][1]   -0.01129874 
_atom_sites.fract_transf_matrix[3][2]   -0.00289736 
_atom_sites.fract_transf_matrix[3][3]   0.00248939 
_atom_sites.fract_transf_vector[1]      0.375522 
_atom_sites.fract_transf_vector[2]      1.151792 
_atom_sites.fract_transf_vector[3]      0.252029 
# 
loop_
_atom_type.symbol 
C  
MG 
N  
O  
P  
# 
loop_
_atom_site.group_PDB 
_atom_site.id 
_atom_site.type_symbol 
_atom_site.label_atom_id 
_atom_site.label_alt_id 
_atom_site.label_comp_id 
_atom_site.label_asym_id 
_atom_site.label_entity_id 
_atom_site.label_seq_id 
_atom_site.pdbx_PDB_ins_code 
_atom_site.Cartn_x 
_atom_site.Cartn_y 
_atom_site.Cartn_z 
_atom_site.occupancy 
_atom_site.B_iso_or_equiv 
_atom_site.pdbx_formal_charge 
_atom_site.auth_seq_id 
_atom_site.auth_comp_id 
_atom_site.auth_asym_id 
_atom_site.auth_atom_id 
_atom_site.pdbx_PDB_model_num 
HETATM 1   O  "O5'" . LCC A 1 1  ? 19.931  1.223   7.479   1.00 57.83  ? 1   LCC A "O5'" 1 
HETATM 2   C  "C5'" . LCC A 1 1  ? 20.279  1.842   8.741   1.00 55.92  ? 1   LCC A "C5'" 1 
HETATM 3   C  "C4'" . LCC A 1 1  ? 20.246  3.352   8.447   1.00 58.80  ? 1   LCC A "C4'" 1 
HETATM 4   O  "O4'" . LCC A 1 1  ? 21.005  3.935   7.269   1.00 51.56  ? 1   LCC A "O4'" 1 
HETATM 5   C  "C1'" . LCC A 1 1  ? 20.482  5.312   7.180   1.00 54.15  ? 1   LCC A "C1'" 1 
HETATM 6   N  N1    . LCC A 1 1  ? 20.199  5.528   5.767   1.00 50.88  ? 1   LCC A N1    1 
HETATM 7   C  C6    . LCC A 1 1  ? 20.163  4.413   4.959   1.00 50.83  ? 1   LCC A C6    1 
HETATM 8   C  C5    . LCC A 1 1  ? 19.920  4.535   3.617   1.00 53.92  ? 1   LCC A C5    1 
HETATM 9   C  C5M   . LCC A 1 1  ? 19.892  3.376   2.795   1.00 58.00  ? 1   LCC A C5M   1 
HETATM 10  C  C4    . LCC A 1 1  ? 19.733  5.820   3.112   1.00 53.84  ? 1   LCC A C4    1 
HETATM 11  N  N4    . LCC A 1 1  ? 19.520  5.878   1.776   1.00 55.11  ? 1   LCC A N4    1 
HETATM 12  N  N3    . LCC A 1 1  ? 19.773  6.896   3.935   1.00 47.67  ? 1   LCC A N3    1 
HETATM 13  C  C2    . LCC A 1 1  ? 19.995  6.761   5.254   1.00 46.83  ? 1   LCC A C2    1 
HETATM 14  O  O2    . LCC A 1 1  ? 20.040  7.746   5.990   1.00 53.50  ? 1   LCC A O2    1 
HETATM 15  C  "C3'" . LCC A 1 1  ? 18.909  3.822   8.028   1.00 53.63  ? 1   LCC A "C3'" 1 
HETATM 16  C  "C2'" . LCC A 1 1  ? 19.263  5.271   8.101   1.00 52.59  ? 1   LCC A "C2'" 1 
HETATM 17  O  "O2'" . LCC A 1 1  ? 19.695  5.389   9.491   1.00 66.34  ? 1   LCC A "O2'" 1 
HETATM 18  O  "O3'" . LCC A 1 1  ? 17.921  3.448   8.984   1.00 54.31  ? 1   LCC A "O3'" 1 
HETATM 19  C  "C6'" . LCC A 1 1  ? 20.511  4.154   9.769   1.00 66.03  ? 1   LCC A "C6'" 1 
HETATM 20  O  "O5'" . LCC A 1 2  ? 15.661  4.666   8.016   1.00 40.36  ? 2   LCC A "O5'" 1 
HETATM 21  C  "C5'" . LCC A 1 2  ? 15.550  5.797   8.894   1.00 46.09  ? 2   LCC A "C5'" 1 
HETATM 22  C  "C4'" . LCC A 1 2  ? 15.400  6.939   7.867   1.00 42.41  ? 2   LCC A "C4'" 1 
HETATM 23  O  "O4'" . LCC A 1 2  ? 16.602  6.966   7.019   1.00 45.82  ? 2   LCC A "O4'" 1 
HETATM 24  C  "C1'" . LCC A 1 2  ? 16.075  7.611   5.800   1.00 40.05  ? 2   LCC A "C1'" 1 
HETATM 25  N  N1    . LCC A 1 2  ? 16.162  6.815   4.583   1.00 42.15  ? 2   LCC A N1    1 
HETATM 26  C  C6    . LCC A 1 2  ? 16.313  5.442   4.664   1.00 41.57  ? 2   LCC A C6    1 
HETATM 27  C  C5    . LCC A 1 2  ? 16.409  4.677   3.529   1.00 43.97  ? 2   LCC A C5    1 
HETATM 28  C  C5M   . LCC A 1 2  ? 16.505  3.259   3.654   1.00 44.05  ? 2   LCC A C5M   1 
HETATM 29  C  C4    . LCC A 1 2  ? 16.381  5.362   2.304   1.00 41.42  ? 2   LCC A C4    1 
HETATM 30  N  N4    . LCC A 1 2  ? 16.437  4.643   1.198   1.00 40.40  ? 2   LCC A N4    1 
HETATM 31  N  N3    . LCC A 1 2  ? 16.219  6.699   2.220   1.00 39.15  ? 2   LCC A N3    1 
HETATM 32  C  C2    . LCC A 1 2  ? 16.138  7.438   3.359   1.00 42.07  ? 2   LCC A C2    1 
HETATM 33  O  O2    . LCC A 1 2  ? 15.999  8.666   3.262   1.00 39.03  ? 2   LCC A O2    1 
HETATM 34  C  "C3'" . LCC A 1 2  ? 14.279  6.770   6.887   1.00 38.87  ? 2   LCC A "C3'" 1 
HETATM 35  C  "C2'" . LCC A 1 2  ? 14.600  7.932   6.134   1.00 40.30  ? 2   LCC A "C2'" 1 
HETATM 36  O  "O2'" . LCC A 1 2  ? 14.641  9.020   7.107   1.00 40.31  ? 2   LCC A "O2'" 1 
HETATM 37  O  "O3'" . LCC A 1 2  ? 12.998  6.837   7.595   1.00 41.69  ? 2   LCC A "O3'" 1 
HETATM 38  C  "C6'" . LCC A 1 2  ? 15.105  8.318   8.426   1.00 44.45  ? 2   LCC A "C6'" 1 
HETATM 39  P  P     . LCC A 1 2  ? 16.300  3.186   8.700   1.00 46.72  ? 2   LCC A P     1 
HETATM 40  O  O1P   . LCC A 1 2  ? 15.619  3.055   9.994   1.00 47.69  ? 2   LCC A O1P   1 
HETATM 41  O  O2P   . LCC A 1 2  ? 15.969  2.283   7.417   1.00 44.95  ? 2   LCC A O2P   1 
HETATM 42  O  "O5'" . LCC A 1 3  ? 11.269  7.425   5.755   1.00 33.58  ? 3   LCC A "O5'" 1 
HETATM 43  C  "C5'" . LCC A 1 3  ? 11.000  8.772   6.118   1.00 34.26  ? 3   LCC A "C5'" 1 
HETATM 44  C  "C4'" . LCC A 1 3  ? 11.014  9.466   4.773   1.00 32.54  ? 3   LCC A "C4'" 1 
HETATM 45  O  "O4'" . LCC A 1 3  ? 12.256  9.369   3.968   1.00 35.70  ? 3   LCC A "O4'" 1 
HETATM 46  C  "C1'" . LCC A 1 3  ? 11.816  9.511   2.596   1.00 33.29  ? 3   LCC A "C1'" 1 
HETATM 47  N  N1    . LCC A 1 3  ? 12.086  8.273   1.835   1.00 35.55  ? 3   LCC A N1    1 
HETATM 48  C  C6    . LCC A 1 3  ? 12.388  7.034   2.511   1.00 36.93  ? 3   LCC A C6    1 
HETATM 49  C  C5    . LCC A 1 3  ? 12.739  5.939   1.768   1.00 35.77  ? 3   LCC A C5    1 
HETATM 50  C  C5M   . LCC A 1 3  ? 12.985  4.733   2.498   1.00 35.63  ? 3   LCC A C5M   1 
HETATM 51  C  C4    . LCC A 1 3  ? 12.791  6.108   0.357   1.00 38.76  ? 3   LCC A C4    1 
HETATM 52  N  N4    . LCC A 1 3  ? 13.104  5.082   -0.444  1.00 36.51  ? 3   LCC A N4    1 
HETATM 53  N  N3    . LCC A 1 3  ? 12.481  7.288   -0.266  1.00 33.83  ? 3   LCC A N3    1 
HETATM 54  C  C2    . LCC A 1 3  ? 12.141  8.344   0.494   1.00 37.56  ? 3   LCC A C2    1 
HETATM 55  O  O2    . LCC A 1 3  ? 11.888  9.410   -0.067  1.00 35.56  ? 3   LCC A O2    1 
HETATM 56  C  "C3'" . LCC A 1 3  ? 10.018  8.980   3.845   1.00 36.50  ? 3   LCC A "C3'" 1 
HETATM 57  C  "C2'" . LCC A 1 3  ? 10.400  9.942   2.694   1.00 36.16  ? 3   LCC A "C2'" 1 
HETATM 58  O  "O2'" . LCC A 1 3  ? 10.415  11.196  3.339   1.00 35.57  ? 3   LCC A "O2'" 1 
HETATM 59  O  "O3'" . LCC A 1 3  ? 8.755   9.316   4.388   1.00 35.17  ? 3   LCC A "O3'" 1 
HETATM 60  C  "C6'" . LCC A 1 3  ? 10.633  10.921  4.868   1.00 35.69  ? 3   LCC A "C6'" 1 
HETATM 61  P  P     . LCC A 1 3  ? 11.608  6.273   6.879   1.00 42.73  ? 3   LCC A P     1 
HETATM 62  O  O1P   . LCC A 1 3  ? 10.662  6.583   7.943   1.00 41.78  ? 3   LCC A O1P   1 
HETATM 63  O  O2P   . LCC A 1 3  ? 11.690  4.989   6.171   1.00 39.19  ? 3   LCC A O2P   1 
HETATM 64  P  P     . LCG A 1 4  ? 7.419   8.354   3.978   1.00 40.47  ? 4   LCG A P     1 
HETATM 65  O  OP1   . LCG A 1 4  ? 6.398   8.974   4.876   1.00 39.74  ? 4   LCG A OP1   1 
HETATM 66  O  "O5'" . LCG A 1 4  ? 7.057   8.729   2.417   1.00 33.55  ? 4   LCG A "O5'" 1 
HETATM 67  C  "C5'" . LCG A 1 4  ? 6.703   10.086  2.047   1.00 37.36  ? 4   LCG A "C5'" 1 
HETATM 68  C  "C3'" . LCG A 1 4  ? 5.952   8.945   -0.127  1.00 36.91  ? 4   LCG A "C3'" 1 
HETATM 69  C  "C6'" . LCG A 1 4  ? 6.279   11.388  -0.111  1.00 35.81  ? 4   LCG A "C6'" 1 
HETATM 70  N  N9    . LCG A 1 4  ? 8.470   7.962   -1.340  1.00 39.26  ? 4   LCG A N9    1 
HETATM 71  C  C8    . LCG A 1 4  ? 8.862   7.190   -0.296  1.00 39.76  ? 4   LCG A C8    1 
HETATM 72  C  C4    . LCG A 1 4  ? 8.752   7.325   -2.462  1.00 36.35  ? 4   LCG A C4    1 
HETATM 73  N  N7    . LCG A 1 4  ? 9.429   6.085   -0.790  1.00 36.25  ? 4   LCG A N7    1 
HETATM 74  C  C5    . LCG A 1 4  ? 9.368   6.159   -2.128  1.00 34.56  ? 4   LCG A C5    1 
HETATM 75  C  C6    . LCG A 1 4  ? 9.809   5.326   -3.072  1.00 38.05  ? 4   LCG A C6    1 
HETATM 76  C  "C2'" . LCG A 1 4  ? 6.352   9.384   -1.503  1.00 39.26  ? 4   LCG A "C2'" 1 
HETATM 77  O  O6    . LCG A 1 4  ? 10.397  4.260   -2.834  1.00 33.12  ? 4   LCG A O6    1 
HETATM 78  C  "C4'" . LCG A 1 4  ? 6.754   10.081  0.544   1.00 37.01  ? 4   LCG A "C4'" 1 
HETATM 79  C  "C1'" . LCG A 1 4  ? 7.833   9.296   -1.327  1.00 39.56  ? 4   LCG A "C1'" 1 
HETATM 80  C  C2    . LCG A 1 4  ? 8.973   6.873   -4.704  1.00 36.78  ? 4   LCG A C2    1 
HETATM 81  N  N1    . LCG A 1 4  ? 9.637   5.688   -4.359  1.00 36.55  ? 4   LCG A N1    1 
HETATM 82  O  "O4'" . LCG A 1 4  ? 8.116   9.738   0.049   1.00 38.75  ? 4   LCG A "O4'" 1 
HETATM 83  O  OP2   . LCG A 1 4  ? 7.792   6.935   3.997   1.00 37.80  ? 4   LCG A OP2   1 
HETATM 84  N  N2    . LCG A 1 4  ? 8.801   7.188   -5.990  1.00 37.89  ? 4   LCG A N2    1 
HETATM 85  N  N3    . LCG A 1 4  ? 8.561   7.704   -3.743  1.00 33.17  ? 4   LCG A N3    1 
HETATM 86  O  "O2'" . LCG A 1 4  ? 6.033   10.811  -1.520  1.00 41.35  ? 4   LCG A "O2'" 1 
HETATM 87  O  "O3'" . LCG A 1 4  ? 4.575   9.166   0.120   1.00 41.26  ? 4   LCG A "O3'" 1 
ATOM   88  P  P     . A   A 1 5  ? 3.612   7.972   0.192   1.00 41.01  ? 5   A   A P     1 
ATOM   89  O  OP1   . A   A 1 5  ? 2.409   8.711   0.641   1.00 43.20  ? 5   A   A OP1   1 
ATOM   90  O  OP2   . A   A 1 5  ? 4.008   6.701   0.752   1.00 37.65  ? 5   A   A OP2   1 
ATOM   91  O  "O5'" . A   A 1 5  ? 3.256   7.613   -1.317  1.00 37.34  ? 5   A   A "O5'" 1 
ATOM   92  C  "C5'" . A   A 1 5  ? 2.740   8.639   -2.167  1.00 39.54  ? 5   A   A "C5'" 1 
ATOM   93  C  "C4'" . A   A 1 5  ? 2.909   8.188   -3.601  1.00 38.68  ? 5   A   A "C4'" 1 
ATOM   94  O  "O4'" . A   A 1 5  ? 4.326   8.096   -3.929  1.00 36.72  ? 5   A   A "O4'" 1 
ATOM   95  C  "C3'" . A   A 1 5  ? 2.370   6.802   -3.946  1.00 35.96  ? 5   A   A "C3'" 1 
ATOM   96  O  "O3'" . A   A 1 5  ? 1.003   6.947   -4.175  1.00 38.22  ? 5   A   A "O3'" 1 
ATOM   97  C  "C2'" . A   A 1 5  ? 3.186   6.492   -5.184  1.00 37.74  ? 5   A   A "C2'" 1 
ATOM   98  O  "O2'" . A   A 1 5  ? 2.879   7.309   -6.282  1.00 37.20  ? 5   A   A "O2'" 1 
ATOM   99  C  "C1'" . A   A 1 5  ? 4.560   6.976   -4.746  1.00 33.51  ? 5   A   A "C1'" 1 
ATOM   100 N  N9    . A   A 1 5  ? 5.308   5.973   -4.001  1.00 33.92  ? 5   A   A N9    1 
ATOM   101 C  C8    . A   A 1 5  ? 5.415   5.768   -2.646  1.00 35.49  ? 5   A   A C8    1 
ATOM   102 N  N7    . A   A 1 5  ? 6.144   4.723   -2.329  1.00 37.44  ? 5   A   A N7    1 
ATOM   103 C  C5    . A   A 1 5  ? 6.536   4.205   -3.555  1.00 33.15  ? 5   A   A C5    1 
ATOM   104 C  C6    . A   A 1 5  ? 7.342   3.105   -3.899  1.00 37.09  ? 5   A   A C6    1 
ATOM   105 N  N6    . A   A 1 5  ? 7.920   2.311   -3.003  1.00 39.29  ? 5   A   A N6    1 
ATOM   106 N  N1    . A   A 1 5  ? 7.589   2.893   -5.203  1.00 37.48  ? 5   A   A N1    1 
ATOM   107 C  C2    . A   A 1 5  ? 7.017   3.710   -6.106  1.00 42.48  ? 5   A   A C2    1 
ATOM   108 N  N3    . A   A 1 5  ? 6.218   4.757   -5.907  1.00 37.23  ? 5   A   A N3    1 
ATOM   109 C  C4    . A   A 1 5  ? 6.036   4.966   -4.591  1.00 33.56  ? 5   A   A C4    1 
ATOM   110 P  P     . C   A 1 6  ? 0.012   5.704   -4.120  1.00 45.83  ? 6   C   A P     1 
ATOM   111 O  OP1   . C   A 1 6  ? -1.315  6.241   -4.446  1.00 45.95  ? 6   C   A OP1   1 
ATOM   112 O  OP2   . C   A 1 6  ? 0.322   4.912   -2.928  1.00 43.02  ? 6   C   A OP2   1 
ATOM   113 O  "O5'" . C   A 1 6  ? 0.470   4.782   -5.334  1.00 41.33  ? 6   C   A "O5'" 1 
ATOM   114 C  "C5'" . C   A 1 6  ? 0.277   5.233   -6.673  1.00 44.04  ? 6   C   A "C5'" 1 
ATOM   115 C  "C4'" . C   A 1 6  ? 1.035   4.321   -7.623  1.00 44.23  ? 6   C   A "C4'" 1 
ATOM   116 O  "O4'" . C   A 1 6  ? 2.474   4.311   -7.328  1.00 39.63  ? 6   C   A "O4'" 1 
ATOM   117 C  "C3'" . C   A 1 6  ? 0.641   2.855   -7.575  1.00 39.41  ? 6   C   A "C3'" 1 
ATOM   118 O  "O3'" . C   A 1 6  ? -0.445  2.626   -8.418  1.00 43.73  ? 6   C   A "O3'" 1 
ATOM   119 C  "C2'" . C   A 1 6  ? 1.857   2.180   -8.170  1.00 42.96  ? 6   C   A "C2'" 1 
ATOM   120 O  "O2'" . C   A 1 6  ? 1.902   2.327   -9.568  1.00 38.19  ? 6   C   A "O2'" 1 
ATOM   121 C  "C1'" . C   A 1 6  ? 2.986   3.002   -7.547  1.00 38.41  ? 6   C   A "C1'" 1 
ATOM   122 N  N1    . C   A 1 6  ? 3.470   2.444   -6.273  1.00 36.69  ? 6   C   A N1    1 
ATOM   123 C  C2    . C   A 1 6  ? 4.449   1.455   -6.339  1.00 35.81  ? 6   C   A C2    1 
ATOM   124 O  O2    . C   A 1 6  ? 4.823   1.062   -7.451  1.00 36.03  ? 6   C   A O2    1 
ATOM   125 N  N3    . C   A 1 6  ? 4.927   0.920   -5.195  1.00 34.08  ? 6   C   A N3    1 
ATOM   126 C  C4    . C   A 1 6  ? 4.535   1.408   -4.021  1.00 32.79  ? 6   C   A C4    1 
ATOM   127 N  N4    . C   A 1 6  ? 5.032   0.851   -2.922  1.00 37.46  ? 6   C   A N4    1 
ATOM   128 C  C5    . C   A 1 6  ? 3.512   2.387   -3.919  1.00 36.39  ? 6   C   A C5    1 
ATOM   129 C  C6    . C   A 1 6  ? 3.003   2.870   -5.062  1.00 38.76  ? 6   C   A C6    1 
ATOM   130 P  P     . U   A 1 7  ? -1.461  1.468   -8.100  1.00 46.58  ? 7   U   A P     1 
ATOM   131 O  OP1   . U   A 1 7  ? -2.561  1.587   -9.045  1.00 49.57  ? 7   U   A OP1   1 
ATOM   132 O  OP2   . U   A 1 7  ? -1.639  1.326   -6.656  1.00 40.56  ? 7   U   A OP2   1 
ATOM   133 O  "O5'" . U   A 1 7  ? -0.648  0.124   -8.421  1.00 37.20  ? 7   U   A "O5'" 1 
ATOM   134 C  "C5'" . U   A 1 7  ? -0.275  -0.174  -9.764  1.00 41.86  ? 7   U   A "C5'" 1 
ATOM   135 C  "C4'" . U   A 1 7  ? 0.590   -1.413  -9.778  1.00 41.10  ? 7   U   A "C4'" 1 
ATOM   136 O  "O4'" . U   A 1 7  ? 1.803   -1.171  -9.025  1.00 41.74  ? 7   U   A "O4'" 1 
ATOM   137 C  "C3'" . U   A 1 7  ? -0.007  -2.629  -9.080  1.00 42.39  ? 7   U   A "C3'" 1 
ATOM   138 O  "O3'" . U   A 1 7  ? -1.013  -3.229  -9.881  1.00 44.21  ? 7   U   A "O3'" 1 
ATOM   139 C  "C2'" . U   A 1 7  ? 1.233   -3.465  -8.815  1.00 41.07  ? 7   U   A "C2'" 1 
ATOM   140 O  "O2'" . U   A 1 7  ? 1.744   -4.051  -10.000 1.00 45.92  ? 7   U   A "O2'" 1 
ATOM   141 C  "C1'" . U   A 1 7  ? 2.211   -2.377  -8.376  1.00 43.24  ? 7   U   A "C1'" 1 
ATOM   142 N  N1    . U   A 1 7  ? 2.333   -2.124  -6.929  1.00 39.45  ? 7   U   A N1    1 
ATOM   143 C  C2    . U   A 1 7  ? 3.182   -2.958  -6.216  1.00 43.00  ? 7   U   A C2    1 
ATOM   144 O  O2    . U   A 1 7  ? 3.752   -3.900  -6.718  1.00 47.32  ? 7   U   A O2    1 
ATOM   145 N  N3    . U   A 1 7  ? 3.359   -2.618  -4.899  1.00 38.18  ? 7   U   A N3    1 
ATOM   146 C  C4    . U   A 1 7  ? 2.757   -1.591  -4.217  1.00 39.03  ? 7   U   A C4    1 
ATOM   147 O  O4    . U   A 1 7  ? 2.991   -1.445  -3.030  1.00 40.69  ? 7   U   A O4    1 
ATOM   148 C  C5    . U   A 1 7  ? 1.880   -0.781  -5.011  1.00 42.79  ? 7   U   A C5    1 
ATOM   149 C  C6    . U   A 1 7  ? 1.699   -1.072  -6.309  1.00 39.85  ? 7   U   A C6    1 
ATOM   150 P  P     . U   A 1 8  ? -2.304  -3.844  -9.198  1.00 49.11  ? 8   U   A P     1 
ATOM   151 O  OP1   . U   A 1 8  ? -3.239  -4.257  -10.273 1.00 52.19  ? 8   U   A OP1   1 
ATOM   152 O  OP2   . U   A 1 8  ? -2.690  -3.046  -8.050  1.00 44.49  ? 8   U   A OP2   1 
ATOM   153 O  "O5'" . U   A 1 8  ? -1.787  -5.153  -8.425  1.00 43.62  ? 8   U   A "O5'" 1 
ATOM   154 C  "C5'" . U   A 1 8  ? -1.160  -6.152  -9.220  1.00 43.86  ? 8   U   A "C5'" 1 
ATOM   155 C  "C4'" . U   A 1 8  ? -0.562  -7.228  -8.365  1.00 43.30  ? 8   U   A "C4'" 1 
ATOM   156 O  "O4'" . U   A 1 8  ? 0.701   -6.790  -7.836  1.00 41.98  ? 8   U   A "O4'" 1 
ATOM   157 C  "C3'" . U   A 1 8  ? -1.339  -7.653  -7.131  1.00 41.95  ? 8   U   A "C3'" 1 
ATOM   158 O  "O3'" . U   A 1 8  ? -2.370  -8.526  -7.539  1.00 40.03  ? 8   U   A "O3'" 1 
ATOM   159 C  "C2'" . U   A 1 8  ? -0.251  -8.343  -6.340  1.00 43.69  ? 8   U   A "C2'" 1 
ATOM   160 O  "O2'" . U   A 1 8  ? 0.124   -9.552  -6.948  1.00 41.61  ? 8   U   A "O2'" 1 
ATOM   161 C  "C1'" . U   A 1 8  ? 0.895   -7.363  -6.552  1.00 42.65  ? 8   U   A "C1'" 1 
ATOM   162 N  N1    . U   A 1 8  ? 0.885   -6.313  -5.539  1.00 36.48  ? 8   U   A N1    1 
ATOM   163 C  C2    . U   A 1 8  ? 1.533   -6.604  -4.368  1.00 40.38  ? 8   U   A C2    1 
ATOM   164 O  O2    . U   A 1 8  ? 2.111   -7.655  -4.179  1.00 43.80  ? 8   U   A O2    1 
ATOM   165 N  N3    . U   A 1 8  ? 1.509   -5.606  -3.436  1.00 42.24  ? 8   U   A N3    1 
ATOM   166 C  C4    . U   A 1 8  ? 0.831   -4.410  -3.516  1.00 43.14  ? 8   U   A C4    1 
ATOM   167 O  O4    . U   A 1 8  ? 0.827   -3.655  -2.549  1.00 46.42  ? 8   U   A O4    1 
ATOM   168 C  C5    . U   A 1 8  ? 0.112   -4.216  -4.732  1.00 42.26  ? 8   U   A C5    1 
ATOM   169 C  C6    . U   A 1 8  ? 0.170   -5.146  -5.682  1.00 39.24  ? 8   U   A C6    1 
ATOM   170 P  P     . A   A 1 9  ? -3.659  -8.648  -6.680  1.00 43.36  ? 9   A   A P     1 
ATOM   171 O  OP1   . A   A 1 9  ? -4.577  -9.572  -7.391  1.00 41.89  ? 9   A   A OP1   1 
ATOM   172 O  OP2   . A   A 1 9  ? -4.148  -7.269  -6.322  1.00 38.28  ? 9   A   A OP2   1 
ATOM   173 O  "O5'" . A   A 1 9  ? -3.207  -9.330  -5.311  1.00 43.39  ? 9   A   A "O5'" 1 
ATOM   174 C  "C5'" . A   A 1 9  ? -2.770  -10.703 -5.321  1.00 38.64  ? 9   A   A "C5'" 1 
ATOM   175 C  "C4'" . A   A 1 9  ? -2.163  -11.064 -3.988  1.00 40.98  ? 9   A   A "C4'" 1 
ATOM   176 O  "O4'" . A   A 1 9  ? -0.992  -10.239 -3.750  1.00 40.23  ? 9   A   A "O4'" 1 
ATOM   177 C  "C3'" . A   A 1 9  ? -3.019  -10.869 -2.733  1.00 41.02  ? 9   A   A "C3'" 1 
ATOM   178 O  "O3'" . A   A 1 9  ? -3.873  -11.975 -2.423  1.00 41.94  ? 9   A   A "O3'" 1 
ATOM   179 C  "C2'" . A   A 1 9  ? -1.949  -10.814 -1.656  1.00 40.53  ? 9   A   A "C2'" 1 
ATOM   180 O  "O2'" . A   A 1 9  ? -1.370  -12.076 -1.401  1.00 38.00  ? 9   A   A "O2'" 1 
ATOM   181 C  "C1'" . A   A 1 9  ? -0.884  -9.978  -2.352  1.00 39.18  ? 9   A   A "C1'" 1 
ATOM   182 N  N9    . A   A 1 9  ? -1.020  -8.535  -2.088  1.00 41.14  ? 9   A   A N9    1 
ATOM   183 C  C8    . A   A 1 9  ? -1.572  -7.524  -2.837  1.00 45.47  ? 9   A   A C8    1 
ATOM   184 N  N7    . A   A 1 9  ? -1.508  -6.343  -2.262  1.00 40.36  ? 9   A   A N7    1 
ATOM   185 C  C5    . A   A 1 9  ? -0.921  -6.604  -1.034  1.00 39.72  ? 9   A   A C5    1 
ATOM   186 C  C6    . A   A 1 9  ? -0.527  -5.763  0.019   1.00 40.46  ? 9   A   A C6    1 
ATOM   187 N  N6    . A   A 1 9  ? -0.738  -4.451  0.028   1.00 44.18  ? 9   A   A N6    1 
ATOM   188 N  N1    . A   A 1 9  ? 0.074   -6.331  1.087   1.00 37.25  ? 9   A   A N1    1 
ATOM   189 C  C2    . A   A 1 9  ? 0.289   -7.653  1.072   1.00 43.09  ? 9   A   A C2    1 
ATOM   190 N  N3    . A   A 1 9  ? -0.025  -8.548  0.130   1.00 39.60  ? 9   A   A N3    1 
ATOM   191 C  C4    . A   A 1 9  ? -0.611  -7.948  -0.914  1.00 38.21  ? 9   A   A C4    1 
ATOM   192 P  P     . A   A 1 10 ? -5.325  -11.756 -1.682  1.00 44.30  ? 10  A   A P     1 
ATOM   193 O  OP1   . A   A 1 10 ? -6.135  -13.022 -1.908  1.00 36.57  ? 10  A   A OP1   1 
ATOM   194 O  OP2   . A   A 1 10 ? -5.877  -10.517 -2.159  1.00 39.20  ? 10  A   A OP2   1 
ATOM   195 O  "O5'" . A   A 1 10 ? -4.914  -11.640 -0.143  1.00 38.90  ? 10  A   A "O5'" 1 
ATOM   196 C  "C5'" . A   A 1 10 ? -4.495  -12.819 0.541   1.00 36.55  ? 10  A   A "C5'" 1 
ATOM   197 C  "C4'" . A   A 1 10 ? -3.914  -12.444 1.869   1.00 37.93  ? 10  A   A "C4'" 1 
ATOM   198 O  "O4'" . A   A 1 10 ? -2.816  -11.502 1.711   1.00 38.09  ? 10  A   A "O4'" 1 
ATOM   199 C  "C3'" . A   A 1 10 ? -4.847  -11.716 2.824   1.00 40.75  ? 10  A   A "C3'" 1 
ATOM   200 O  "O3'" . A   A 1 10 ? -5.791  -12.603 3.416   1.00 39.81  ? 10  A   A "O3'" 1 
ATOM   201 C  "C2'" . A   A 1 10 ? -3.836  -11.142 3.807   1.00 39.92  ? 10  A   A "C2'" 1 
ATOM   202 O  "O2'" . A   A 1 10 ? -3.364  -12.192 4.621   1.00 42.31  ? 10  A   A "O2'" 1 
ATOM   203 C  "C1'" . A   A 1 10 ? -2.735  -10.672 2.851   1.00 37.38  ? 10  A   A "C1'" 1 
ATOM   204 N  N9    . A   A 1 10 ? -2.948  -9.309  2.404   1.00 37.95  ? 10  A   A N9    1 
ATOM   205 C  C8    . A   A 1 10 ? -3.526  -8.884  1.234   1.00 38.06  ? 10  A   A C8    1 
ATOM   206 N  N7    . A   A 1 10 ? -3.582  -7.585  1.118   1.00 36.12  ? 10  A   A N7    1 
ATOM   207 C  C5    . A   A 1 10 ? -3.019  -7.121  2.295   1.00 36.56  ? 10  A   A C5    1 
ATOM   208 C  C6    . A   A 1 10 ? -2.829  -5.831  2.799   1.00 41.01  ? 10  A   A C6    1 
ATOM   209 N  N6    . A   A 1 10 ? -3.133  -4.729  2.122   1.00 42.57  ? 10  A   A N6    1 
ATOM   210 N  N1    . A   A 1 10 ? -2.261  -5.709  4.016   1.00 37.15  ? 10  A   A N1    1 
ATOM   211 C  C2    . A   A 1 10 ? -1.931  -6.820  4.683   1.00 41.92  ? 10  A   A C2    1 
ATOM   212 N  N3    . A   A 1 10 ? -2.051  -8.090  4.309   1.00 37.61  ? 10  A   A N3    1 
ATOM   213 C  C4    . A   A 1 10 ? -2.614  -8.171  3.091   1.00 35.77  ? 10  A   A C4    1 
ATOM   214 P  P     . G   A 1 11 ? -7.224  -12.018 3.926   1.00 45.38  ? 11  G   A P     1 
ATOM   215 O  OP1   . G   A 1 11 ? -8.065  -13.172 4.234   1.00 49.35  ? 11  G   A OP1   1 
ATOM   216 O  OP2   . G   A 1 11 ? -7.643  -10.997 2.992   1.00 42.07  ? 11  G   A OP2   1 
ATOM   217 O  "O5'" . G   A 1 11 ? -6.897  -11.170 5.225   1.00 40.69  ? 11  G   A "O5'" 1 
ATOM   218 C  "C5'" . G   A 1 11 ? -6.290  -11.819 6.354   1.00 46.11  ? 11  G   A "C5'" 1 
ATOM   219 C  "C4'" . G   A 1 11 ? -5.768  -10.799 7.323   1.00 45.76  ? 11  G   A "C4'" 1 
ATOM   220 O  "O4'" . G   A 1 11 ? -4.784  -9.969  6.666   1.00 42.86  ? 11  G   A "O4'" 1 
ATOM   221 C  "C3'" . G   A 1 11 ? -6.794  -9.792  7.832   1.00 48.30  ? 11  G   A "C3'" 1 
ATOM   222 O  "O3'" . G   A 1 11 ? -7.589  -10.291 8.906   1.00 54.79  ? 11  G   A "O3'" 1 
ATOM   223 C  "C2'" . G   A 1 11 ? -5.899  -8.663  8.299   1.00 40.90  ? 11  G   A "C2'" 1 
ATOM   224 O  "O2'" . G   A 1 11 ? -5.290  -8.948  9.528   1.00 45.32  ? 11  G   A "O2'" 1 
ATOM   225 C  "C1'" . G   A 1 11 ? -4.833  -8.665  7.200   1.00 41.63  ? 11  G   A "C1'" 1 
ATOM   226 N  N9    . G   A 1 11 ? -5.159  -7.748  6.116   1.00 40.90  ? 11  G   A N9    1 
ATOM   227 C  C8    . G   A 1 11 ? -5.695  -8.049  4.886   1.00 38.85  ? 11  G   A C8    1 
ATOM   228 N  N7    . G   A 1 11 ? -5.916  -6.993  4.153   1.00 39.39  ? 11  G   A N7    1 
ATOM   229 C  C5    . G   A 1 11 ? -5.472  -5.933  4.938   1.00 39.62  ? 11  G   A C5    1 
ATOM   230 C  C6    . G   A 1 11 ? -5.443  -4.553  4.668   1.00 40.16  ? 11  G   A C6    1 
ATOM   231 O  O6    . G   A 1 11 ? -5.795  -3.970  3.650   1.00 41.93  ? 11  G   A O6    1 
ATOM   232 N  N1    . G   A 1 11 ? -5.006  -3.824  5.764   1.00 43.47  ? 11  G   A N1    1 
ATOM   233 C  C2    . G   A 1 11 ? -4.577  -4.364  6.949   1.00 44.20  ? 11  G   A C2    1 
ATOM   234 N  N2    . G   A 1 11 ? -4.162  -3.493  7.881   1.00 42.95  ? 11  G   A N2    1 
ATOM   235 N  N3    . G   A 1 11 ? -4.564  -5.661  7.205   1.00 41.60  ? 11  G   A N3    1 
ATOM   236 C  C4    . G   A 1 11 ? -5.025  -6.382  6.159   1.00 43.05  ? 11  G   A C4    1 
ATOM   237 P  P     . U   A 1 12 ? -9.137  -9.809  9.077   1.00 51.03  ? 12  U   A P     1 
ATOM   238 O  OP1   . U   A 1 12 ? -9.819  -10.795 10.003  1.00 55.53  ? 12  U   A OP1   1 
ATOM   239 O  OP2   . U   A 1 12 ? -9.717  -9.546  7.763   1.00 46.77  ? 12  U   A OP2   1 
ATOM   240 O  "O5'" . U   A 1 12 ? -8.968  -8.348  9.701   1.00 44.11  ? 12  U   A "O5'" 1 
ATOM   241 C  "C5'" . U   A 1 12 ? -8.211  -8.081  10.890  1.00 50.25  ? 12  U   A "C5'" 1 
ATOM   242 C  "C4'" . U   A 1 12 ? -8.035  -6.590  11.140  1.00 50.04  ? 12  U   A "C4'" 1 
ATOM   243 O  "O4'" . U   A 1 12 ? -7.091  -5.996  10.207  1.00 47.12  ? 12  U   A "O4'" 1 
ATOM   244 C  "C3'" . U   A 1 12 ? -9.273  -5.706  11.017  1.00 50.61  ? 12  U   A "C3'" 1 
ATOM   245 O  "O3'" . U   A 1 12 ? -10.099 -5.794  12.177  1.00 51.01  ? 12  U   A "O3'" 1 
ATOM   246 C  "C2'" . U   A 1 12 ? -8.644  -4.334  10.852  1.00 49.19  ? 12  U   A "C2'" 1 
ATOM   247 O  "O2'" . U   A 1 12 ? -8.043  -3.875  12.038  1.00 49.47  ? 12  U   A "O2'" 1 
ATOM   248 C  "C1'" . U   A 1 12 ? -7.494  -4.664  9.908   1.00 44.69  ? 12  U   A "C1'" 1 
ATOM   249 N  N1    . U   A 1 12 ? -7.880  -4.577  8.493   1.00 42.56  ? 12  U   A N1    1 
ATOM   250 C  C2    . U   A 1 12 ? -7.888  -3.311  7.934   1.00 43.66  ? 12  U   A C2    1 
ATOM   251 O  O2    . U   A 1 12 ? -7.569  -2.316  8.553   1.00 45.40  ? 12  U   A O2    1 
ATOM   252 N  N3    . U   A 1 12 ? -8.218  -3.267  6.603   1.00 37.71  ? 12  U   A N3    1 
ATOM   253 C  C4    . U   A 1 12 ? -8.609  -4.312  5.810   1.00 40.69  ? 12  U   A C4    1 
ATOM   254 O  O4    . U   A 1 12 ? -8.907  -4.099  4.632   1.00 44.01  ? 12  U   A O4    1 
ATOM   255 C  C5    . U   A 1 12 ? -8.642  -5.584  6.475   1.00 45.89  ? 12  U   A C5    1 
ATOM   256 C  C6    . U   A 1 12 ? -8.296  -5.667  7.768   1.00 42.91  ? 12  U   A C6    1 
ATOM   257 P  P     . C   A 1 13 ? -11.638 -5.587  12.028  1.00 52.17  ? 13  C   A P     1 
ATOM   258 O  OP1   . C   A 1 13 ? -12.264 -5.902  13.347  1.00 60.62  ? 13  C   A OP1   1 
ATOM   259 O  OP2   . C   A 1 13 ? -12.065 -6.279  10.797  1.00 54.44  ? 13  C   A OP2   1 
ATOM   260 O  "O5'" . C   A 1 13 ? -11.793 -4.015  11.755  1.00 46.56  ? 13  C   A "O5'" 1 
ATOM   261 C  "C5'" . C   A 1 13 ? -11.325 -3.061  12.728  1.00 44.60  ? 13  C   A "C5'" 1 
ATOM   262 C  "C4'" . C   A 1 13 ? -11.308 -1.668  12.133  1.00 45.62  ? 13  C   A "C4'" 1 
ATOM   263 O  "O4'" . C   A 1 13 ? -10.321 -1.555  11.060  1.00 44.62  ? 13  C   A "O4'" 1 
ATOM   264 C  "C3'" . C   A 1 13 ? -12.591 -1.233  11.451  1.00 44.07  ? 13  C   A "C3'" 1 
ATOM   265 O  "O3'" . C   A 1 13 ? -13.544 -0.865  12.415  1.00 48.19  ? 13  C   A "O3'" 1 
ATOM   266 C  "C2'" . C   A 1 13 ? -12.084 -0.065  10.630  1.00 40.90  ? 13  C   A "C2'" 1 
ATOM   267 O  "O2'" . C   A 1 13 ? -11.710 1.050   11.388  1.00 39.49  ? 13  C   A "O2'" 1 
ATOM   268 C  "C1'" . C   A 1 13 ? -10.804 -0.672  10.076  1.00 42.75  ? 13  C   A "C1'" 1 
ATOM   269 N  N1    . C   A 1 13 ? -11.060 -1.395  8.810   1.00 39.42  ? 13  C   A N1    1 
ATOM   270 C  C2    . C   A 1 13 ? -11.032 -0.630  7.644   1.00 39.44  ? 13  C   A C2    1 
ATOM   271 O  O2    . C   A 1 13 ? -10.763 0.578   7.730   1.00 39.17  ? 13  C   A O2    1 
ATOM   272 N  N3    . C   A 1 13 ? -11.264 -1.226  6.455   1.00 36.48  ? 13  C   A N3    1 
ATOM   273 C  C4    . C   A 1 13 ? -11.535 -2.529  6.404   1.00 43.67  ? 13  C   A C4    1 
ATOM   274 N  N4    . C   A 1 13 ? -11.804 -3.060  5.208   1.00 40.54  ? 13  C   A N4    1 
ATOM   275 C  C5    . C   A 1 13 ? -11.618 -3.326  7.585   1.00 39.64  ? 13  C   A C5    1 
ATOM   276 C  C6    . C   A 1 13 ? -11.374 -2.723  8.754   1.00 37.60  ? 13  C   A C6    1 
ATOM   277 P  P     . G   A 1 14 ? -15.084 -0.917  12.061  1.00 46.94  ? 14  G   A P     1 
ATOM   278 O  OP1   . G   A 1 14 ? -15.793 -0.289  13.214  1.00 51.03  ? 14  G   A OP1   1 
ATOM   279 O  OP2   . G   A 1 14 ? -15.420 -2.228  11.473  1.00 44.39  ? 14  G   A OP2   1 
ATOM   280 O  "O5'" . G   A 1 14 ? -15.278 0.102   10.845  1.00 44.87  ? 14  G   A "O5'" 1 
ATOM   281 C  "C5'" . G   A 1 14 ? -15.272 1.492   11.143  1.00 40.74  ? 14  G   A "C5'" 1 
ATOM   282 C  "C4'" . G   A 1 14 ? -15.337 2.292   9.869   1.00 45.39  ? 14  G   A "C4'" 1 
ATOM   283 O  "O4'" . G   A 1 14 ? -14.233 1.982   8.985   1.00 39.66  ? 14  G   A "O4'" 1 
ATOM   284 C  "C3'" . G   A 1 14 ? -16.533 2.023   8.981   1.00 44.83  ? 14  G   A "C3'" 1 
ATOM   285 O  "O3'" . G   A 1 14 ? -17.551 2.704   9.676   1.00 53.69  ? 14  G   A "O3'" 1 
ATOM   286 C  "C2'" . G   A 1 14 ? -16.088 2.692   7.698   1.00 39.07  ? 14  G   A "C2'" 1 
ATOM   287 O  "O2'" . G   A 1 14 ? -16.087 4.089   7.842   1.00 40.01  ? 14  G   A "O2'" 1 
ATOM   288 C  "C1'" . G   A 1 14 ? -14.633 2.238   7.647   1.00 37.79  ? 14  G   A "C1'" 1 
ATOM   289 N  N9    . G   A 1 14 ? -14.522 1.015   6.879   1.00 37.17  ? 14  G   A N9    1 
ATOM   290 C  C8    . G   A 1 14 ? -14.517 -0.287  7.322   1.00 36.62  ? 14  G   A C8    1 
ATOM   291 N  N7    . G   A 1 14 ? -14.434 -1.150  6.348   1.00 40.96  ? 14  G   A N7    1 
ATOM   292 C  C5    . G   A 1 14 ? -14.479 -0.373  5.198   1.00 41.29  ? 14  G   A C5    1 
ATOM   293 C  C6    . G   A 1 14 ? -14.475 -0.746  3.827   1.00 42.60  ? 14  G   A C6    1 
ATOM   294 O  O6    . G   A 1 14 ? -14.412 -1.870  3.337   1.00 40.81  ? 14  G   A O6    1 
ATOM   295 N  N1    . G   A 1 14 ? -14.533 0.368   2.994   1.00 43.31  ? 14  G   A N1    1 
ATOM   296 C  C2    . G   A 1 14 ? -14.575 1.672   3.420   1.00 41.23  ? 14  G   A C2    1 
ATOM   297 N  N2    . G   A 1 14 ? -14.625 2.617   2.461   1.00 43.52  ? 14  G   A N2    1 
ATOM   298 N  N3    . G   A 1 14 ? -14.598 2.030   4.687   1.00 41.79  ? 14  G   A N3    1 
ATOM   299 C  C4    . G   A 1 14 ? -14.581 0.963   5.515   1.00 39.11  ? 14  G   A C4    1 
ATOM   300 P  P     . G   A 1 15 ? -19.085 2.406   9.328   1.00 52.46  ? 15  G   A P     1 
ATOM   301 O  OP1   . G   A 1 15 ? -19.884 3.134   10.368  1.00 54.05  ? 15  G   A OP1   1 
ATOM   302 O  OP2   . G   A 1 15 ? -19.232 0.960   9.115   1.00 45.90  ? 15  G   A OP2   1 
ATOM   303 O  "O5'" . G   A 1 15 ? -19.208 3.075   7.889   1.00 52.62  ? 15  G   A "O5'" 1 
ATOM   304 C  "C5'" . G   A 1 15 ? -19.749 2.354   6.817   1.00 50.79  ? 15  G   A "C5'" 1 
ATOM   305 C  "C4'" . G   A 1 15 ? -19.487 3.118   5.556   1.00 53.57  ? 15  G   A "C4'" 1 
ATOM   306 O  "O4'" . G   A 1 15 ? -18.166 2.742   5.074   1.00 52.25  ? 15  G   A "O4'" 1 
ATOM   307 C  "C3'" . G   A 1 15 ? -20.450 2.775   4.435   1.00 47.77  ? 15  G   A "C3'" 1 
ATOM   308 O  "O3'" . G   A 1 15 ? -21.534 3.684   4.463   1.00 49.93  ? 15  G   A "O3'" 1 
ATOM   309 C  "C2'" . G   A 1 15 ? -19.588 2.965   3.194   1.00 51.25  ? 15  G   A "C2'" 1 
ATOM   310 O  "O2'" . G   A 1 15 ? -19.583 4.329   2.832   1.00 48.71  ? 15  G   A "O2'" 1 
ATOM   311 C  "C1'" . G   A 1 15 ? -18.216 2.491   3.691   1.00 47.38  ? 15  G   A "C1'" 1 
ATOM   312 N  N9    . G   A 1 15 ? -17.945 1.075   3.461   1.00 40.72  ? 15  G   A N9    1 
ATOM   313 C  C8    . G   A 1 15 ? -17.779 0.063   4.380   1.00 43.29  ? 15  G   A C8    1 
ATOM   314 N  N7    . G   A 1 15 ? -17.531 -1.092  3.829   1.00 40.53  ? 15  G   A N7    1 
ATOM   315 C  C5    . G   A 1 15 ? -17.572 -0.836  2.469   1.00 40.72  ? 15  G   A C5    1 
ATOM   316 C  C6    . G   A 1 15 ? -17.403 -1.704  1.367   1.00 44.73  ? 15  G   A C6    1 
ATOM   317 O  O6    . G   A 1 15 ? -17.153 -2.911  1.369   1.00 43.99  ? 15  G   A O6    1 
ATOM   318 N  N1    . G   A 1 15 ? -17.524 -1.027  0.159   1.00 46.09  ? 15  G   A N1    1 
ATOM   319 C  C2    . G   A 1 15 ? -17.768 0.320   0.026   1.00 46.42  ? 15  G   A C2    1 
ATOM   320 N  N2    . G   A 1 15 ? -17.852 0.795   -1.227  1.00 42.11  ? 15  G   A N2    1 
ATOM   321 N  N3    . G   A 1 15 ? -17.946 1.139   1.046   1.00 43.64  ? 15  G   A N3    1 
ATOM   322 C  C4    . G   A 1 15 ? -17.827 0.499   2.228   1.00 41.87  ? 15  G   A C4    1 
HETATM 323 O  "O5'" . LCC B 1 1  ? -17.468 -9.739  -8.293  1.00 55.40  ? 1   LCC B "O5'" 1 
HETATM 324 C  "C5'" . LCC B 1 1  ? -18.086 -9.060  -9.395  1.00 50.86  ? 1   LCC B "C5'" 1 
HETATM 325 C  "C4'" . LCC B 1 1  ? -18.681 -7.827  -8.750  1.00 48.78  ? 1   LCC B "C4'" 1 
HETATM 326 O  "O4'" . LCC B 1 1  ? -19.742 -7.898  -7.735  1.00 49.24  ? 1   LCC B "O4'" 1 
HETATM 327 C  "C1'" . LCC B 1 1  ? -19.754 -6.519  -7.108  1.00 50.91  ? 1   LCC B "C1'" 1 
HETATM 328 N  N1    . LCC B 1 1  ? -19.520 -6.594  -5.651  1.00 49.62  ? 1   LCC B N1    1 
HETATM 329 C  C6    . LCC B 1 1  ? -19.053 -7.823  -5.187  1.00 55.95  ? 1   LCC B C6    1 
HETATM 330 C  C5    . LCC B 1 1  ? -18.814 -8.022  -3.854  1.00 62.43  ? 1   LCC B C5    1 
HETATM 331 C  C5M   . LCC B 1 1  ? -18.327 -9.271  -3.392  1.00 70.95  ? 1   LCC B C5M   1 
HETATM 332 C  C4    . LCC B 1 1  ? -19.058 -6.963  -3.016  1.00 57.58  ? 1   LCC B C4    1 
HETATM 333 N  N4    . LCC B 1 1  ? -18.809 -7.207  -1.739  1.00 67.35  ? 1   LCC B N4    1 
HETATM 334 N  N3    . LCC B 1 1  ? -19.512 -5.776  -3.464  1.00 62.95  ? 1   LCC B N3    1 
HETATM 335 C  C2    . LCC B 1 1  ? -19.744 -5.595  -4.772  1.00 51.39  ? 1   LCC B C2    1 
HETATM 336 O  O2    . LCC B 1 1  ? -20.132 -4.507  -5.137  1.00 58.12  ? 1   LCC B O2    1 
HETATM 337 C  "C3'" . LCC B 1 1  ? -17.666 -7.015  -8.046  1.00 45.43  ? 1   LCC B "C3'" 1 
HETATM 338 C  "C2'" . LCC B 1 1  ? -18.600 -5.879  -7.808  1.00 48.28  ? 1   LCC B "C2'" 1 
HETATM 339 O  "O2'" . LCC B 1 1  ? -19.065 -5.579  -9.129  1.00 50.04  ? 1   LCC B "O2'" 1 
HETATM 340 O  "O3'" . LCC B 1 1  ? -16.611 -6.674  -8.961  1.00 51.39  ? 1   LCC B "O3'" 1 
HETATM 341 C  "C6'" . LCC B 1 1  ? -19.171 -6.921  -9.886  1.00 51.16  ? 1   LCC B "C6'" 1 
HETATM 342 O  "O5'" . LCC B 1 2  ? -15.586 -4.487  -7.817  1.00 43.97  ? 2   LCC B "O5'" 1 
HETATM 343 C  "C5'" . LCC B 1 2  ? -16.099 -3.501  -8.739  1.00 47.01  ? 2   LCC B "C5'" 1 
HETATM 344 C  "C4'" . LCC B 1 2  ? -16.658 -2.448  -7.757  1.00 48.21  ? 2   LCC B "C4'" 1 
HETATM 345 O  "O4'" . LCC B 1 2  ? -17.647 -2.845  -6.869  1.00 48.51  ? 2   LCC B "O4'" 1 
HETATM 346 C  "C1'" . LCC B 1 2  ? -17.612 -1.897  -5.805  1.00 45.68  ? 2   LCC B "C1'" 1 
HETATM 347 N  N1    . LCC B 1 2  ? -17.229 -2.593  -4.582  1.00 49.73  ? 2   LCC B N1    1 
HETATM 348 C  C6    . LCC B 1 2  ? -16.684 -3.885  -4.566  1.00 47.30  ? 2   LCC B C6    1 
HETATM 349 C  C5    . LCC B 1 2  ? -16.402 -4.445  -3.337  1.00 48.62  ? 2   LCC B C5    1 
HETATM 350 C  C5M   . LCC B 1 2  ? -15.819 -5.733  -3.301  1.00 54.00  ? 2   LCC B C5M   1 
HETATM 351 C  C4    . LCC B 1 2  ? -16.709 -3.700  -2.209  1.00 47.11  ? 2   LCC B C4    1 
HETATM 352 N  N4    . LCC B 1 2  ? -16.453 -4.193  -1.021  1.00 46.45  ? 2   LCC B N4    1 
HETATM 353 N  N3    . LCC B 1 2  ? -17.253 -2.474  -2.266  1.00 44.79  ? 2   LCC B N3    1 
HETATM 354 C  C2    . LCC B 1 2  ? -17.515 -1.935  -3.454  1.00 45.66  ? 2   LCC B C2    1 
HETATM 355 O  O2    . LCC B 1 2  ? -17.981 -0.785  -3.518  1.00 42.64  ? 2   LCC B O2    1 
HETATM 356 C  "C3'" . LCC B 1 2  ? -15.608 -1.929  -6.828  1.00 50.45  ? 2   LCC B "C3'" 1 
HETATM 357 C  "C2'" . LCC B 1 2  ? -16.521 -0.919  -6.187  1.00 48.57  ? 2   LCC B "C2'" 1 
HETATM 358 O  "O2'" . LCC B 1 2  ? -16.999 -0.145  -7.280  1.00 49.30  ? 2   LCC B "O2'" 1 
HETATM 359 O  "O3'" . LCC B 1 2  ? -14.586 -1.326  -7.581  1.00 52.21  ? 2   LCC B "O3'" 1 
HETATM 360 C  "C6'" . LCC B 1 2  ? -17.182 -1.116  -8.446  1.00 51.40  ? 2   LCC B "C6'" 1 
HETATM 361 P  P     . LCC B 1 2  ? -15.189 -6.018  -8.344  1.00 47.86  ? 2   LCC B P     1 
HETATM 362 O  O1P   . LCC B 1 2  ? -14.590 -6.761  -7.175  1.00 45.57  ? 2   LCC B O1P   1 
HETATM 363 O  O2P   . LCC B 1 2  ? -14.577 -5.800  -9.704  1.00 49.22  ? 2   LCC B O2P   1 
HETATM 364 O  "O5'" . LCC B 1 3  ? -13.162 0.279   -5.947  1.00 41.91  ? 3   LCC B "O5'" 1 
HETATM 365 C  "C5'" . LCC B 1 3  ? -13.759 1.512   -6.380  1.00 42.28  ? 3   LCC B "C5'" 1 
HETATM 366 C  "C4'" . LCC B 1 3  ? -14.079 2.257   -5.127  1.00 40.83  ? 3   LCC B "C4'" 1 
HETATM 367 O  "O4'" . LCC B 1 3  ? -15.072 1.575   -4.332  1.00 40.69  ? 3   LCC B "O4'" 1 
HETATM 368 C  "C1'" . LCC B 1 3  ? -14.834 2.127   -2.991  1.00 40.57  ? 3   LCC B "C1'" 1 
HETATM 369 N  N1    . LCC B 1 3  ? -14.486 0.966   -2.137  1.00 41.08  ? 3   LCC B N1    1 
HETATM 370 C  C6    . LCC B 1 3  ? -14.044 -0.293  -2.700  1.00 41.54  ? 3   LCC B C6    1 
HETATM 371 C  C5    . LCC B 1 3  ? -13.808 -1.362  -1.879  1.00 40.76  ? 3   LCC B C5    1 
HETATM 372 C  C5M   . LCC B 1 3  ? -13.322 -2.571  -2.466  1.00 41.51  ? 3   LCC B C5M   1 
HETATM 373 C  C4    . LCC B 1 3  ? -14.016 -1.134  -0.499  1.00 43.78  ? 3   LCC B C4    1 
HETATM 374 N  N4    . LCC B 1 3  ? -13.789 -2.107  0.385   1.00 42.88  ? 3   LCC B N4    1 
HETATM 375 N  N3    . LCC B 1 3  ? -14.441 0.039   -0.015  1.00 42.47  ? 3   LCC B N3    1 
HETATM 376 C  C2    . LCC B 1 3  ? -14.647 1.104   -0.824  1.00 41.24  ? 3   LCC B C2    1 
HETATM 377 O  O2    . LCC B 1 3  ? -15.045 2.171   -0.340  1.00 38.91  ? 3   LCC B O2    1 
HETATM 378 C  "C3'" . LCC B 1 3  ? -13.007 2.368   -4.158  1.00 39.33  ? 3   LCC B "C3'" 1 
HETATM 379 C  "C2'" . LCC B 1 3  ? -13.807 3.131   -3.165  1.00 38.35  ? 3   LCC B "C2'" 1 
HETATM 380 O  "O2'" . LCC B 1 3  ? -14.321 4.194   -3.971  1.00 40.49  ? 3   LCC B "O2'" 1 
HETATM 381 O  "O3'" . LCC B 1 3  ? -12.079 3.169   -4.776  1.00 40.62  ? 3   LCC B "O3'" 1 
HETATM 382 C  "C6'" . LCC B 1 3  ? -14.458 3.713   -5.386  1.00 41.99  ? 3   LCC B "C6'" 1 
HETATM 383 P  P     . LCC B 1 3  ? -13.093 -0.874  -7.071  1.00 51.08  ? 3   LCC B P     1 
HETATM 384 O  O1P   . LCC B 1 3  ? -12.795 -2.071  -6.208  1.00 47.66  ? 3   LCC B O1P   1 
HETATM 385 O  O2P   . LCC B 1 3  ? -12.167 -0.402  -8.213  1.00 50.71  ? 3   LCC B O2P   1 
HETATM 386 P  P     . LCG B 1 4  ? -10.487 3.196   -4.319  1.00 43.16  ? 4   LCG B P     1 
HETATM 387 O  OP1   . LCG B 1 4  ? -9.840  4.153   -5.353  1.00 41.87  ? 4   LCG B OP1   1 
HETATM 388 O  "O5'" . LCG B 1 4  ? -10.419 3.739   -2.763  1.00 40.68  ? 4   LCG B "O5'" 1 
HETATM 389 C  "C5'" . LCG B 1 4  ? -10.709 5.160   -2.595  1.00 38.89  ? 4   LCG B "C5'" 1 
HETATM 390 C  "C3'" . LCG B 1 4  ? -9.615  4.896   -0.407  1.00 38.63  ? 4   LCG B "C3'" 1 
HETATM 391 C  "C6'" . LCG B 1 4  ? -11.067 6.694   -0.611  1.00 38.79  ? 4   LCG B "C6'" 1 
HETATM 392 N  N9    . LCG B 1 4  ? -11.286 2.826   0.910   1.00 40.89  ? 4   LCG B N9    1 
HETATM 393 C  C8    . LCG B 1 4  ? -11.256 1.852   -0.008  1.00 40.11  ? 4   LCG B C8    1 
HETATM 394 C  C4    . LCG B 1 4  ? -11.269 2.257   2.118   1.00 40.68  ? 4   LCG B C4    1 
HETATM 395 N  N7    . LCG B 1 4  ? -11.165 0.680   0.623   1.00 38.60  ? 4   LCG B N7    1 
HETATM 396 C  C5    . LCG B 1 4  ? -11.177 0.904   1.934   1.00 39.76  ? 4   LCG B C5    1 
HETATM 397 C  C6    . LCG B 1 4  ? -11.155 0.076   3.004   1.00 39.25  ? 4   LCG B C6    1 
HETATM 398 C  "C2'" . LCG B 1 4  ? -10.193 5.162   0.896   1.00 41.53  ? 4   LCG B "C2'" 1 
HETATM 399 O  O6    . LCG B 1 4  ? -11.113 -1.156  2.967   1.00 38.57  ? 4   LCG B O6    1 
HETATM 400 C  "C4'" . LCG B 1 4  ? -10.805 5.333   -1.093  1.00 36.29  ? 4   LCG B "C4'" 1 
HETATM 401 C  "C1'" . LCG B 1 4  ? -11.436 4.288   0.791   1.00 38.38  ? 4   LCG B "C1'" 1 
HETATM 402 C  C2    . LCG B 1 4  ? -11.281 1.992   4.428   1.00 41.15  ? 4   LCG B C2    1 
HETATM 403 N  N1    . LCG B 1 4  ? -11.170 0.618   4.262   1.00 37.58  ? 4   LCG B N1    1 
HETATM 404 O  "O4'" . LCG B 1 4  ? -11.818 4.455   -0.604  1.00 40.83  ? 4   LCG B "O4'" 1 
HETATM 405 O  OP2   . LCG B 1 4  ? -10.102 1.732   -4.218  1.00 38.52  ? 4   LCG B OP2   1 
HETATM 406 N  N2    . LCG B 1 4  ? -11.282 2.385   5.660   1.00 37.77  ? 4   LCG B N2    1 
HETATM 407 N  N3    . LCG B 1 4  ? -11.293 2.845   3.355   1.00 36.95  ? 4   LCG B N3    1 
HETATM 408 O  "O2'" . LCG B 1 4  ? -10.571 6.510   0.783   1.00 42.44  ? 4   LCG B "O2'" 1 
HETATM 409 O  "O3'" . LCG B 1 4  ? -8.518  5.707   -0.737  1.00 41.99  ? 4   LCG B "O3'" 1 
ATOM   410 P  P     . A   B 1 5  ? -6.969  5.105   -0.622  1.00 43.16  ? 5   A   B P     1 
ATOM   411 O  OP1   . A   B 1 5  ? -6.163  6.193   -1.240  1.00 50.02  ? 5   A   B OP1   1 
ATOM   412 O  OP2   . A   B 1 5  ? -6.782  3.685   -1.031  1.00 39.40  ? 5   A   B OP2   1 
ATOM   413 O  "O5'" . A   B 1 5  ? -6.622  5.115   0.947   1.00 40.55  ? 5   A   B "O5'" 1 
ATOM   414 C  "C5'" . A   B 1 5  ? -6.699  6.343   1.676   1.00 39.33  ? 5   A   B "C5'" 1 
ATOM   415 C  "C4'" . A   B 1 5  ? -6.684  6.063   3.162   1.00 41.53  ? 5   A   B "C4'" 1 
ATOM   416 O  "O4'" . A   B 1 5  ? -7.833  5.245   3.534   1.00 37.15  ? 5   A   B "O4'" 1 
ATOM   417 C  "C3'" . A   B 1 5  ? -5.490  5.251   3.646   1.00 41.69  ? 5   A   B "C3'" 1 
ATOM   418 O  "O3'" . A   B 1 5  ? -4.348  6.080   3.779   1.00 41.32  ? 5   A   B "O3'" 1 
ATOM   419 C  "C2'" . A   B 1 5  ? -6.034  4.685   4.946   1.00 40.95  ? 5   A   B "C2'" 1 
ATOM   420 O  "O2'" . A   B 1 5  ? -6.021  5.714   5.909   1.00 41.76  ? 5   A   B "O2'" 1 
ATOM   421 C  "C1'" . A   B 1 5  ? -7.452  4.300   4.523   1.00 40.84  ? 5   A   B "C1'" 1 
ATOM   422 N  N9    . A   B 1 5  ? -7.577  2.948   3.955   1.00 40.89  ? 5   A   B N9    1 
ATOM   423 C  C8    . A   B 1 5  ? -7.547  2.567   2.641   1.00 40.92  ? 5   A   B C8    1 
ATOM   424 N  N7    . A   B 1 5  ? -7.696  1.281   2.459   1.00 37.93  ? 5   A   B N7    1 
ATOM   425 C  C5    . A   B 1 5  ? -7.802  0.774   3.744   1.00 38.61  ? 5   A   B C5    1 
ATOM   426 C  C6    . A   B 1 5  ? -8.002  -0.527  4.228   1.00 40.97  ? 5   A   B C6    1 
ATOM   427 N  N6    . A   B 1 5  ? -8.095  -1.602  3.443   1.00 42.46  ? 5   A   B N6    1 
ATOM   428 N  N1    . A   B 1 5  ? -8.078  -0.692  5.564   1.00 40.21  ? 5   A   B N1    1 
ATOM   429 C  C2    . A   B 1 5  ? -7.969  0.390   6.354   1.00 41.55  ? 5   A   B C2    1 
ATOM   430 N  N3    . A   B 1 5  ? -7.777  1.662   6.013   1.00 40.74  ? 5   A   B N3    1 
ATOM   431 C  C4    . A   B 1 5  ? -7.751  1.791   4.676   1.00 39.04  ? 5   A   B C4    1 
ATOM   432 P  P     . C   B 1 6  ? -2.884  5.415   3.777   1.00 47.32  ? 6   C   B P     1 
ATOM   433 O  OP1   . C   B 1 6  ? -1.958  6.541   3.794   1.00 48.87  ? 6   C   B OP1   1 
ATOM   434 O  OP2   . C   B 1 6  ? -2.843  4.364   2.732   1.00 44.92  ? 6   C   B OP2   1 
ATOM   435 O  "O5'" . C   B 1 6  ? -2.856  4.511   5.078   1.00 42.75  ? 6   C   B "O5'" 1 
ATOM   436 C  "C5'" . C   B 1 6  ? -2.865  5.102   6.379   1.00 47.25  ? 6   C   B "C5'" 1 
ATOM   437 C  "C4'" . C   B 1 6  ? -3.024  4.028   7.425   1.00 46.59  ? 6   C   B "C4'" 1 
ATOM   438 O  "O4'" . C   B 1 6  ? -4.265  3.275   7.198   1.00 43.24  ? 6   C   B "O4'" 1 
ATOM   439 C  "C3'" . C   B 1 6  ? -1.941  2.951   7.483   1.00 45.94  ? 6   C   B "C3'" 1 
ATOM   440 O  "O3'" . C   B 1 6  ? -0.735  3.344   8.168   1.00 51.43  ? 6   C   B "O3'" 1 
ATOM   441 C  "C2'" . C   B 1 6  ? -2.688  1.837   8.206   1.00 43.40  ? 6   C   B "C2'" 1 
ATOM   442 O  "O2'" . C   B 1 6  ? -2.957  2.043   9.597   1.00 42.13  ? 6   C   B "O2'" 1 
ATOM   443 C  "C1'" . C   B 1 6  ? -4.041  1.901   7.501   1.00 43.53  ? 6   C   B "C1'" 1 
ATOM   444 N  N1    . C   B 1 6  ? -4.183  1.086   6.271   1.00 41.34  ? 6   C   B N1    1 
ATOM   445 C  C2    . C   B 1 6  ? -4.599  -0.241  6.416   1.00 43.09  ? 6   C   B C2    1 
ATOM   446 O  O2    . C   B 1 6  ? -4.712  -0.706  7.553   1.00 40.53  ? 6   C   B O2    1 
ATOM   447 N  N3    . C   B 1 6  ? -4.793  -1.003  5.313   1.00 36.38  ? 6   C   B N3    1 
ATOM   448 C  C4    . C   B 1 6  ? -4.631  -0.473  4.101   1.00 43.65  ? 6   C   B C4    1 
ATOM   449 N  N4    . C   B 1 6  ? -4.837  -1.264  3.038   1.00 44.57  ? 6   C   B N4    1 
ATOM   450 C  C5    . C   B 1 6  ? -4.234  0.885   3.920   1.00 39.60  ? 6   C   B C5    1 
ATOM   451 C  C6    . C   B 1 6  ? -4.000  1.615   5.025   1.00 38.62  ? 6   C   B C6    1 
ATOM   452 P  P     . U   B 1 7  ? 0.734   2.771   7.728   1.00 51.60  ? 7   U   B P     1 
ATOM   453 O  OP1   . U   B 1 7  ? 1.762   3.514   8.521   1.00 59.27  ? 7   U   B OP1   1 
ATOM   454 O  OP2   . U   B 1 7  ? 0.805   2.755   6.285   1.00 46.13  ? 7   U   B OP2   1 
ATOM   455 O  "O5'" . U   B 1 7  ? 0.697   1.264   8.212   1.00 42.74  ? 7   U   B "O5'" 1 
ATOM   456 C  "C5'" . U   B 1 7  ? 0.370   0.952   9.559   1.00 45.69  ? 7   U   B "C5'" 1 
ATOM   457 C  "C4'" . U   B 1 7  ? 0.332   -0.536  9.752   1.00 48.84  ? 7   U   B "C4'" 1 
ATOM   458 O  "O4'" . U   B 1 7  ? -0.933  -1.086  9.292   1.00 48.46  ? 7   U   B "O4'" 1 
ATOM   459 C  "C3'" . U   B 1 7  ? 1.389   -1.343  9.003   1.00 49.53  ? 7   U   B "C3'" 1 
ATOM   460 O  "O3'" . U   B 1 7  ? 2.640   -1.403  9.680   1.00 54.66  ? 7   U   B "O3'" 1 
ATOM   461 C  "C2'" . U   B 1 7  ? 0.752   -2.709  9.013   1.00 44.71  ? 7   U   B "C2'" 1 
ATOM   462 O  "O2'" . U   B 1 7  ? 0.790   -3.262  10.298  1.00 43.54  ? 7   U   B "O2'" 1 
ATOM   463 C  "C1'" . U   B 1 7  ? -0.697  -2.352  8.705   1.00 47.79  ? 7   U   B "C1'" 1 
ATOM   464 N  N1    . U   B 1 7  ? -0.957  -2.263  7.263   1.00 44.81  ? 7   U   B N1    1 
ATOM   465 C  C2    . U   B 1 7  ? -1.293  -3.442  6.633   1.00 45.61  ? 7   U   B C2    1 
ATOM   466 O  O2    . U   B 1 7  ? -1.339  -4.509  7.216   1.00 42.65  ? 7   U   B O2    1 
ATOM   467 N  N3    . U   B 1 7  ? -1.606  -3.319  5.304   1.00 41.26  ? 7   U   B N3    1 
ATOM   468 C  C4    . U   B 1 7  ? -1.580  -2.174  4.543   1.00 42.71  ? 7   U   B C4    1 
ATOM   469 O  O4    . U   B 1 7  ? -1.851  -2.240  3.343   1.00 45.89  ? 7   U   B O4    1 
ATOM   470 C  C5    . U   B 1 7  ? -1.194  -0.995  5.257   1.00 44.43  ? 7   U   B C5    1 
ATOM   471 C  C6    . U   B 1 7  ? -0.887  -1.079  6.561   1.00 42.61  ? 7   U   B C6    1 
ATOM   472 P  P     . U   B 1 8  ? 3.995   -1.571  8.862   1.00 51.76  ? 8   U   B P     1 
ATOM   473 O  OP1   . U   B 1 8  ? 5.113   -1.504  9.828   1.00 56.44  ? 8   U   B OP1   1 
ATOM   474 O  OP2   . U   B 1 8  ? 3.941   -0.734  7.643   1.00 52.79  ? 8   U   B OP2   1 
ATOM   475 O  "O5'" . U   B 1 8  ? 3.929   -3.055  8.300   1.00 48.71  ? 8   U   B "O5'" 1 
ATOM   476 C  "C5'" . U   B 1 8  ? 3.951   -4.145  9.197   1.00 45.54  ? 8   U   B "C5'" 1 
ATOM   477 C  "C4'" . U   B 1 8  ? 3.590   -5.390  8.447   1.00 46.11  ? 8   U   B "C4'" 1 
ATOM   478 O  "O4'" . U   B 1 8  ? 2.262   -5.260  7.858   1.00 47.14  ? 8   U   B "O4'" 1 
ATOM   479 C  "C3'" . U   B 1 8  ? 4.471   -5.751  7.265   1.00 45.02  ? 8   U   B "C3'" 1 
ATOM   480 O  "O3'" . U   B 1 8  ? 5.741   -6.223  7.718   1.00 46.35  ? 8   U   B "O3'" 1 
ATOM   481 C  "C2'" . U   B 1 8  ? 3.560   -6.731  6.535   1.00 45.23  ? 8   U   B "C2'" 1 
ATOM   482 O  "O2'" . U   B 1 8  ? 3.492   -7.978  7.191   1.00 41.67  ? 8   U   B "O2'" 1 
ATOM   483 C  "C1'" . U   B 1 8  ? 2.199   -6.032  6.676   1.00 44.06  ? 8   U   B "C1'" 1 
ATOM   484 N  N1    . U   B 1 8  ? 1.861   -5.159  5.537   1.00 42.31  ? 8   U   B N1    1 
ATOM   485 C  C2    . U   B 1 8  ? 1.369   -5.810  4.419   1.00 45.34  ? 8   U   B C2    1 
ATOM   486 O  O2    . U   B 1 8  ? 1.232   -7.018  4.367   1.00 41.21  ? 8   U   B O2    1 
ATOM   487 N  N3    . U   B 1 8  ? 1.095   -5.000  3.348   1.00 41.32  ? 8   U   B N3    1 
ATOM   488 C  C4    . U   B 1 8  ? 1.273   -3.646  3.263   1.00 44.73  ? 8   U   B C4    1 
ATOM   489 O  O4    . U   B 1 8  ? 0.962   -3.064  2.223   1.00 43.14  ? 8   U   B O4    1 
ATOM   490 C  C5    . U   B 1 8  ? 1.809   -3.037  4.447   1.00 45.05  ? 8   U   B C5    1 
ATOM   491 C  C6    . U   B 1 8  ? 2.098   -3.803  5.512   1.00 44.05  ? 8   U   B C6    1 
ATOM   492 P  P     . A   B 1 9  ? 7.029   -6.037  6.803   1.00 49.72  ? 9   A   B P     1 
ATOM   493 O  OP1   . A   B 1 9  ? 8.175   -6.530  7.570   1.00 54.66  ? 9   A   B OP1   1 
ATOM   494 O  OP2   . A   B 1 9  ? 7.045   -4.690  6.218   1.00 46.81  ? 9   A   B OP2   1 
ATOM   495 O  "O5'" . A   B 1 9  ? 6.731   -7.006  5.562   1.00 43.34  ? 9   A   B "O5'" 1 
ATOM   496 C  "C5'" . A   B 1 9  ? 6.652   -8.424  5.798   1.00 43.11  ? 9   A   B "C5'" 1 
ATOM   497 C  "C4'" . A   B 1 9  ? 6.417   -9.177  4.516   1.00 40.80  ? 9   A   B "C4'" 1 
ATOM   498 O  "O4'" . A   B 1 9  ? 5.049   -8.975  4.077   1.00 43.27  ? 9   A   B "O4'" 1 
ATOM   499 C  "C3'" . A   B 1 9  ? 7.244   -8.748  3.311   1.00 44.05  ? 9   A   B "C3'" 1 
ATOM   500 O  "O3'" . A   B 1 9  ? 8.515   -9.352  3.346   1.00 42.34  ? 9   A   B "O3'" 1 
ATOM   501 C  "C2'" . A   B 1 9  ? 6.410   -9.294  2.171   1.00 40.24  ? 9   A   B "C2'" 1 
ATOM   502 O  "O2'" . A   B 1 9  ? 6.415   -10.698 2.067   1.00 42.87  ? 9   A   B "O2'" 1 
ATOM   503 C  "C1'" . A   B 1 9  ? 5.007   -8.955  2.665   1.00 42.01  ? 9   A   B "C1'" 1 
ATOM   504 N  N9    . A   B 1 9  ? 4.558   -7.646  2.242   1.00 41.25  ? 9   A   B N9    1 
ATOM   505 C  C8    . A   B 1 9  ? 4.617   -6.454  2.923   1.00 42.97  ? 9   A   B C8    1 
ATOM   506 N  N7    . A   B 1 9  ? 4.080   -5.451  2.275   1.00 45.54  ? 9   A   B N7    1 
ATOM   507 C  C5    . A   B 1 9  ? 3.645   -6.015  1.084   1.00 41.86  ? 9   A   B C5    1 
ATOM   508 C  C6    . A   B 1 9  ? 3.014   -5.467  -0.046  1.00 43.00  ? 9   A   B C6    1 
ATOM   509 N  N6    . A   B 1 9  ? 2.662   -4.185  -0.136  1.00 39.28  ? 9   A   B N6    1 
ATOM   510 N  N1    . A   B 1 9  ? 2.719   -6.301  -1.074  1.00 41.35  ? 9   A   B N1    1 
ATOM   511 C  C2    . A   B 1 9  ? 3.076   -7.593  -0.970  1.00 44.76  ? 9   A   B C2    1 
ATOM   512 N  N3    . A   B 1 9  ? 3.650   -8.229  0.057   1.00 39.37  ? 9   A   B N3    1 
ATOM   513 C  C4    . A   B 1 9  ? 3.930   -7.367  1.052   1.00 39.57  ? 9   A   B C4    1 
ATOM   514 P  P     . A   B 1 10 ? 9.752   -8.592  2.747   1.00 45.22  ? 10  A   B P     1 
ATOM   515 O  OP1   . A   B 1 10 ? 10.948  -9.426  3.028   1.00 47.07  ? 10  A   B OP1   1 
ATOM   516 O  OP2   . A   B 1 10 ? 9.668   -7.197  3.103   1.00 45.53  ? 10  A   B OP2   1 
ATOM   517 O  "O5'" . A   B 1 10 ? 9.481   -8.573  1.169   1.00 40.82  ? 10  A   B "O5'" 1 
ATOM   518 C  "C5'" . A   B 1 10 ? 9.720   -9.796  0.465   1.00 40.06  ? 10  A   B "C5'" 1 
ATOM   519 C  "C4'" . A   B 1 10 ? 9.095   -9.724  -0.889  1.00 40.45  ? 10  A   B "C4'" 1 
ATOM   520 O  "O4'" . A   B 1 10 ? 7.696   -9.355  -0.770  1.00 41.75  ? 10  A   B "O4'" 1 
ATOM   521 C  "C3'" . A   B 1 10 ? 9.670   -8.648  -1.806  1.00 41.56  ? 10  A   B "C3'" 1 
ATOM   522 O  "O3'" . A   B 1 10 ? 10.889  -9.106  -2.375  1.00 40.20  ? 10  A   B "O3'" 1 
ATOM   523 C  "C2'" . A   B 1 10 ? 8.544   -8.506  -2.822  1.00 37.20  ? 10  A   B "C2'" 1 
ATOM   524 O  "O2'" . A   B 1 10 ? 8.482   -9.576  -3.728  1.00 37.56  ? 10  A   B "O2'" 1 
ATOM   525 C  "C1'" . A   B 1 10 ? 7.318   -8.587  -1.914  1.00 40.69  ? 10  A   B "C1'" 1 
ATOM   526 N  N9    . A   B 1 10 ? 6.896   -7.254  -1.505  1.00 39.87  ? 10  A   B N9    1 
ATOM   527 C  C8    . A   B 1 10 ? 7.230   -6.520  -0.392  1.00 44.80  ? 10  A   B C8    1 
ATOM   528 N  N7    . A   B 1 10 ? 6.740   -5.304  -0.400  1.00 46.85  ? 10  A   B N7    1 
ATOM   529 C  C5    . A   B 1 10 ? 6.066   -5.225  -1.610  1.00 43.89  ? 10  A   B C5    1 
ATOM   530 C  C6    . A   B 1 10 ? 5.351   -4.186  -2.227  1.00 41.68  ? 10  A   B C6    1 
ATOM   531 N  N6    . A   B 1 10 ? 5.144   -2.997  -1.664  1.00 42.57  ? 10  A   B N6    1 
ATOM   532 N  N1    . A   B 1 10 ? 4.832   -4.419  -3.449  1.00 41.44  ? 10  A   B N1    1 
ATOM   533 C  C2    . A   B 1 10 ? 5.047   -5.610  -4.021  1.00 45.26  ? 10  A   B C2    1 
ATOM   534 N  N3    . A   B 1 10 ? 5.715   -6.658  -3.549  1.00 39.01  ? 10  A   B N3    1 
ATOM   535 C  C4    . A   B 1 10 ? 6.209   -6.396  -2.327  1.00 40.02  ? 10  A   B C4    1 
ATOM   536 P  P     . G   B 1 11 ? 12.010  -8.084  -2.788  1.00 41.66  ? 11  G   B P     1 
ATOM   537 O  OP1   . G   B 1 11 ? 13.158  -8.912  -3.163  1.00 37.82  ? 11  G   B OP1   1 
ATOM   538 O  OP2   . G   B 1 11 ? 12.149  -7.101  -1.740  1.00 35.55  ? 11  G   B OP2   1 
ATOM   539 O  "O5'" . G   B 1 11 ? 11.434  -7.350  -4.088  1.00 39.15  ? 11  G   B "O5'" 1 
ATOM   540 C  "C5'" . G   B 1 11 ? 11.348  -8.071  -5.326  1.00 39.39  ? 11  G   B "C5'" 1 
ATOM   541 C  "C4'" . G   B 1 11 ? 10.543  -7.285  -6.342  1.00 39.04  ? 11  G   B "C4'" 1 
ATOM   542 O  "O4'" . G   B 1 11 ? 9.218   -7.018  -5.832  1.00 37.02  ? 11  G   B "O4'" 1 
ATOM   543 C  "C3'" . G   B 1 11 ? 11.032  -5.896  -6.727  1.00 39.91  ? 11  G   B "C3'" 1 
ATOM   544 O  "O3'" . G   B 1 11 ? 12.145  -5.972  -7.611  1.00 40.17  ? 11  G   B "O3'" 1 
ATOM   545 C  "C2'" . G   B 1 11 ? 9.786   -5.353  -7.400  1.00 41.66  ? 11  G   B "C2'" 1 
ATOM   546 O  "O2'" . G   B 1 11 ? 9.513   -5.965  -8.652  1.00 38.75  ? 11  G   B "O2'" 1 
ATOM   547 C  "C1'" . G   B 1 11 ? 8.712   -5.846  -6.431  1.00 36.95  ? 11  G   B "C1'" 1 
ATOM   548 N  N9    . G   B 1 11 ? 8.451   -4.871  -5.394  1.00 39.52  ? 11  G   B N9    1 
ATOM   549 C  C8    . G   B 1 11 ? 8.966   -4.826  -4.119  1.00 40.02  ? 11  G   B C8    1 
ATOM   550 N  N7    . G   B 1 11 ? 8.589   -3.773  -3.453  1.00 39.70  ? 11  G   B N7    1 
ATOM   551 C  C5    . G   B 1 11 ? 7.805   -3.066  -4.350  1.00 36.61  ? 11  G   B C5    1 
ATOM   552 C  C6    . G   B 1 11 ? 7.118   -1.855  -4.190  1.00 36.43  ? 11  G   B C6    1 
ATOM   553 O  O6    . G   B 1 11 ? 7.037   -1.152  -3.186  1.00 36.41  ? 11  G   B O6    1 
ATOM   554 N  N1    . G   B 1 11 ? 6.481   -1.467  -5.361  1.00 37.24  ? 11  G   B N1    1 
ATOM   555 C  C2    . G   B 1 11 ? 6.478   -2.183  -6.531  1.00 41.49  ? 11  G   B C2    1 
ATOM   556 N  N2    . G   B 1 11 ? 5.798   -1.648  -7.542  1.00 38.25  ? 11  G   B N2    1 
ATOM   557 N  N3    . G   B 1 11 ? 7.090   -3.344  -6.686  1.00 35.08  ? 11  G   B N3    1 
ATOM   558 C  C4    . G   B 1 11 ? 7.711   -3.732  -5.552  1.00 38.23  ? 11  G   B C4    1 
ATOM   559 P  P     . U   B 1 12 ? 13.153  -4.744  -7.835  1.00 45.43  ? 12  U   B P     1 
ATOM   560 O  OP1   . U   B 1 12 ? 14.214  -5.205  -8.760  1.00 41.56  ? 12  U   B OP1   1 
ATOM   561 O  OP2   . U   B 1 12 ? 13.470  -4.164  -6.498  1.00 41.31  ? 12  U   B OP2   1 
ATOM   562 O  "O5'" . U   B 1 12 ? 12.267  -3.630  -8.565  1.00 37.65  ? 12  U   B "O5'" 1 
ATOM   563 C  "C5'" . U   B 1 12 ? 11.735  -3.867  -9.881  1.00 41.69  ? 12  U   B "C5'" 1 
ATOM   564 C  "C4'" . U   B 1 12 ? 10.832  -2.731  -10.294 1.00 42.68  ? 12  U   B "C4'" 1 
ATOM   565 O  "O4'" . U   B 1 12 ? 9.711   -2.633  -9.377  1.00 40.17  ? 12  U   B "O4'" 1 
ATOM   566 C  "C3'" . U   B 1 12 ? 11.444  -1.339  -10.263 1.00 42.82  ? 12  U   B "C3'" 1 
ATOM   567 O  "O3'" . U   B 1 12 ? 12.167  -1.020  -11.448 1.00 40.89  ? 12  U   B "O3'" 1 
ATOM   568 C  "C2'" . U   B 1 12 ? 10.210  -0.466  -10.167 1.00 38.84  ? 12  U   B "C2'" 1 
ATOM   569 O  "O2'" . U   B 1 12 ? 9.614   -0.397  -11.440 1.00 40.96  ? 12  U   B "O2'" 1 
ATOM   570 C  "C1'" . U   B 1 12 ? 9.352   -1.285  -9.214  1.00 40.66  ? 12  U   B "C1'" 1 
ATOM   571 N  N1    . U   B 1 12 ? 9.553   -0.909  -7.811  1.00 38.52  ? 12  U   B N1    1 
ATOM   572 C  C2    . U   B 1 12 ? 8.854   0.210   -7.403  1.00 37.09  ? 12  U   B C2    1 
ATOM   573 O  O2    . U   B 1 12 ? 8.154   0.860   -8.158  1.00 40.33  ? 12  U   B O2    1 
ATOM   574 N  N3    . U   B 1 12 ? 9.057   0.576   -6.101  1.00 36.68  ? 12  U   B N3    1 
ATOM   575 C  C4    . U   B 1 12 ? 9.802   -0.080  -5.151  1.00 39.05  ? 12  U   B C4    1 
ATOM   576 O  O4    . U   B 1 12 ? 9.814   0.349   -3.993  1.00 37.57  ? 12  U   B O4    1 
ATOM   577 C  C5    . U   B 1 12 ? 10.524  -1.222  -5.646  1.00 40.36  ? 12  U   B C5    1 
ATOM   578 C  C6    . U   B 1 12 ? 10.380  -1.585  -6.936  1.00 43.15  ? 12  U   B C6    1 
ATOM   579 P  P     . C   B 1 13 ? 13.473  -0.053  -11.339 1.00 44.73  ? 13  C   B P     1 
ATOM   580 O  OP1   . C   B 1 13 ? 14.230  -0.184  -12.549 1.00 46.80  ? 13  C   B OP1   1 
ATOM   581 O  OP2   . C   B 1 13 ? 14.129  -0.168  -10.019 1.00 41.26  ? 13  C   B OP2   1 
ATOM   582 O  "O5'" . C   B 1 13 ? 12.818  1.404   -11.303 1.00 40.83  ? 13  C   B "O5'" 1 
ATOM   583 C  "C5'" . C   B 1 13 ? 12.012  1.859   -12.394 1.00 43.50  ? 13  C   B "C5'" 1 
ATOM   584 C  "C4'" . C   B 1 13 ? 11.206  3.047   -11.954 1.00 42.79  ? 13  C   B "C4'" 1 
ATOM   585 O  "O4'" . C   B 1 13 ? 10.288  2.669   -10.891 1.00 40.38  ? 13  C   B "O4'" 1 
ATOM   586 C  "C3'" . C   B 1 13 ? 11.987  4.194   -11.337 1.00 39.21  ? 13  C   B "C3'" 1 
ATOM   587 O  "O3'" . C   B 1 13 ? 12.568  4.976   -12.353 1.00 41.37  ? 13  C   B "O3'" 1 
ATOM   588 C  "C2'" . C   B 1 13 ? 10.858  4.943   -10.638 1.00 40.66  ? 13  C   B "C2'" 1 
ATOM   589 O  "O2'" . C   B 1 13 ? 10.012  5.632   -11.525 1.00 40.50  ? 13  C   B "O2'" 1 
ATOM   590 C  "C1'" . C   B 1 13 ? 10.092  3.776   -10.025 1.00 38.20  ? 13  C   B "C1'" 1 
ATOM   591 N  N1    . C   B 1 13 ? 10.578  3.428   -8.672  1.00 35.50  ? 13  C   B N1    1 
ATOM   592 C  C2    . C   B 1 13 ? 10.119  4.209   -7.617  1.00 36.95  ? 13  C   B C2    1 
ATOM   593 O  O2    . C   B 1 13 ? 9.330   5.134   -7.866  1.00 40.83  ? 13  C   B O2    1 
ATOM   594 N  N3    . C   B 1 13 ? 10.538  3.936   -6.353  1.00 35.46  ? 13  C   B N3    1 
ATOM   595 C  C4    . C   B 1 13 ? 11.434  2.967   -6.144  1.00 38.34  ? 13  C   B C4    1 
ATOM   596 N  N4    . C   B 1 13 ? 11.838  2.745   -4.885  1.00 36.97  ? 13  C   B N4    1 
ATOM   597 C  C5    . C   B 1 13 ? 11.955  2.179   -7.213  1.00 38.02  ? 13  C   B C5    1 
ATOM   598 C  C6    . C   B 1 13 ? 11.536  2.471   -8.456  1.00 36.75  ? 13  C   B C6    1 
ATOM   599 P  P     . G   B 1 14 ? 13.966  5.745   -12.117 1.00 42.90  ? 14  G   B P     1 
ATOM   600 O  OP1   . G   B 1 14 ? 14.303  6.478   -13.362 1.00 42.75  ? 14  G   B OP1   1 
ATOM   601 O  OP2   . G   B 1 14 ? 14.910  4.855   -11.461 1.00 39.89  ? 14  G   B OP2   1 
ATOM   602 O  "O5'" . G   B 1 14 ? 13.627  6.859   -11.036 1.00 41.06  ? 14  G   B "O5'" 1 
ATOM   603 C  "C5'" . G   B 1 14 ? 12.692  7.879   -11.370 1.00 35.38  ? 14  G   B "C5'" 1 
ATOM   604 C  "C4'" . G   B 1 14 ? 12.360  8.742   -10.160 1.00 37.52  ? 14  G   B "C4'" 1 
ATOM   605 O  "O4'" . G   B 1 14 ? 11.564  8.036   -9.170  1.00 35.31  ? 14  G   B "O4'" 1 
ATOM   606 C  "C3'" . G   B 1 14 ? 13.537  9.239   -9.343  1.00 36.20  ? 14  G   B "C3'" 1 
ATOM   607 O  "O3'" . G   B 1 14 ? 14.161  10.218  -10.162 1.00 39.78  ? 14  G   B "O3'" 1 
ATOM   608 C  "C2'" . G   B 1 14 ? 12.810  9.729   -8.103  1.00 38.76  ? 14  G   B "C2'" 1 
ATOM   609 O  "O2'" . G   B 1 14 ? 12.143  10.929  -8.432  1.00 36.73  ? 14  G   B "O2'" 1 
ATOM   610 C  "C1'" . G   B 1 14 ? 11.815  8.586   -7.909  1.00 36.76  ? 14  G   B "C1'" 1 
ATOM   611 N  N9    . G   B 1 14 ? 12.330  7.543   -7.045  1.00 35.81  ? 14  G   B N9    1 
ATOM   612 C  C8    . G   B 1 14 ? 12.990  6.383   -7.357  1.00 35.42  ? 14  G   B C8    1 
ATOM   613 N  N7    . G   B 1 14 ? 13.318  5.690   -6.302  1.00 37.23  ? 14  G   B N7    1 
ATOM   614 C  C5    . G   B 1 14 ? 12.926  6.487   -5.237  1.00 35.78  ? 14  G   B C5    1 
ATOM   615 C  C6    . G   B 1 14 ? 13.059  6.290   -3.841  1.00 40.57  ? 14  G   B C6    1 
ATOM   616 O  O6    . G   B 1 14 ? 13.574  5.346   -3.247  1.00 38.47  ? 14  G   B O6    1 
ATOM   617 N  N1    . G   B 1 14 ? 12.544  7.368   -3.118  1.00 37.54  ? 14  G   B N1    1 
ATOM   618 C  C2    . G   B 1 14 ? 11.978  8.485   -3.670  1.00 37.76  ? 14  G   B C2    1 
ATOM   619 N  N2    . G   B 1 14 ? 11.540  9.411   -2.821  1.00 37.47  ? 14  G   B N2    1 
ATOM   620 N  N3    . G   B 1 14 ? 11.819  8.662   -4.967  1.00 38.02  ? 14  G   B N3    1 
ATOM   621 C  C4    . G   B 1 14 ? 12.355  7.651   -5.685  1.00 35.86  ? 14  G   B C4    1 
ATOM   622 P  P     . G   B 1 15 ? 15.651  10.714  -9.812  1.00 40.78  ? 15  G   B P     1 
ATOM   623 O  OP1   . G   B 1 15 ? 16.037  11.684  -10.854 1.00 41.71  ? 15  G   B OP1   1 
ATOM   624 O  OP2   . G   B 1 15 ? 16.483  9.551   -9.563  1.00 37.86  ? 15  G   B OP2   1 
ATOM   625 O  "O5'" . G   B 1 15 ? 15.392  11.439  -8.418  1.00 41.94  ? 15  G   B "O5'" 1 
ATOM   626 C  "C5'" . G   B 1 15 ? 16.297  11.412  -7.361  1.00 45.21  ? 15  G   B "C5'" 1 
ATOM   627 C  "C4'" . G   B 1 15 ? 15.582  11.956  -6.149  1.00 44.38  ? 15  G   B "C4'" 1 
ATOM   628 O  "O4'" . G   B 1 15 ? 14.631  10.954  -5.681  1.00 41.04  ? 15  G   B "O4'" 1 
ATOM   629 C  "C3'" . G   B 1 15 ? 16.483  12.194  -4.950  1.00 44.22  ? 15  G   B "C3'" 1 
ATOM   630 O  "O3'" . G   B 1 15 ? 17.007  13.490  -5.039  1.00 44.23  ? 15  G   B "O3'" 1 
ATOM   631 C  "C2'" . G   B 1 15 ? 15.509  12.061  -3.790  1.00 41.08  ? 15  G   B "C2'" 1 
ATOM   632 O  "O2'" . G   B 1 15 ? 14.733  13.213  -3.575  1.00 39.91  ? 15  G   B "O2'" 1 
ATOM   633 C  "C1'" . G   B 1 15 ? 14.653  10.895  -4.277  1.00 41.30  ? 15  G   B "C1'" 1 
ATOM   634 N  N9    . G   B 1 15 ? 15.176  9.593   -3.899  1.00 43.36  ? 15  G   B N9    1 
ATOM   635 C  C8    . G   B 1 15 ? 15.564  8.553   -4.709  1.00 41.81  ? 15  G   B C8    1 
ATOM   636 N  N7    . G   B 1 15 ? 15.970  7.512   -4.039  1.00 42.51  ? 15  G   B N7    1 
ATOM   637 C  C5    . G   B 1 15 ? 15.800  7.874   -2.710  1.00 41.64  ? 15  G   B C5    1 
ATOM   638 C  C6    . G   B 1 15 ? 16.015  7.137   -1.517  1.00 42.58  ? 15  G   B C6    1 
ATOM   639 O  O6    . G   B 1 15 ? 16.468  5.986   -1.380  1.00 35.95  ? 15  G   B O6    1 
ATOM   640 N  N1    . G   B 1 15 ? 15.766  7.914   -0.390  1.00 42.89  ? 15  G   B N1    1 
ATOM   641 C  C2    . G   B 1 15 ? 15.275  9.193   -0.405  1.00 41.86  ? 15  G   B C2    1 
ATOM   642 N  N2    . G   B 1 15 ? 15.082  9.767   0.795   1.00 37.24  ? 15  G   B N2    1 
ATOM   643 N  N3    . G   B 1 15 ? 15.048  9.880   -1.509  1.00 38.80  ? 15  G   B N3    1 
ATOM   644 C  C4    . G   B 1 15 ? 15.309  9.157   -2.614  1.00 37.80  ? 15  G   B C4    1 
HETATM 645 O  O1    . 8OS C 2 .  ? -19.502 -5.571  0.663   1.00 61.34  ? 101 8OS A O1    1 
HETATM 646 C  C1    . 8OS C 2 .  ? -19.886 -4.445  0.286   1.00 60.95  ? 101 8OS A C1    1 
HETATM 647 N  N1    . 8OS C 2 .  ? -19.936 -4.137  -1.119  1.00 55.37  ? 101 8OS A N1    1 
HETATM 648 C  C2    . 8OS C 2 .  ? -20.427 -2.847  -1.510  1.00 52.28  ? 101 8OS A C2    1 
HETATM 649 N  N2    . 8OS C 2 .  ? -20.509 -2.557  -2.812  1.00 62.93  ? 101 8OS A N2    1 
HETATM 650 N  N3    . 8OS C 2 .  ? -20.766 -1.921  -0.587  1.00 53.79  ? 101 8OS A N3    1 
HETATM 651 C  C3    . 8OS C 2 .  ? -20.674 -2.257  0.728   1.00 50.23  ? 101 8OS A C3    1 
HETATM 652 C  C4    . 8OS C 2 .  ? -20.254 -3.484  1.166   1.00 52.30  ? 101 8OS A C4    1 
HETATM 653 N  N4    . 8OS C 2 .  ? -20.296 -3.471  2.519   1.00 52.04  ? 101 8OS A N4    1 
HETATM 654 C  C5    . 8OS C 2 .  ? -20.762 -2.277  2.903   1.00 50.07  ? 101 8OS A C5    1 
HETATM 655 N  N5    . 8OS C 2 .  ? -20.999 -1.541  1.799   1.00 60.28  ? 101 8OS A N5    1 
HETATM 656 C  C6    . 8OS C 2 .  ? -21.484 -0.138  1.717   1.00 69.99  ? 101 8OS A C6    1 
HETATM 657 O  O2    . 8OS C 2 .  ? -21.833 0.304   3.033   1.00 90.10  ? 101 8OS A O2    1 
HETATM 658 C  C7    . 8OS C 2 .  ? -22.710 0.117   0.836   1.00 76.90  ? 101 8OS A C7    1 
HETATM 659 O  O3    . 8OS C 2 .  ? -22.380 1.251   0.159   1.00 72.96  ? 101 8OS A O3    1 
HETATM 660 C  C8    . 8OS C 2 .  ? -23.863 0.541   1.734   1.00 95.61  ? 101 8OS A C8    1 
HETATM 661 O  O4    . 8OS C 2 .  ? -24.614 1.676   1.149   1.00 94.71  ? 101 8OS A O4    1 
HETATM 662 C  C9    . 8OS C 2 .  ? -23.134 1.001   3.007   1.00 105.29 ? 101 8OS A C9    1 
HETATM 663 C  C10   . 8OS C 2 .  ? -23.860 0.540   4.276   1.00 113.84 ? 101 8OS A C10   1 
HETATM 664 O  O5    . 8OS C 2 .  ? -23.756 -0.897  4.286   1.00 131.72 ? 101 8OS A O5    1 
HETATM 665 P  P1    . 8OS C 2 .  ? -23.506 -1.836  5.553   1.00 132.75 ? 101 8OS A P1    1 
HETATM 666 O  O6    . 8OS C 2 .  ? -24.824 -2.079  6.182   1.00 145.01 ? 101 8OS A O6    1 
HETATM 667 O  O7    . 8OS C 2 .  ? -22.952 -3.196  4.897   1.00 113.54 ? 101 8OS A O7    1 
HETATM 668 C  C11   . 8OS C 2 .  ? -22.260 -1.271  6.500   1.00 133.02 ? 101 8OS A C11   1 
HETATM 669 N  N6    . 8OS C 2 .  ? -21.006 -1.687  6.379   1.00 127.51 ? 101 8OS A N6    1 
HETATM 670 C  C12   . 8OS C 2 .  ? -20.310 -1.042  7.306   1.00 128.34 ? 101 8OS A C12   1 
HETATM 671 N  N7    . 8OS C 2 .  ? -21.145 -0.245  7.989   1.00 130.32 ? 101 8OS A N7    1 
HETATM 672 C  C13   . 8OS C 2 .  ? -22.359 -0.391  7.487   1.00 126.74 ? 101 8OS A C13   1 
HETATM 673 C  C14   . 8OS C 2 .  ? -23.614 0.347   7.982   1.00 114.39 ? 101 8OS A C14   1 
HETATM 674 O  O1    . 8OS D 2 .  ? 18.376  11.526  -1.834  1.00 47.43  ? 102 8OS A O1    1 
HETATM 675 C  C1    . 8OS D 2 .  ? 18.617  10.469  -1.290  1.00 51.49  ? 102 8OS A C1    1 
HETATM 676 N  N1    . 8OS D 2 .  ? 18.555  10.445  0.062   1.00 59.10  ? 102 8OS A N1    1 
HETATM 677 C  C2    . 8OS D 2 .  ? 18.875  9.328   0.829   1.00 54.90  ? 102 8OS A C2    1 
HETATM 678 N  N2    . 8OS D 2 .  ? 18.811  9.389   2.204   1.00 54.20  ? 102 8OS A N2    1 
HETATM 679 N  N3    . 8OS D 2 .  ? 19.223  8.265   0.122   1.00 49.10  ? 102 8OS A N3    1 
HETATM 680 C  C3    . 8OS D 2 .  ? 19.248  8.293   -1.248  1.00 50.17  ? 102 8OS A C3    1 
HETATM 681 C  C4    . 8OS D 2 .  ? 18.957  9.385   -1.959  1.00 50.96  ? 102 8OS A C4    1 
HETATM 682 N  N4    . 8OS D 2 .  ? 19.094  9.140   -3.258  1.00 45.43  ? 102 8OS A N4    1 
HETATM 683 C  C5    . 8OS D 2 .  ? 19.502  7.863   -3.310  1.00 47.84  ? 102 8OS A C5    1 
HETATM 684 N  N5    . 8OS D 2 .  ? 19.542  7.328   -2.107  1.00 46.05  ? 102 8OS A N5    1 
HETATM 685 C  C6    . 8OS D 2 .  ? 20.084  5.961   -1.716  1.00 63.33  ? 102 8OS A C6    1 
HETATM 686 O  O2    . 8OS D 2 .  ? 21.101  5.490   -2.675  1.00 73.23  ? 102 8OS A O2    1 
HETATM 687 C  C7    . 8OS D 2 .  ? 19.244  4.705   -1.404  1.00 70.99  ? 102 8OS A C7    1 
HETATM 688 O  O3    . 8OS D 2 .  ? 19.962  4.064   -0.363  1.00 74.45  ? 102 8OS A O3    1 
HETATM 689 C  C8    . 8OS D 2 .  ? 19.285  3.857   -2.664  1.00 85.95  ? 102 8OS A C8    1 
HETATM 690 O  O4    . 8OS D 2 .  ? 19.115  2.460   -2.386  1.00 95.95  ? 102 8OS A O4    1 
HETATM 691 C  C9    . 8OS D 2 .  ? 20.723  4.148   -3.204  1.00 91.94  ? 102 8OS A C9    1 
HETATM 692 C  C10   . 8OS D 2 .  ? 20.889  4.205   -4.763  1.00 109.22 ? 102 8OS A C10   1 
HETATM 693 O  O5    . 8OS D 2 .  ? 19.641  4.165   -5.504  1.00 137.77 ? 102 8OS A O5    1 
HETATM 694 P  P1    . 8OS D 2 .  ? 18.837  5.416   -6.220  1.00 162.33 ? 102 8OS A P1    1 
HETATM 695 O  O6    . 8OS D 2 .  ? 17.531  5.595   -5.219  1.00 118.40 ? 102 8OS A O6    1 
HETATM 696 O  O7    . 8OS D 2 .  ? 18.277  4.819   -7.440  1.00 169.51 ? 102 8OS A O7    1 
HETATM 697 C  C11   . 8OS D 2 .  ? 20.002  7.209   -6.428  1.00 130.73 ? 102 8OS A C11   1 
HETATM 698 N  N6    . 8OS D 2 .  ? 19.521  8.460   -6.208  1.00 115.81 ? 102 8OS A N6    1 
HETATM 699 C  C12   . 8OS D 2 .  ? 20.505  9.342   -6.401  1.00 111.11 ? 102 8OS A C12   1 
HETATM 700 N  N7    . 8OS D 2 .  ? 21.596  8.652   -6.761  1.00 113.86 ? 102 8OS A N7    1 
HETATM 701 C  C13   . 8OS D 2 .  ? 21.301  7.342   -6.777  1.00 114.72 ? 102 8OS A C13   1 
HETATM 702 C  C14   . 8OS D 2 .  ? 22.328  6.237   -7.148  1.00 96.41  ? 102 8OS A C14   1 
HETATM 703 MG MG    . MG  E 3 .  ? -21.088 5.843   3.609   0.33 52.54  ? 103 MG  A MG    1 
HETATM 704 MG MG    . MG  F 3 .  ? 15.578  15.250  -4.465  0.33 38.54  ? 101 MG  B MG    1 
HETATM 705 O  O     . HOH G 4 .  ? 13.247  -10.755 -5.183  0.33 37.73  ? 201 HOH B O     1 
HETATM 706 O  O     . HOH G 4 .  ? 15.632  9.158   -14.042 1.00 53.55  ? 202 HOH B O     1 
HETATM 707 O  O     . HOH G 4 .  ? -4.216  -1.245  -0.311  1.00 58.30  ? 203 HOH B O     1 
# 
loop_
_pdbx_poly_seq_scheme.asym_id 
_pdbx_poly_seq_scheme.entity_id 
_pdbx_poly_seq_scheme.seq_id 
_pdbx_poly_seq_scheme.mon_id 
_pdbx_poly_seq_scheme.ndb_seq_num 
_pdbx_poly_seq_scheme.pdb_seq_num 
_pdbx_poly_seq_scheme.auth_seq_num 
_pdbx_poly_seq_scheme.pdb_mon_id 
_pdbx_poly_seq_scheme.auth_mon_id 
_pdbx_poly_seq_scheme.pdb_strand_id 
_pdbx_poly_seq_scheme.pdb_ins_code 
_pdbx_poly_seq_scheme.hetero 
A 1 1  LCC 1  1  1  LCC LCC A . n 
A 1 2  LCC 2  2  2  LCC LCC A . n 
A 1 3  LCC 3  3  3  LCC LCC A . n 
A 1 4  LCG 4  4  4  LCG LCG A . n 
A 1 5  A   5  5  5  A   A   A . n 
A 1 6  C   6  6  6  C   C   A . n 
A 1 7  U   7  7  7  U   U   A . n 
A 1 8  U   8  8  8  U   U   A . n 
A 1 9  A   9  9  9  A   A   A . n 
A 1 10 A   10 10 10 A   A   A . n 
A 1 11 G   11 11 11 G   G   A . n 
A 1 12 U   12 12 12 U   U   A . n 
A 1 13 C   13 13 13 C   C   A . n 
A 1 14 G   14 14 14 G   G   A . n 
A 1 15 G   15 15 15 G   G   A . n 
B 1 1  LCC 1  1  1  LCC LCC B . n 
B 1 2  LCC 2  2  2  LCC LCC B . n 
B 1 3  LCC 3  3  3  LCC LCC B . n 
B 1 4  LCG 4  4  4  LCG LCG B . n 
B 1 5  A   5  5  5  A   A   B . n 
B 1 6  C   6  6  6  C   C   B . n 
B 1 7  U   7  7  7  U   U   B . n 
B 1 8  U   8  8  8  U   U   B . n 
B 1 9  A   9  9  9  A   A   B . n 
B 1 10 A   10 10 10 A   A   B . n 
B 1 11 G   11 11 11 G   G   B . n 
B 1 12 U   12 12 12 U   U   B . n 
B 1 13 C   13 13 13 C   C   B . n 
B 1 14 G   14 14 14 G   G   B . n 
B 1 15 G   15 15 15 G   G   B . n 
# 
loop_
_pdbx_nonpoly_scheme.asym_id 
_pdbx_nonpoly_scheme.entity_id 
_pdbx_nonpoly_scheme.mon_id 
_pdbx_nonpoly_scheme.ndb_seq_num 
_pdbx_nonpoly_scheme.pdb_seq_num 
_pdbx_nonpoly_scheme.auth_seq_num 
_pdbx_nonpoly_scheme.pdb_mon_id 
_pdbx_nonpoly_scheme.auth_mon_id 
_pdbx_nonpoly_scheme.pdb_strand_id 
_pdbx_nonpoly_scheme.pdb_ins_code 
C 2 8OS 1 101 1 8OS rG  A . 
D 2 8OS 1 102 2 8OS rG  A . 
E 3 MG  1 103 2 MG  MG  A . 
F 3 MG  1 101 1 MG  MG  B . 
G 4 HOH 1 201 3 HOH HOH B . 
G 4 HOH 2 202 1 HOH HOH B . 
G 4 HOH 3 203 2 HOH HOH B . 
# 
_pdbx_struct_assembly.id                   1 
_pdbx_struct_assembly.details              author_and_software_defined_assembly 
_pdbx_struct_assembly.method_details       PISA 
_pdbx_struct_assembly.oligomeric_details   dimeric 
_pdbx_struct_assembly.oligomeric_count     2 
# 
_pdbx_struct_assembly_gen.assembly_id       1 
_pdbx_struct_assembly_gen.oper_expression   1 
_pdbx_struct_assembly_gen.asym_id_list      A,B,C,D,E,F,G 
# 
loop_
_pdbx_struct_assembly_prop.biol_id 
_pdbx_struct_assembly_prop.type 
_pdbx_struct_assembly_prop.value 
_pdbx_struct_assembly_prop.details 
1 'ABSA (A^2)' 2760 ? 
1 MORE         10   ? 
1 'SSA (A^2)'  5860 ? 
# 
_pdbx_struct_oper_list.id                   1 
_pdbx_struct_oper_list.type                 'identity operation' 
_pdbx_struct_oper_list.name                 1_555 
_pdbx_struct_oper_list.symmetry_operation   x,y,z 
_pdbx_struct_oper_list.matrix[1][1]         1.0000000000 
_pdbx_struct_oper_list.matrix[1][2]         0.0000000000 
_pdbx_struct_oper_list.matrix[1][3]         0.0000000000 
_pdbx_struct_oper_list.vector[1]            0.0000000000 
_pdbx_struct_oper_list.matrix[2][1]         0.0000000000 
_pdbx_struct_oper_list.matrix[2][2]         1.0000000000 
_pdbx_struct_oper_list.matrix[2][3]         0.0000000000 
_pdbx_struct_oper_list.vector[2]            0.0000000000 
_pdbx_struct_oper_list.matrix[3][1]         0.0000000000 
_pdbx_struct_oper_list.matrix[3][2]         0.0000000000 
_pdbx_struct_oper_list.matrix[3][3]         1.0000000000 
_pdbx_struct_oper_list.vector[3]            0.0000000000 
# 
loop_
_pdbx_struct_special_symmetry.id 
_pdbx_struct_special_symmetry.PDB_model_num 
_pdbx_struct_special_symmetry.auth_asym_id 
_pdbx_struct_special_symmetry.auth_comp_id 
_pdbx_struct_special_symmetry.auth_seq_id 
_pdbx_struct_special_symmetry.PDB_ins_code 
_pdbx_struct_special_symmetry.label_asym_id 
_pdbx_struct_special_symmetry.label_comp_id 
_pdbx_struct_special_symmetry.label_seq_id 
1 1 A MG  103 ? E MG  . 
2 1 B MG  101 ? F MG  . 
3 1 B HOH 201 ? G HOH . 
# 
loop_
_pdbx_struct_conn_angle.id 
_pdbx_struct_conn_angle.ptnr1_label_atom_id 
_pdbx_struct_conn_angle.ptnr1_label_alt_id 
_pdbx_struct_conn_angle.ptnr1_label_asym_id 
_pdbx_struct_conn_angle.ptnr1_label_comp_id 
_pdbx_struct_conn_angle.ptnr1_label_seq_id 
_pdbx_struct_conn_angle.ptnr1_auth_atom_id 
_pdbx_struct_conn_angle.ptnr1_auth_asym_id 
_pdbx_struct_conn_angle.ptnr1_auth_comp_id 
_pdbx_struct_conn_angle.ptnr1_auth_seq_id 
_pdbx_struct_conn_angle.ptnr1_PDB_ins_code 
_pdbx_struct_conn_angle.ptnr1_symmetry 
_pdbx_struct_conn_angle.ptnr2_label_atom_id 
_pdbx_struct_conn_angle.ptnr2_label_alt_id 
_pdbx_struct_conn_angle.ptnr2_label_asym_id 
_pdbx_struct_conn_angle.ptnr2_label_comp_id 
_pdbx_struct_conn_angle.ptnr2_label_seq_id 
_pdbx_struct_conn_angle.ptnr2_auth_atom_id 
_pdbx_struct_conn_angle.ptnr2_auth_asym_id 
_pdbx_struct_conn_angle.ptnr2_auth_comp_id 
_pdbx_struct_conn_angle.ptnr2_auth_seq_id 
_pdbx_struct_conn_angle.ptnr2_PDB_ins_code 
_pdbx_struct_conn_angle.ptnr2_symmetry 
_pdbx_struct_conn_angle.ptnr3_label_atom_id 
_pdbx_struct_conn_angle.ptnr3_label_alt_id 
_pdbx_struct_conn_angle.ptnr3_label_asym_id 
_pdbx_struct_conn_angle.ptnr3_label_comp_id 
_pdbx_struct_conn_angle.ptnr3_label_seq_id 
_pdbx_struct_conn_angle.ptnr3_auth_atom_id 
_pdbx_struct_conn_angle.ptnr3_auth_asym_id 
_pdbx_struct_conn_angle.ptnr3_auth_comp_id 
_pdbx_struct_conn_angle.ptnr3_auth_seq_id 
_pdbx_struct_conn_angle.ptnr3_PDB_ins_code 
_pdbx_struct_conn_angle.ptnr3_symmetry 
_pdbx_struct_conn_angle.value 
_pdbx_struct_conn_angle.value_esd 
1  "O3'" ? A G 15 ? A G 15 ? 1_555 MG ? E MG . ? A MG 103 ? 1_555 "O2'" ? A G 15 ? A G 15 ? 1_555 68.9 ? 
2  "O3'" ? A G 15 ? A G 15 ? 1_555 MG ? E MG . ? A MG 103 ? 1_555 "O3'" ? A G 15 ? A G 15 ? 1_555 0.0  ? 
3  "O2'" ? A G 15 ? A G 15 ? 1_555 MG ? E MG . ? A MG 103 ? 1_555 "O3'" ? A G 15 ? A G 15 ? 1_555 68.9 ? 
4  "O3'" ? A G 15 ? A G 15 ? 1_555 MG ? E MG . ? A MG 103 ? 1_555 "O2'" ? A G 15 ? A G 15 ? 1_555 68.9 ? 
5  "O2'" ? A G 15 ? A G 15 ? 1_555 MG ? E MG . ? A MG 103 ? 1_555 "O2'" ? A G 15 ? A G 15 ? 1_555 0.0  ? 
6  "O3'" ? A G 15 ? A G 15 ? 1_555 MG ? E MG . ? A MG 103 ? 1_555 "O2'" ? A G 15 ? A G 15 ? 1_555 68.9 ? 
7  "O3'" ? B G 15 ? B G 15 ? 1_555 MG ? F MG . ? B MG 101 ? 1_555 "O2'" ? B G 15 ? B G 15 ? 1_555 70.4 ? 
8  "O3'" ? B G 15 ? B G 15 ? 1_555 MG ? F MG . ? B MG 101 ? 1_555 "O3'" ? B G 15 ? B G 15 ? 1_555 0.0  ? 
9  "O2'" ? B G 15 ? B G 15 ? 1_555 MG ? F MG . ? B MG 101 ? 1_555 "O3'" ? B G 15 ? B G 15 ? 1_555 70.4 ? 
10 "O3'" ? B G 15 ? B G 15 ? 1_555 MG ? F MG . ? B MG 101 ? 1_555 "O2'" ? B G 15 ? B G 15 ? 1_555 70.4 ? 
11 "O2'" ? B G 15 ? B G 15 ? 1_555 MG ? F MG . ? B MG 101 ? 1_555 "O2'" ? B G 15 ? B G 15 ? 1_555 0.0  ? 
12 "O3'" ? B G 15 ? B G 15 ? 1_555 MG ? F MG . ? B MG 101 ? 1_555 "O2'" ? B G 15 ? B G 15 ? 1_555 70.4 ? 
# 
loop_
_pdbx_audit_revision_history.ordinal 
_pdbx_audit_revision_history.data_content_type 
_pdbx_audit_revision_history.major_revision 
_pdbx_audit_revision_history.minor_revision 
_pdbx_audit_revision_history.revision_date 
1 'Structure model' 1 0 2017-03-08 
2 'Structure model' 1 1 2017-03-29 
3 'Structure model' 1 2 2017-09-20 
4 'Structure model' 1 3 2018-02-21 
5 'Structure model' 1 4 2018-03-14 
6 'Structure model' 1 5 2019-11-27 
7 'Structure model' 1 6 2023-10-04 
# 
_pdbx_audit_revision_details.ordinal             1 
_pdbx_audit_revision_details.revision_ordinal    1 
_pdbx_audit_revision_details.data_content_type   'Structure model' 
_pdbx_audit_revision_details.provider            repository 
_pdbx_audit_revision_details.type                'Initial release' 
_pdbx_audit_revision_details.description         ? 
_pdbx_audit_revision_details.details             ? 
# 
loop_
_pdbx_audit_revision_group.ordinal 
_pdbx_audit_revision_group.revision_ordinal 
_pdbx_audit_revision_group.data_content_type 
_pdbx_audit_revision_group.group 
1 2 'Structure model' 'Data collection'            
2 3 'Structure model' 'Author supporting evidence' 
3 4 'Structure model' 'Database references'        
4 5 'Structure model' 'Database references'        
5 6 'Structure model' 'Author supporting evidence' 
6 7 'Structure model' 'Data collection'            
7 7 'Structure model' 'Database references'        
8 7 'Structure model' 'Derived calculations'       
9 7 'Structure model' 'Refinement description'     
# 
loop_
_pdbx_audit_revision_category.ordinal 
_pdbx_audit_revision_category.revision_ordinal 
_pdbx_audit_revision_category.data_content_type 
_pdbx_audit_revision_category.category 
1  3 'Structure model' pdbx_audit_support            
2  4 'Structure model' citation                      
3  4 'Structure model' citation_author               
4  5 'Structure model' citation                      
5  6 'Structure model' pdbx_audit_support            
6  7 'Structure model' chem_comp_atom                
7  7 'Structure model' chem_comp_bond                
8  7 'Structure model' database_2                    
9  7 'Structure model' pdbx_initial_refinement_model 
10 7 'Structure model' struct_conn                   
# 
loop_
_pdbx_audit_revision_item.ordinal 
_pdbx_audit_revision_item.revision_ordinal 
_pdbx_audit_revision_item.data_content_type 
_pdbx_audit_revision_item.item 
1  3 'Structure model' '_pdbx_audit_support.funding_organization' 
2  4 'Structure model' '_citation.country'                        
3  4 'Structure model' '_citation.journal_abbrev'                 
4  4 'Structure model' '_citation.journal_id_ASTM'                
5  4 'Structure model' '_citation.journal_id_CSD'                 
6  4 'Structure model' '_citation.journal_id_ISSN'                
7  4 'Structure model' '_citation.pdbx_database_id_DOI'           
8  4 'Structure model' '_citation.pdbx_database_id_PubMed'        
9  4 'Structure model' '_citation.title'                          
10 4 'Structure model' '_citation.year'                           
11 5 'Structure model' '_citation.journal_volume'                 
12 5 'Structure model' '_citation.page_first'                     
13 5 'Structure model' '_citation.page_last'                      
14 5 'Structure model' '_citation.title'                          
15 6 'Structure model' '_pdbx_audit_support.funding_organization' 
16 7 'Structure model' '_database_2.pdbx_DOI'                     
17 7 'Structure model' '_database_2.pdbx_database_accession'      
18 7 'Structure model' '_struct_conn.conn_type_id'                
19 7 'Structure model' '_struct_conn.id'                          
20 7 'Structure model' '_struct_conn.pdbx_dist_value'             
21 7 'Structure model' '_struct_conn.pdbx_leaving_atom_flag'      
22 7 'Structure model' '_struct_conn.ptnr1_auth_asym_id'          
23 7 'Structure model' '_struct_conn.ptnr1_auth_comp_id'          
24 7 'Structure model' '_struct_conn.ptnr1_auth_seq_id'           
25 7 'Structure model' '_struct_conn.ptnr1_label_asym_id'         
26 7 'Structure model' '_struct_conn.ptnr1_label_atom_id'         
27 7 'Structure model' '_struct_conn.ptnr1_label_comp_id'         
28 7 'Structure model' '_struct_conn.ptnr1_label_seq_id'          
29 7 'Structure model' '_struct_conn.ptnr2_auth_asym_id'          
30 7 'Structure model' '_struct_conn.ptnr2_auth_comp_id'          
31 7 'Structure model' '_struct_conn.ptnr2_auth_seq_id'           
32 7 'Structure model' '_struct_conn.ptnr2_label_asym_id'         
33 7 'Structure model' '_struct_conn.ptnr2_label_atom_id'         
34 7 'Structure model' '_struct_conn.ptnr2_label_comp_id'         
35 7 'Structure model' '_struct_conn.ptnr2_label_seq_id'          
36 7 'Structure model' '_struct_conn.ptnr2_symmetry'              
# 
loop_
_software.citation_id 
_software.classification 
_software.compiler_name 
_software.compiler_version 
_software.contact_author 
_software.contact_author_email 
_software.date 
_software.description 
_software.dependencies 
_software.hardware 
_software.language 
_software.location 
_software.mods 
_software.name 
_software.os 
_software.os_version 
_software.type 
_software.version 
_software.pdbx_ordinal 
? refinement       ? ? ? ? ? ? ? ? ? ? ? REFMAC   ? ? ? 5.8.0135 1 
? 'data reduction' ? ? ? ? ? ? ? ? ? ? ? HKL-2000 ? ? ? .        2 
? 'data scaling'   ? ? ? ? ? ? ? ? ? ? ? HKL-2000 ? ? ? .        3 
? phasing          ? ? ? ? ? ? ? ? ? ? ? PHASER   ? ? ? .        4 
# 
_pdbx_validate_symm_contact.id                1 
_pdbx_validate_symm_contact.PDB_model_num     1 
_pdbx_validate_symm_contact.auth_atom_id_1    OP1 
_pdbx_validate_symm_contact.auth_asym_id_1    A 
_pdbx_validate_symm_contact.auth_comp_id_1    G 
_pdbx_validate_symm_contact.auth_seq_id_1     15 
_pdbx_validate_symm_contact.PDB_ins_code_1    ? 
_pdbx_validate_symm_contact.label_alt_id_1    ? 
_pdbx_validate_symm_contact.site_symmetry_1   1_555 
_pdbx_validate_symm_contact.auth_atom_id_2    O3 
_pdbx_validate_symm_contact.auth_asym_id_2    A 
_pdbx_validate_symm_contact.auth_comp_id_2    8OS 
_pdbx_validate_symm_contact.auth_seq_id_2     101 
_pdbx_validate_symm_contact.PDB_ins_code_2    ? 
_pdbx_validate_symm_contact.label_alt_id_2    ? 
_pdbx_validate_symm_contact.site_symmetry_2   2_775 
_pdbx_validate_symm_contact.dist              2.15 
# 
loop_
_pdbx_validate_rmsd_bond.id 
_pdbx_validate_rmsd_bond.PDB_model_num 
_pdbx_validate_rmsd_bond.auth_atom_id_1 
_pdbx_validate_rmsd_bond.auth_asym_id_1 
_pdbx_validate_rmsd_bond.auth_comp_id_1 
_pdbx_validate_rmsd_bond.auth_seq_id_1 
_pdbx_validate_rmsd_bond.PDB_ins_code_1 
_pdbx_validate_rmsd_bond.label_alt_id_1 
_pdbx_validate_rmsd_bond.auth_atom_id_2 
_pdbx_validate_rmsd_bond.auth_asym_id_2 
_pdbx_validate_rmsd_bond.auth_comp_id_2 
_pdbx_validate_rmsd_bond.auth_seq_id_2 
_pdbx_validate_rmsd_bond.PDB_ins_code_2 
_pdbx_validate_rmsd_bond.label_alt_id_2 
_pdbx_validate_rmsd_bond.bond_value 
_pdbx_validate_rmsd_bond.bond_target_value 
_pdbx_validate_rmsd_bond.bond_deviation 
_pdbx_validate_rmsd_bond.bond_standard_deviation 
_pdbx_validate_rmsd_bond.linker_flag 
1 1 "O3'" A LCC 3 ? ? P A LCG 4 ? ? 1.697 1.607 0.090 0.012 Y 
2 1 "O3'" B LCC 1 ? ? P B LCC 2 ? ? 1.683 1.607 0.076 0.012 Y 
# 
loop_
_pdbx_validate_rmsd_angle.id 
_pdbx_validate_rmsd_angle.PDB_model_num 
_pdbx_validate_rmsd_angle.auth_atom_id_1 
_pdbx_validate_rmsd_angle.auth_asym_id_1 
_pdbx_validate_rmsd_angle.auth_comp_id_1 
_pdbx_validate_rmsd_angle.auth_seq_id_1 
_pdbx_validate_rmsd_angle.PDB_ins_code_1 
_pdbx_validate_rmsd_angle.label_alt_id_1 
_pdbx_validate_rmsd_angle.auth_atom_id_2 
_pdbx_validate_rmsd_angle.auth_asym_id_2 
_pdbx_validate_rmsd_angle.auth_comp_id_2 
_pdbx_validate_rmsd_angle.auth_seq_id_2 
_pdbx_validate_rmsd_angle.PDB_ins_code_2 
_pdbx_validate_rmsd_angle.label_alt_id_2 
_pdbx_validate_rmsd_angle.auth_atom_id_3 
_pdbx_validate_rmsd_angle.auth_asym_id_3 
_pdbx_validate_rmsd_angle.auth_comp_id_3 
_pdbx_validate_rmsd_angle.auth_seq_id_3 
_pdbx_validate_rmsd_angle.PDB_ins_code_3 
_pdbx_validate_rmsd_angle.label_alt_id_3 
_pdbx_validate_rmsd_angle.angle_value 
_pdbx_validate_rmsd_angle.angle_target_value 
_pdbx_validate_rmsd_angle.angle_deviation 
_pdbx_validate_rmsd_angle.angle_standard_deviation 
_pdbx_validate_rmsd_angle.linker_flag 
1 1 "C3'" A LCC 1 ? ? "O3'" A LCC 1 ? ? P   A LCC 2 ? ? 126.97 119.70 7.27  1.20 Y 
2 1 "O3'" A LCG 4 ? ? P     A A   5 ? ? OP2 A A   5 ? ? 122.01 110.50 11.51 1.10 Y 
3 1 "O5'" A U   7 ? ? P     A U   7 ? ? OP2 A U   7 ? ? 100.27 105.70 -5.43 0.90 N 
4 1 "O5'" A U   8 ? ? P     A U   8 ? ? OP2 A U   8 ? ? 98.84  105.70 -6.86 0.90 N 
5 1 "C3'" B LCC 2 ? ? "O3'" B LCC 2 ? ? P   B LCC 3 ? ? 127.83 119.70 8.13  1.20 Y 
6 1 "O5'" B C   6 ? ? P     B C   6 ? ? OP2 B C   6 ? ? 100.04 105.70 -5.66 0.90 N 
# 
loop_
_chem_comp_atom.comp_id 
_chem_comp_atom.atom_id 
_chem_comp_atom.type_symbol 
_chem_comp_atom.pdbx_aromatic_flag 
_chem_comp_atom.pdbx_stereo_config 
_chem_comp_atom.pdbx_ordinal 
8OS O1     O  N N 1   
8OS C1     C  N N 2   
8OS N1     N  N N 3   
8OS C2     C  N N 4   
8OS N2     N  N N 5   
8OS N3     N  N N 6   
8OS C3     C  Y N 7   
8OS C4     C  Y N 8   
8OS N4     N  Y N 9   
8OS C5     C  Y N 10  
8OS N5     N  Y N 11  
8OS C6     C  N R 12  
8OS O2     O  N N 13  
8OS C7     C  N R 14  
8OS O3     O  N N 15  
8OS C8     C  N S 16  
8OS O4     O  N N 17  
8OS C9     C  N R 18  
8OS C10    C  N N 19  
8OS O5     O  N N 20  
8OS P1     P  N N 21  
8OS O6     O  N N 22  
8OS O7     O  N N 23  
8OS C11    C  Y N 24  
8OS N6     N  Y N 25  
8OS C12    C  Y N 26  
8OS N7     N  Y N 27  
8OS C13    C  Y N 28  
8OS C14    C  N N 29  
8OS H1     H  N N 30  
8OS H2     H  N N 31  
8OS H3     H  N N 32  
8OS H4     H  N N 33  
8OS H5     H  N N 34  
8OS H6     H  N N 35  
8OS H7     H  N N 36  
8OS H8     H  N N 37  
8OS H9     H  N N 38  
8OS H10    H  N N 39  
8OS H11    H  N N 40  
8OS H12    H  N N 41  
8OS H13    H  N N 42  
8OS H14    H  N N 43  
8OS H15    H  N N 44  
8OS H17    H  N N 45  
8OS H18    H  N N 46  
8OS H19    H  N N 47  
A   OP3    O  N N 48  
A   P      P  N N 49  
A   OP1    O  N N 50  
A   OP2    O  N N 51  
A   "O5'"  O  N N 52  
A   "C5'"  C  N N 53  
A   "C4'"  C  N R 54  
A   "O4'"  O  N N 55  
A   "C3'"  C  N S 56  
A   "O3'"  O  N N 57  
A   "C2'"  C  N R 58  
A   "O2'"  O  N N 59  
A   "C1'"  C  N R 60  
A   N9     N  Y N 61  
A   C8     C  Y N 62  
A   N7     N  Y N 63  
A   C5     C  Y N 64  
A   C6     C  Y N 65  
A   N6     N  N N 66  
A   N1     N  Y N 67  
A   C2     C  Y N 68  
A   N3     N  Y N 69  
A   C4     C  Y N 70  
A   HOP3   H  N N 71  
A   HOP2   H  N N 72  
A   "H5'"  H  N N 73  
A   "H5''" H  N N 74  
A   "H4'"  H  N N 75  
A   "H3'"  H  N N 76  
A   "HO3'" H  N N 77  
A   "H2'"  H  N N 78  
A   "HO2'" H  N N 79  
A   "H1'"  H  N N 80  
A   H8     H  N N 81  
A   H61    H  N N 82  
A   H62    H  N N 83  
A   H2     H  N N 84  
C   OP3    O  N N 85  
C   P      P  N N 86  
C   OP1    O  N N 87  
C   OP2    O  N N 88  
C   "O5'"  O  N N 89  
C   "C5'"  C  N N 90  
C   "C4'"  C  N R 91  
C   "O4'"  O  N N 92  
C   "C3'"  C  N S 93  
C   "O3'"  O  N N 94  
C   "C2'"  C  N R 95  
C   "O2'"  O  N N 96  
C   "C1'"  C  N R 97  
C   N1     N  N N 98  
C   C2     C  N N 99  
C   O2     O  N N 100 
C   N3     N  N N 101 
C   C4     C  N N 102 
C   N4     N  N N 103 
C   C5     C  N N 104 
C   C6     C  N N 105 
C   HOP3   H  N N 106 
C   HOP2   H  N N 107 
C   "H5'"  H  N N 108 
C   "H5''" H  N N 109 
C   "H4'"  H  N N 110 
C   "H3'"  H  N N 111 
C   "HO3'" H  N N 112 
C   "H2'"  H  N N 113 
C   "HO2'" H  N N 114 
C   "H1'"  H  N N 115 
C   H41    H  N N 116 
C   H42    H  N N 117 
C   H5     H  N N 118 
C   H6     H  N N 119 
G   OP3    O  N N 120 
G   P      P  N N 121 
G   OP1    O  N N 122 
G   OP2    O  N N 123 
G   "O5'"  O  N N 124 
G   "C5'"  C  N N 125 
G   "C4'"  C  N R 126 
G   "O4'"  O  N N 127 
G   "C3'"  C  N S 128 
G   "O3'"  O  N N 129 
G   "C2'"  C  N R 130 
G   "O2'"  O  N N 131 
G   "C1'"  C  N R 132 
G   N9     N  Y N 133 
G   C8     C  Y N 134 
G   N7     N  Y N 135 
G   C5     C  Y N 136 
G   C6     C  N N 137 
G   O6     O  N N 138 
G   N1     N  N N 139 
G   C2     C  N N 140 
G   N2     N  N N 141 
G   N3     N  N N 142 
G   C4     C  Y N 143 
G   HOP3   H  N N 144 
G   HOP2   H  N N 145 
G   "H5'"  H  N N 146 
G   "H5''" H  N N 147 
G   "H4'"  H  N N 148 
G   "H3'"  H  N N 149 
G   "HO3'" H  N N 150 
G   "H2'"  H  N N 151 
G   "HO2'" H  N N 152 
G   "H1'"  H  N N 153 
G   H8     H  N N 154 
G   H1     H  N N 155 
G   H21    H  N N 156 
G   H22    H  N N 157 
HOH O      O  N N 158 
HOH H1     H  N N 159 
HOH H2     H  N N 160 
LCC "O5'"  O  N N 161 
LCC "C5'"  C  N N 162 
LCC "C4'"  C  N R 163 
LCC "O4'"  O  N N 164 
LCC "C1'"  C  N R 165 
LCC N1     N  N N 166 
LCC C6     C  N N 167 
LCC C5     C  N N 168 
LCC C5M    C  N N 169 
LCC C4     C  N N 170 
LCC N4     N  N N 171 
LCC N3     N  N N 172 
LCC C2     C  N N 173 
LCC O2     O  N N 174 
LCC "C3'"  C  N S 175 
LCC "C2'"  C  N R 176 
LCC "O2'"  O  N N 177 
LCC "O3'"  O  N N 178 
LCC "C6'"  C  N N 179 
LCC P      P  N N 180 
LCC O1P    O  N N 181 
LCC O2P    O  N N 182 
LCC OXT    O  N N 183 
LCC "H5'1" H  N N 184 
LCC "H5'2" H  N N 185 
LCC "H1'"  H  N N 186 
LCC H6     H  N N 187 
LCC H5M1   H  N N 188 
LCC H5M2   H  N N 189 
LCC H5M3   H  N N 190 
LCC H41    H  N N 191 
LCC H42    H  N N 192 
LCC "H3'"  H  N N 193 
LCC "H2'1" H  N N 194 
LCC H3T    H  N N 195 
LCC "H6'1" H  N N 196 
LCC "H6'2" H  N N 197 
LCC H1P    H  N N 198 
LCC HXT    H  N N 199 
LCG P      P  N N 200 
LCG OP1    O  N N 201 
LCG "O5'"  O  N N 202 
LCG "C5'"  C  N N 203 
LCG "C3'"  C  N S 204 
LCG "C6'"  C  N N 205 
LCG N9     N  Y N 206 
LCG C8     C  Y N 207 
LCG C4     C  Y N 208 
LCG N7     N  Y N 209 
LCG C5     C  Y N 210 
LCG C6     C  N N 211 
LCG "C2'"  C  N R 212 
LCG O6     O  N N 213 
LCG "C4'"  C  N R 214 
LCG "C1'"  C  N R 215 
LCG C2     C  N N 216 
LCG N1     N  N N 217 
LCG "O4'"  O  N N 218 
LCG OP2    O  N N 219 
LCG N2     N  N N 220 
LCG N3     N  N N 221 
LCG "O2'"  O  N N 222 
LCG "O3'"  O  N N 223 
LCG OP3    O  N N 224 
LCG "H5'"  H  N N 225 
LCG "H5''" H  N N 226 
LCG "H3'"  H  N N 227 
LCG "H6'1" H  N N 228 
LCG "H6'2" H  N N 229 
LCG H8     H  N N 230 
LCG "H2'"  H  N N 231 
LCG "H1'"  H  N N 232 
LCG H1     H  N N 233 
LCG HOP2   H  N N 234 
LCG H21    H  N N 235 
LCG H22    H  N N 236 
LCG "HO3'" H  N N 237 
LCG HOP3   H  N N 238 
MG  MG     MG N N 239 
U   OP3    O  N N 240 
U   P      P  N N 241 
U   OP1    O  N N 242 
U   OP2    O  N N 243 
U   "O5'"  O  N N 244 
U   "C5'"  C  N N 245 
U   "C4'"  C  N R 246 
U   "O4'"  O  N N 247 
U   "C3'"  C  N S 248 
U   "O3'"  O  N N 249 
U   "C2'"  C  N R 250 
U   "O2'"  O  N N 251 
U   "C1'"  C  N R 252 
U   N1     N  N N 253 
U   C2     C  N N 254 
U   O2     O  N N 255 
U   N3     N  N N 256 
U   C4     C  N N 257 
U   O4     O  N N 258 
U   C5     C  N N 259 
U   C6     C  N N 260 
U   HOP3   H  N N 261 
U   HOP2   H  N N 262 
U   "H5'"  H  N N 263 
U   "H5''" H  N N 264 
U   "H4'"  H  N N 265 
U   "H3'"  H  N N 266 
U   "HO3'" H  N N 267 
U   "H2'"  H  N N 268 
U   "HO2'" H  N N 269 
U   "H1'"  H  N N 270 
U   H3     H  N N 271 
U   H5     H  N N 272 
U   H6     H  N N 273 
# 
loop_
_chem_comp_bond.comp_id 
_chem_comp_bond.atom_id_1 
_chem_comp_bond.atom_id_2 
_chem_comp_bond.value_order 
_chem_comp_bond.pdbx_aromatic_flag 
_chem_comp_bond.pdbx_stereo_config 
_chem_comp_bond.pdbx_ordinal 
8OS C14   C13    sing N N 1   
8OS O7    P1     doub N N 2   
8OS C13   N7     sing Y N 3   
8OS C13   C11    doub Y N 4   
8OS C10   C9     sing N N 5   
8OS C10   O5     sing N N 6   
8OS N7    C12    doub Y N 7   
8OS O4    C8     sing N N 8   
8OS P1    C11    sing N N 9   
8OS P1    O5     sing N N 10  
8OS P1    O6     sing N N 11  
8OS C11   N6     sing Y N 12  
8OS C9    C8     sing N N 13  
8OS C9    O2     sing N N 14  
8OS C8    C7     sing N N 15  
8OS C12   N6     sing Y N 16  
8OS O2    C6     sing N N 17  
8OS O3    C7     sing N N 18  
8OS C7    C6     sing N N 19  
8OS C6    N5     sing N N 20  
8OS C5    N5     sing Y N 21  
8OS C5    N4     doub Y N 22  
8OS N5    C3     sing Y N 23  
8OS N4    C4     sing Y N 24  
8OS C3    N3     sing N N 25  
8OS C3    C4     doub Y N 26  
8OS N3    C2     doub N N 27  
8OS C4    C1     sing N N 28  
8OS C2    N2     sing N N 29  
8OS C2    N1     sing N N 30  
8OS C1    N1     sing N N 31  
8OS C1    O1     doub N N 32  
8OS N1    H1     sing N N 33  
8OS N2    H2     sing N N 34  
8OS N2    H3     sing N N 35  
8OS C5    H4     sing N N 36  
8OS C6    H5     sing N N 37  
8OS C7    H6     sing N N 38  
8OS O3    H7     sing N N 39  
8OS C8    H8     sing N N 40  
8OS O4    H9     sing N N 41  
8OS C9    H10    sing N N 42  
8OS C10   H11    sing N N 43  
8OS C10   H12    sing N N 44  
8OS O6    H13    sing N N 45  
8OS N6    H14    sing N N 46  
8OS C12   H15    sing N N 47  
8OS C14   H17    sing N N 48  
8OS C14   H18    sing N N 49  
8OS C14   H19    sing N N 50  
A   OP3   P      sing N N 51  
A   OP3   HOP3   sing N N 52  
A   P     OP1    doub N N 53  
A   P     OP2    sing N N 54  
A   P     "O5'"  sing N N 55  
A   OP2   HOP2   sing N N 56  
A   "O5'" "C5'"  sing N N 57  
A   "C5'" "C4'"  sing N N 58  
A   "C5'" "H5'"  sing N N 59  
A   "C5'" "H5''" sing N N 60  
A   "C4'" "O4'"  sing N N 61  
A   "C4'" "C3'"  sing N N 62  
A   "C4'" "H4'"  sing N N 63  
A   "O4'" "C1'"  sing N N 64  
A   "C3'" "O3'"  sing N N 65  
A   "C3'" "C2'"  sing N N 66  
A   "C3'" "H3'"  sing N N 67  
A   "O3'" "HO3'" sing N N 68  
A   "C2'" "O2'"  sing N N 69  
A   "C2'" "C1'"  sing N N 70  
A   "C2'" "H2'"  sing N N 71  
A   "O2'" "HO2'" sing N N 72  
A   "C1'" N9     sing N N 73  
A   "C1'" "H1'"  sing N N 74  
A   N9    C8     sing Y N 75  
A   N9    C4     sing Y N 76  
A   C8    N7     doub Y N 77  
A   C8    H8     sing N N 78  
A   N7    C5     sing Y N 79  
A   C5    C6     sing Y N 80  
A   C5    C4     doub Y N 81  
A   C6    N6     sing N N 82  
A   C6    N1     doub Y N 83  
A   N6    H61    sing N N 84  
A   N6    H62    sing N N 85  
A   N1    C2     sing Y N 86  
A   C2    N3     doub Y N 87  
A   C2    H2     sing N N 88  
A   N3    C4     sing Y N 89  
C   OP3   P      sing N N 90  
C   OP3   HOP3   sing N N 91  
C   P     OP1    doub N N 92  
C   P     OP2    sing N N 93  
C   P     "O5'"  sing N N 94  
C   OP2   HOP2   sing N N 95  
C   "O5'" "C5'"  sing N N 96  
C   "C5'" "C4'"  sing N N 97  
C   "C5'" "H5'"  sing N N 98  
C   "C5'" "H5''" sing N N 99  
C   "C4'" "O4'"  sing N N 100 
C   "C4'" "C3'"  sing N N 101 
C   "C4'" "H4'"  sing N N 102 
C   "O4'" "C1'"  sing N N 103 
C   "C3'" "O3'"  sing N N 104 
C   "C3'" "C2'"  sing N N 105 
C   "C3'" "H3'"  sing N N 106 
C   "O3'" "HO3'" sing N N 107 
C   "C2'" "O2'"  sing N N 108 
C   "C2'" "C1'"  sing N N 109 
C   "C2'" "H2'"  sing N N 110 
C   "O2'" "HO2'" sing N N 111 
C   "C1'" N1     sing N N 112 
C   "C1'" "H1'"  sing N N 113 
C   N1    C2     sing N N 114 
C   N1    C6     sing N N 115 
C   C2    O2     doub N N 116 
C   C2    N3     sing N N 117 
C   N3    C4     doub N N 118 
C   C4    N4     sing N N 119 
C   C4    C5     sing N N 120 
C   N4    H41    sing N N 121 
C   N4    H42    sing N N 122 
C   C5    C6     doub N N 123 
C   C5    H5     sing N N 124 
C   C6    H6     sing N N 125 
G   OP3   P      sing N N 126 
G   OP3   HOP3   sing N N 127 
G   P     OP1    doub N N 128 
G   P     OP2    sing N N 129 
G   P     "O5'"  sing N N 130 
G   OP2   HOP2   sing N N 131 
G   "O5'" "C5'"  sing N N 132 
G   "C5'" "C4'"  sing N N 133 
G   "C5'" "H5'"  sing N N 134 
G   "C5'" "H5''" sing N N 135 
G   "C4'" "O4'"  sing N N 136 
G   "C4'" "C3'"  sing N N 137 
G   "C4'" "H4'"  sing N N 138 
G   "O4'" "C1'"  sing N N 139 
G   "C3'" "O3'"  sing N N 140 
G   "C3'" "C2'"  sing N N 141 
G   "C3'" "H3'"  sing N N 142 
G   "O3'" "HO3'" sing N N 143 
G   "C2'" "O2'"  sing N N 144 
G   "C2'" "C1'"  sing N N 145 
G   "C2'" "H2'"  sing N N 146 
G   "O2'" "HO2'" sing N N 147 
G   "C1'" N9     sing N N 148 
G   "C1'" "H1'"  sing N N 149 
G   N9    C8     sing Y N 150 
G   N9    C4     sing Y N 151 
G   C8    N7     doub Y N 152 
G   C8    H8     sing N N 153 
G   N7    C5     sing Y N 154 
G   C5    C6     sing N N 155 
G   C5    C4     doub Y N 156 
G   C6    O6     doub N N 157 
G   C6    N1     sing N N 158 
G   N1    C2     sing N N 159 
G   N1    H1     sing N N 160 
G   C2    N2     sing N N 161 
G   C2    N3     doub N N 162 
G   N2    H21    sing N N 163 
G   N2    H22    sing N N 164 
G   N3    C4     sing N N 165 
HOH O     H1     sing N N 166 
HOH O     H2     sing N N 167 
LCC "O5'" "C5'"  sing N N 168 
LCC "O5'" P      sing N N 169 
LCC "C5'" "C4'"  sing N N 170 
LCC "C5'" "H5'1" sing N N 171 
LCC "C5'" "H5'2" sing N N 172 
LCC "C4'" "O4'"  sing N N 173 
LCC "C4'" "C3'"  sing N N 174 
LCC "C4'" "C6'"  sing N N 175 
LCC "O4'" "C1'"  sing N N 176 
LCC "C1'" N1     sing N N 177 
LCC "C1'" "C2'"  sing N N 178 
LCC "C1'" "H1'"  sing N N 179 
LCC N1    C6     sing N N 180 
LCC N1    C2     sing N N 181 
LCC C6    C5     doub N N 182 
LCC C6    H6     sing N N 183 
LCC C5    C5M    sing N N 184 
LCC C5    C4     sing N N 185 
LCC C5M   H5M1   sing N N 186 
LCC C5M   H5M2   sing N N 187 
LCC C5M   H5M3   sing N N 188 
LCC C4    N4     sing N N 189 
LCC C4    N3     doub N N 190 
LCC N4    H41    sing N N 191 
LCC N4    H42    sing N N 192 
LCC N3    C2     sing N N 193 
LCC C2    O2     doub N N 194 
LCC "C3'" "C2'"  sing N N 195 
LCC "C3'" "O3'"  sing N N 196 
LCC "C3'" "H3'"  sing N N 197 
LCC "C2'" "O2'"  sing N N 198 
LCC "C2'" "H2'1" sing N N 199 
LCC "O2'" "C6'"  sing N N 200 
LCC "O3'" H3T    sing N N 201 
LCC "C6'" "H6'1" sing N N 202 
LCC "C6'" "H6'2" sing N N 203 
LCC P     O1P    sing N N 204 
LCC P     O2P    doub N N 205 
LCC P     OXT    sing N N 206 
LCC O1P   H1P    sing N N 207 
LCC OXT   HXT    sing N N 208 
LCG P     OP1    doub N N 209 
LCG P     "O5'"  sing N N 210 
LCG P     OP2    sing N N 211 
LCG P     OP3    sing N N 212 
LCG "O5'" "C5'"  sing N N 213 
LCG "C5'" "C4'"  sing N N 214 
LCG "C5'" "H5'"  sing N N 215 
LCG "C5'" "H5''" sing N N 216 
LCG "C3'" "C2'"  sing N N 217 
LCG "C3'" "C4'"  sing N N 218 
LCG "C3'" "O3'"  sing N N 219 
LCG "C3'" "H3'"  sing N N 220 
LCG "C6'" "C4'"  sing N N 221 
LCG "C6'" "O2'"  sing N N 222 
LCG "C6'" "H6'1" sing N N 223 
LCG "C6'" "H6'2" sing N N 224 
LCG N9    C8     sing Y N 225 
LCG N9    C4     sing Y N 226 
LCG N9    "C1'"  sing N N 227 
LCG C8    N7     doub Y N 228 
LCG C8    H8     sing N N 229 
LCG C4    C5     doub Y N 230 
LCG C4    N3     sing N N 231 
LCG N7    C5     sing Y N 232 
LCG C5    C6     sing N N 233 
LCG C6    O6     doub N N 234 
LCG C6    N1     sing N N 235 
LCG "C2'" "C1'"  sing N N 236 
LCG "C2'" "O2'"  sing N N 237 
LCG "C2'" "H2'"  sing N N 238 
LCG "C4'" "O4'"  sing N N 239 
LCG "C1'" "O4'"  sing N N 240 
LCG "C1'" "H1'"  sing N N 241 
LCG C2    N1     sing N N 242 
LCG C2    N2     sing N N 243 
LCG C2    N3     doub N N 244 
LCG N1    H1     sing N N 245 
LCG OP2   HOP2   sing N N 246 
LCG N2    H21    sing N N 247 
LCG N2    H22    sing N N 248 
LCG "O3'" "HO3'" sing N N 249 
LCG OP3   HOP3   sing N N 250 
U   OP3   P      sing N N 251 
U   OP3   HOP3   sing N N 252 
U   P     OP1    doub N N 253 
U   P     OP2    sing N N 254 
U   P     "O5'"  sing N N 255 
U   OP2   HOP2   sing N N 256 
U   "O5'" "C5'"  sing N N 257 
U   "C5'" "C4'"  sing N N 258 
U   "C5'" "H5'"  sing N N 259 
U   "C5'" "H5''" sing N N 260 
U   "C4'" "O4'"  sing N N 261 
U   "C4'" "C3'"  sing N N 262 
U   "C4'" "H4'"  sing N N 263 
U   "O4'" "C1'"  sing N N 264 
U   "C3'" "O3'"  sing N N 265 
U   "C3'" "C2'"  sing N N 266 
U   "C3'" "H3'"  sing N N 267 
U   "O3'" "HO3'" sing N N 268 
U   "C2'" "O2'"  sing N N 269 
U   "C2'" "C1'"  sing N N 270 
U   "C2'" "H2'"  sing N N 271 
U   "O2'" "HO2'" sing N N 272 
U   "C1'" N1     sing N N 273 
U   "C1'" "H1'"  sing N N 274 
U   N1    C2     sing N N 275 
U   N1    C6     sing N N 276 
U   C2    O2     doub N N 277 
U   C2    N3     sing N N 278 
U   N3    C4     sing N N 279 
U   N3    H3     sing N N 280 
U   C4    O4     doub N N 281 
U   C4    C5     sing N N 282 
U   C5    C6     doub N N 283 
U   C5    H5     sing N N 284 
U   C6    H6     sing N N 285 
# 
_ndb_struct_conf_na.entry_id   5V0H 
_ndb_struct_conf_na.feature    'a-form double helix' 
# 
loop_
_ndb_struct_na_base_pair.model_number 
_ndb_struct_na_base_pair.i_label_asym_id 
_ndb_struct_na_base_pair.i_label_comp_id 
_ndb_struct_na_base_pair.i_label_seq_id 
_ndb_struct_na_base_pair.i_symmetry 
_ndb_struct_na_base_pair.j_label_asym_id 
_ndb_struct_na_base_pair.j_label_comp_id 
_ndb_struct_na_base_pair.j_label_seq_id 
_ndb_struct_na_base_pair.j_symmetry 
_ndb_struct_na_base_pair.shear 
_ndb_struct_na_base_pair.stretch 
_ndb_struct_na_base_pair.stagger 
_ndb_struct_na_base_pair.buckle 
_ndb_struct_na_base_pair.propeller 
_ndb_struct_na_base_pair.opening 
_ndb_struct_na_base_pair.pair_number 
_ndb_struct_na_base_pair.pair_name 
_ndb_struct_na_base_pair.i_auth_asym_id 
_ndb_struct_na_base_pair.i_auth_seq_id 
_ndb_struct_na_base_pair.i_PDB_ins_code 
_ndb_struct_na_base_pair.j_auth_asym_id 
_ndb_struct_na_base_pair.j_auth_seq_id 
_ndb_struct_na_base_pair.j_PDB_ins_code 
_ndb_struct_na_base_pair.hbond_type_28 
_ndb_struct_na_base_pair.hbond_type_12 
1 A LCG 4  1_555 B C   13 1_555 -0.306 -0.252 0.010  -1.935  -15.342 -1.401 1  A_LCG4:C13_B A 4  ? B 13 ? 19 1 
1 A A   5  1_555 B U   12 1_555 0.030  -0.086 0.139  6.220   -15.330 -1.697 2  A_A5:U12_B   A 5  ? B 12 ? 20 1 
1 A C   6  1_555 B G   11 1_555 0.207  -0.185 -0.251 12.045  -19.355 -0.831 3  A_C6:G11_B   A 6  ? B 11 ? 19 1 
1 A U   7  1_555 B A   10 1_555 0.007  -0.180 -0.029 4.724   -18.012 3.285  4  A_U7:A10_B   A 7  ? B 10 ? 20 1 
1 A U   8  1_555 B A   9  1_555 0.042  -0.155 -0.031 2.740   -13.932 5.652  5  A_U8:A9_B    A 8  ? B 9  ? 20 1 
1 A A   9  1_555 B U   8  1_555 0.034  -0.097 0.210  -2.311  -17.870 3.584  6  A_A9:U8_B    A 9  ? B 8  ? 20 1 
1 A A   10 1_555 B U   7  1_555 0.037  -0.129 0.115  -1.920  -16.085 3.367  7  A_A10:U7_B   A 10 ? B 7  ? 20 1 
1 A G   11 1_555 B C   6  1_555 -0.319 -0.174 -0.217 -11.013 -22.476 0.909  8  A_G11:C6_B   A 11 ? B 6  ? 19 1 
1 A U   12 1_555 B A   5  1_555 0.109  -0.197 0.177  -7.776  -16.136 -0.269 9  A_U12:A5_B   A 12 ? B 5  ? 20 1 
1 A C   13 1_555 B LCG 4  1_555 0.446  -0.178 0.157  1.637   -16.307 -0.661 10 A_C13:LCG4_B A 13 ? B 4  ? 19 1 
# 
loop_
_ndb_struct_na_base_pair_step.model_number 
_ndb_struct_na_base_pair_step.i_label_asym_id_1 
_ndb_struct_na_base_pair_step.i_label_comp_id_1 
_ndb_struct_na_base_pair_step.i_label_seq_id_1 
_ndb_struct_na_base_pair_step.i_symmetry_1 
_ndb_struct_na_base_pair_step.j_label_asym_id_1 
_ndb_struct_na_base_pair_step.j_label_comp_id_1 
_ndb_struct_na_base_pair_step.j_label_seq_id_1 
_ndb_struct_na_base_pair_step.j_symmetry_1 
_ndb_struct_na_base_pair_step.i_label_asym_id_2 
_ndb_struct_na_base_pair_step.i_label_comp_id_2 
_ndb_struct_na_base_pair_step.i_label_seq_id_2 
_ndb_struct_na_base_pair_step.i_symmetry_2 
_ndb_struct_na_base_pair_step.j_label_asym_id_2 
_ndb_struct_na_base_pair_step.j_label_comp_id_2 
_ndb_struct_na_base_pair_step.j_label_seq_id_2 
_ndb_struct_na_base_pair_step.j_symmetry_2 
_ndb_struct_na_base_pair_step.shift 
_ndb_struct_na_base_pair_step.slide 
_ndb_struct_na_base_pair_step.rise 
_ndb_struct_na_base_pair_step.tilt 
_ndb_struct_na_base_pair_step.roll 
_ndb_struct_na_base_pair_step.twist 
_ndb_struct_na_base_pair_step.x_displacement 
_ndb_struct_na_base_pair_step.y_displacement 
_ndb_struct_na_base_pair_step.helical_rise 
_ndb_struct_na_base_pair_step.inclination 
_ndb_struct_na_base_pair_step.tip 
_ndb_struct_na_base_pair_step.helical_twist 
_ndb_struct_na_base_pair_step.step_number 
_ndb_struct_na_base_pair_step.step_name 
_ndb_struct_na_base_pair_step.i_auth_asym_id_1 
_ndb_struct_na_base_pair_step.i_auth_seq_id_1 
_ndb_struct_na_base_pair_step.i_PDB_ins_code_1 
_ndb_struct_na_base_pair_step.j_auth_asym_id_1 
_ndb_struct_na_base_pair_step.j_auth_seq_id_1 
_ndb_struct_na_base_pair_step.j_PDB_ins_code_1 
_ndb_struct_na_base_pair_step.i_auth_asym_id_2 
_ndb_struct_na_base_pair_step.i_auth_seq_id_2 
_ndb_struct_na_base_pair_step.i_PDB_ins_code_2 
_ndb_struct_na_base_pair_step.j_auth_asym_id_2 
_ndb_struct_na_base_pair_step.j_auth_seq_id_2 
_ndb_struct_na_base_pair_step.j_PDB_ins_code_2 
1 A LCG 4  1_555 B C 13 1_555 A A 5  1_555 B U   12 1_555 0.006  -1.156 3.062 -0.693 3.303  32.482 -2.583 -0.122 2.932 5.886  
1.235  32.652 1 AA_LCG4A5:U12C13_BB A 4  ? B 13 ? A 5  ? B 12 ? 
1 A A   5  1_555 B U 12 1_555 A C 6  1_555 B G   11 1_555 -0.030 -1.470 3.118 1.199  2.873  31.695 -3.168 0.259  2.973 5.244  
-2.189 31.843 2 AA_A5C6:G11U12_BB   A 5  ? B 12 ? A 6  ? B 11 ? 
1 A C   6  1_555 B G 11 1_555 A U 7  1_555 B A   10 1_555 0.018  -1.567 3.373 -3.063 12.421 31.646 -4.544 -0.492 2.581 21.700 
5.350  34.073 3 AA_C6U7:A10G11_BB   A 6  ? B 11 ? A 7  ? B 10 ? 
1 A U   7  1_555 B A 10 1_555 A U 8  1_555 B A   9  1_555 -0.212 -1.094 3.315 -1.531 10.060 30.292 -3.750 0.118  2.823 18.603 
2.831  31.917 4 AA_U7U8:A9A10_BB    A 7  ? B 10 ? A 8  ? B 9  ? 
1 A U   8  1_555 B A 9  1_555 A A 9  1_555 B U   8  1_555 0.334  -1.432 3.142 -0.143 18.378 31.328 -4.504 -0.555 2.021 30.927 
0.240  36.204 5 AA_U8A9:U8A9_BB     A 8  ? B 9  ? A 9  ? B 8  ? 
1 A A   9  1_555 B U 8  1_555 A A 10 1_555 B U   7  1_555 -0.529 -1.444 3.205 0.326  5.638  30.687 -3.694 1.041  2.894 10.541 
-0.609 31.190 6 AA_A9A10:U7U8_BB    A 9  ? B 8  ? A 10 ? B 7  ? 
1 A A   10 1_555 B U 7  1_555 A G 11 1_555 B C   6  1_555 0.074  -1.392 3.419 3.001  10.309 31.566 -4.117 0.363  2.833 18.300 
-5.327 33.298 7 AA_A10G11:C6U7_BB   A 10 ? B 7  ? A 11 ? B 6  ? 
1 A G   11 1_555 B C 6  1_555 A U 12 1_555 B A   5  1_555 -0.072 -1.270 3.169 -1.786 4.619  34.595 -2.775 -0.135 2.980 7.719  
2.985  34.937 8 AA_G11U12:A5C6_BB   A 11 ? B 6  ? A 12 ? B 5  ? 
1 A U   12 1_555 B A 5  1_555 A C 13 1_555 B LCG 4  1_555 0.204  -1.290 3.001 0.677  5.314  32.458 -3.085 -0.257 2.764 9.426  
-1.201 32.885 9 AA_U12C13:LCG4A5_BB A 12 ? B 5  ? A 13 ? B 4  ? 
# 
_pdbx_audit_support.funding_organization   'National Science Foundation (NSF, United States)' 
_pdbx_audit_support.country                'United States' 
_pdbx_audit_support.grant_number           ? 
_pdbx_audit_support.ordinal                1 
# 
loop_
_pdbx_entity_nonpoly.entity_id 
_pdbx_entity_nonpoly.name 
_pdbx_entity_nonpoly.comp_id 
2 "5'-O-[(S)-hydroxy(4-methyl-1H-imidazol-5-yl)phosphoryl]guanosine" 8OS 
3 'MAGNESIUM ION'                                                    MG  
4 water                                                              HOH 
# 
_pdbx_initial_refinement_model.id               1 
_pdbx_initial_refinement_model.entity_id_list   ? 
_pdbx_initial_refinement_model.type             'experimental model' 
_pdbx_initial_refinement_model.source_name      PDB 
_pdbx_initial_refinement_model.accession_code   5HBX 
_pdbx_initial_refinement_model.details          ? 
# 
